data_9UFA
#
_entry.id   9UFA
#
_cell.length_a   1.00
_cell.length_b   1.00
_cell.length_c   1.00
_cell.angle_alpha   90.00
_cell.angle_beta   90.00
_cell.angle_gamma   90.00
#
_symmetry.space_group_name_H-M   'P 1'
#
loop_
_entity.id
_entity.type
_entity.pdbx_description
1 polymer Alpha-hemolysin
2 non-polymer PHOSPHOCHOLINE
#
_entity_poly.entity_id   1
_entity_poly.type   'polypeptide(L)'
_entity_poly.pdbx_seq_one_letter_code
;ADSDINIKTGTTDIGSNTTVKTGDLVTYDKENGMHKKVFYSFIDDKNHNKKLLVIRTKGTIAGQYRVYSEEGANKSGLAW
PSAFKVQLQLPDNEVAQISDYYPRNSIDTKEYMSTLTYGFNGNVTGDDTGKIGGLIGANVSIGHTLKYVQPDFKTILESP
TDKKVGWKVIFNNMVNQNWGPYDRDSWNPVYGNQLFMKTRNGSMKAADNFLDPNKASSLLSSGFSPDFATVITMDRKASK
QQTNIDVIYERVRDDYQLHWTSTNWKGTNTKDKWTDRSSERYKIDWEKEEMTN
;
_entity_poly.pdbx_strand_id   G,A,B,C,D,E,F
#
loop_
_chem_comp.id
_chem_comp.type
_chem_comp.name
_chem_comp.formula
PC non-polymer PHOSPHOCHOLINE 'C5 H15 N O4 P 1'
#
# COMPACT_ATOMS: atom_id res chain seq x y z
N ALA A 1 -7.64 16.95 12.44
CA ALA A 1 -6.24 16.96 12.84
C ALA A 1 -5.93 18.18 13.70
N ASP A 2 -5.49 17.93 14.94
CA ASP A 2 -5.16 19.02 15.84
C ASP A 2 -3.91 19.77 15.39
N SER A 3 -2.94 19.06 14.80
CA SER A 3 -1.69 19.67 14.38
C SER A 3 -1.82 20.51 13.12
N ASP A 4 -2.95 20.42 12.40
CA ASP A 4 -3.13 21.19 11.19
C ASP A 4 -3.62 22.61 11.45
N ILE A 5 -4.02 22.91 12.67
CA ILE A 5 -4.40 24.26 13.07
C ILE A 5 -3.28 24.96 13.82
N ASN A 6 -2.08 24.37 13.83
CA ASN A 6 -0.86 24.82 14.49
C ASN A 6 -0.94 24.66 16.00
N ILE A 7 -1.98 24.03 16.52
CA ILE A 7 -2.06 23.72 17.94
C ILE A 7 -1.25 22.46 18.22
N LYS A 8 -0.56 22.44 19.35
CA LYS A 8 0.18 21.25 19.75
C LYS A 8 -0.76 20.07 19.89
N THR A 9 -0.34 18.93 19.35
CA THR A 9 -1.21 17.75 19.32
C THR A 9 -1.56 17.28 20.73
N GLY A 10 -2.82 16.93 20.92
CA GLY A 10 -3.31 16.46 22.20
C GLY A 10 -3.64 17.54 23.21
N THR A 11 -3.46 18.82 22.85
CA THR A 11 -3.72 19.89 23.80
C THR A 11 -5.19 20.01 24.15
N THR A 12 -6.06 19.87 23.15
CA THR A 12 -7.50 20.09 23.34
C THR A 12 -8.23 18.87 23.88
N ASP A 13 -7.56 17.73 24.00
CA ASP A 13 -8.21 16.53 24.53
C ASP A 13 -8.45 16.68 26.03
N ILE A 14 -9.32 15.82 26.55
CA ILE A 14 -9.74 15.88 27.94
C ILE A 14 -9.39 14.55 28.62
N GLY A 15 -8.90 14.64 29.85
CA GLY A 15 -8.53 13.46 30.60
C GLY A 15 -7.16 13.58 31.24
N SER A 16 -6.55 14.76 31.12
CA SER A 16 -5.21 14.98 31.65
C SER A 16 -5.24 15.13 33.17
N ASN A 17 -4.22 14.59 33.82
CA ASN A 17 -4.01 14.69 35.27
C ASN A 17 -5.31 14.49 36.05
N THR A 18 -5.94 13.34 35.82
CA THR A 18 -7.16 12.99 36.54
C THR A 18 -7.23 11.47 36.66
N THR A 19 -8.02 11.00 37.62
CA THR A 19 -8.24 9.58 37.83
C THR A 19 -9.64 9.21 37.34
N VAL A 20 -9.71 8.21 36.47
CA VAL A 20 -10.97 7.71 35.94
C VAL A 20 -11.30 6.39 36.63
N LYS A 21 -12.52 6.25 37.10
CA LYS A 21 -12.98 5.03 37.75
C LYS A 21 -13.78 4.22 36.74
N THR A 22 -13.14 3.19 36.19
CA THR A 22 -13.75 2.34 35.19
C THR A 22 -14.65 1.31 35.87
N GLY A 23 -15.18 0.38 35.09
CA GLY A 23 -16.05 -0.64 35.64
C GLY A 23 -16.44 -1.64 34.57
N ASP A 24 -17.28 -2.58 34.97
CA ASP A 24 -17.68 -3.66 34.07
C ASP A 24 -18.92 -4.34 34.63
N LEU A 25 -19.88 -4.62 33.75
CA LEU A 25 -21.09 -5.34 34.13
C LEU A 25 -21.40 -6.34 33.03
N VAL A 26 -21.51 -7.61 33.41
CA VAL A 26 -21.70 -8.71 32.46
C VAL A 26 -22.97 -9.46 32.81
N THR A 27 -23.81 -9.70 31.81
CA THR A 27 -25.05 -10.44 31.99
C THR A 27 -25.34 -11.24 30.72
N TYR A 28 -25.89 -12.43 30.90
CA TYR A 28 -26.20 -13.32 29.79
C TYR A 28 -27.70 -13.60 29.77
N ASP A 29 -28.31 -13.48 28.59
CA ASP A 29 -29.74 -13.70 28.40
C ASP A 29 -29.90 -15.06 27.72
N LYS A 30 -30.21 -16.08 28.54
CA LYS A 30 -30.32 -17.44 28.01
C LYS A 30 -31.44 -17.56 26.99
N GLU A 31 -32.56 -16.87 27.22
CA GLU A 31 -33.71 -16.99 26.32
C GLU A 31 -33.38 -16.47 24.93
N ASN A 32 -32.67 -15.34 24.85
CA ASN A 32 -32.35 -14.72 23.56
C ASN A 32 -30.92 -14.99 23.09
N GLY A 33 -30.07 -15.59 23.93
CA GLY A 33 -28.71 -15.88 23.53
C GLY A 33 -27.88 -14.64 23.25
N MET A 34 -27.96 -13.66 24.14
CA MET A 34 -27.22 -12.41 24.00
C MET A 34 -26.33 -12.21 25.22
N HIS A 35 -25.02 -12.33 25.03
CA HIS A 35 -24.05 -12.10 26.10
C HIS A 35 -23.68 -10.62 26.10
N LYS A 36 -24.52 -9.84 26.78
CA LYS A 36 -24.36 -8.39 26.80
C LYS A 36 -23.40 -7.97 27.90
N LYS A 37 -22.60 -6.95 27.61
CA LYS A 37 -21.64 -6.40 28.56
C LYS A 37 -21.43 -4.92 28.25
N VAL A 38 -21.29 -4.11 29.30
CA VAL A 38 -21.02 -2.69 29.16
C VAL A 38 -19.78 -2.34 29.98
N PHE A 39 -18.95 -1.46 29.44
CA PHE A 39 -17.71 -1.02 30.08
C PHE A 39 -17.77 0.50 30.23
N TYR A 40 -17.95 0.97 31.45
CA TYR A 40 -18.09 2.39 31.71
C TYR A 40 -16.80 2.99 32.25
N SER A 41 -16.72 4.31 32.21
CA SER A 41 -15.55 5.04 32.69
C SER A 41 -15.99 6.44 33.09
N PHE A 42 -15.86 6.77 34.37
CA PHE A 42 -16.24 8.08 34.89
C PHE A 42 -15.06 9.03 34.82
N ILE A 43 -15.17 10.07 34.02
CA ILE A 43 -14.14 11.10 33.88
C ILE A 43 -14.71 12.41 34.39
N ASP A 44 -14.05 13.01 35.38
CA ASP A 44 -14.43 14.32 35.89
C ASP A 44 -13.19 15.21 35.86
N ASP A 45 -12.98 15.88 34.73
CA ASP A 45 -11.86 16.79 34.57
C ASP A 45 -12.26 18.17 35.09
N LYS A 46 -11.45 18.71 36.00
CA LYS A 46 -11.77 20.03 36.59
C LYS A 46 -11.78 21.10 35.48
N ASN A 47 -10.84 21.01 34.53
CA ASN A 47 -10.78 21.98 33.45
C ASN A 47 -11.92 21.82 32.45
N HIS A 48 -12.67 20.73 32.51
CA HIS A 48 -13.81 20.53 31.63
C HIS A 48 -15.05 21.23 32.20
N ASN A 49 -16.15 21.13 31.47
CA ASN A 49 -17.40 21.82 31.81
C ASN A 49 -18.43 20.92 32.48
N LYS A 50 -18.46 19.64 32.14
CA LYS A 50 -19.46 18.71 32.66
C LYS A 50 -18.79 17.41 33.05
N LYS A 51 -19.45 16.68 33.94
CA LYS A 51 -19.01 15.32 34.26
C LYS A 51 -19.23 14.42 33.06
N LEU A 52 -18.31 13.48 32.86
CA LEU A 52 -18.36 12.62 31.69
C LEU A 52 -18.51 11.16 32.10
N LEU A 53 -19.06 10.37 31.17
CA LEU A 53 -19.23 8.93 31.36
C LEU A 53 -19.31 8.31 29.97
N VAL A 54 -18.31 7.52 29.62
CA VAL A 54 -18.28 6.84 28.32
C VAL A 54 -18.67 5.40 28.55
N ILE A 55 -19.62 4.92 27.74
CA ILE A 55 -20.19 3.59 27.88
C ILE A 55 -19.90 2.83 26.59
N ARG A 56 -19.27 1.66 26.73
CA ARG A 56 -18.92 0.81 25.59
C ARG A 56 -19.69 -0.49 25.71
N THR A 57 -20.72 -0.65 24.89
CA THR A 57 -21.57 -1.84 24.91
C THR A 57 -20.94 -2.90 24.02
N LYS A 58 -19.88 -3.52 24.54
CA LYS A 58 -19.15 -4.54 23.79
C LYS A 58 -20.04 -5.75 23.53
N GLY A 59 -20.36 -6.51 24.58
CA GLY A 59 -21.30 -7.60 24.48
C GLY A 59 -21.05 -8.61 23.38
N THR A 60 -22.08 -9.38 23.04
CA THR A 60 -22.09 -10.31 21.90
C THR A 60 -23.52 -10.78 21.67
N ILE A 61 -23.92 -10.84 20.40
CA ILE A 61 -25.25 -11.30 20.01
C ILE A 61 -25.08 -12.53 19.13
N ALA A 62 -25.79 -13.60 19.47
CA ALA A 62 -25.68 -14.84 18.72
C ALA A 62 -26.35 -14.71 17.34
N GLY A 63 -26.06 -15.67 16.47
CA GLY A 63 -26.60 -15.66 15.13
C GLY A 63 -27.94 -16.33 14.98
N GLN A 64 -28.07 -17.53 15.56
CA GLN A 64 -29.31 -18.32 15.49
C GLN A 64 -29.69 -18.62 14.04
N TYR A 65 -28.81 -19.38 13.37
CA TYR A 65 -28.98 -19.79 11.98
C TYR A 65 -29.27 -21.29 11.98
N ARG A 66 -30.53 -21.65 11.79
CA ARG A 66 -30.92 -23.05 11.87
C ARG A 66 -32.25 -23.26 11.13
N VAL A 67 -32.53 -24.51 10.82
CA VAL A 67 -33.77 -24.90 10.15
C VAL A 67 -34.84 -25.11 11.22
N TYR A 68 -35.89 -24.29 11.18
CA TYR A 68 -36.90 -24.36 12.23
C TYR A 68 -37.99 -25.38 11.92
N SER A 69 -38.40 -25.49 10.66
CA SER A 69 -39.51 -26.38 10.31
C SER A 69 -39.18 -27.18 9.06
N GLU A 70 -39.61 -28.44 9.05
CA GLU A 70 -39.54 -29.29 7.87
C GLU A 70 -40.85 -30.04 7.72
N GLU A 71 -41.33 -30.16 6.49
CA GLU A 71 -42.59 -30.83 6.18
C GLU A 71 -42.29 -31.87 5.10
N GLY A 72 -41.85 -33.06 5.53
CA GLY A 72 -41.47 -34.06 4.56
C GLY A 72 -40.24 -33.62 3.78
N ALA A 73 -40.10 -34.21 2.60
CA ALA A 73 -39.04 -33.86 1.68
C ALA A 73 -39.44 -32.79 0.67
N ASN A 74 -40.69 -32.32 0.74
CA ASN A 74 -41.17 -31.37 -0.27
C ASN A 74 -40.76 -29.93 0.06
N LYS A 75 -40.77 -29.54 1.33
CA LYS A 75 -40.48 -28.16 1.69
C LYS A 75 -39.93 -28.10 3.11
N SER A 76 -39.19 -27.02 3.38
CA SER A 76 -38.61 -26.78 4.70
C SER A 76 -38.27 -25.30 4.81
N GLY A 77 -38.10 -24.84 6.05
CA GLY A 77 -37.82 -23.45 6.34
C GLY A 77 -36.42 -23.24 6.90
N LEU A 78 -36.13 -21.95 7.14
CA LEU A 78 -34.83 -21.55 7.67
C LEU A 78 -34.97 -20.15 8.28
N ALA A 79 -34.41 -19.97 9.47
CA ALA A 79 -34.39 -18.68 10.14
C ALA A 79 -32.95 -18.21 10.25
N TRP A 80 -32.68 -17.03 9.72
CA TRP A 80 -31.33 -16.47 9.70
C TRP A 80 -31.36 -15.03 10.17
N PRO A 81 -30.29 -14.54 10.80
CA PRO A 81 -30.29 -13.18 11.36
C PRO A 81 -30.17 -12.13 10.28
N SER A 82 -31.26 -11.39 10.05
CA SER A 82 -31.25 -10.37 9.03
C SER A 82 -30.52 -9.11 9.49
N ALA A 83 -30.62 -8.77 10.77
CA ALA A 83 -30.03 -7.53 11.25
C ALA A 83 -29.81 -7.62 12.76
N PHE A 84 -28.73 -6.99 13.21
CA PHE A 84 -28.42 -6.85 14.62
C PHE A 84 -28.51 -5.38 15.01
N LYS A 85 -29.11 -5.11 16.17
CA LYS A 85 -29.28 -3.75 16.65
C LYS A 85 -28.91 -3.65 18.11
N VAL A 86 -28.40 -2.49 18.51
CA VAL A 86 -28.11 -2.19 19.91
C VAL A 86 -28.27 -0.69 20.10
N GLN A 87 -29.08 -0.29 21.07
CA GLN A 87 -29.43 1.11 21.27
C GLN A 87 -29.51 1.44 22.75
N LEU A 88 -29.16 2.68 23.09
CA LEU A 88 -29.23 3.18 24.45
C LEU A 88 -30.25 4.30 24.51
N GLN A 89 -30.99 4.39 25.60
CA GLN A 89 -32.02 5.40 25.76
C GLN A 89 -31.99 5.96 27.16
N LEU A 90 -32.44 7.22 27.30
CA LEU A 90 -32.57 7.91 28.57
C LEU A 90 -34.02 8.32 28.79
N PRO A 91 -34.47 8.36 30.04
CA PRO A 91 -35.83 8.82 30.31
C PRO A 91 -36.05 10.26 29.87
N ASP A 92 -37.29 10.56 29.49
CA ASP A 92 -37.60 11.89 28.99
C ASP A 92 -37.40 12.96 30.05
N ASN A 93 -37.59 12.62 31.32
CA ASN A 93 -37.45 13.57 32.41
C ASN A 93 -36.03 13.70 32.92
N GLU A 94 -35.08 12.98 32.33
CA GLU A 94 -33.71 12.98 32.81
C GLU A 94 -33.03 14.31 32.46
N VAL A 95 -31.95 14.59 33.18
CA VAL A 95 -31.19 15.82 32.98
C VAL A 95 -29.89 15.60 32.21
N ALA A 96 -29.36 14.37 32.19
CA ALA A 96 -28.15 14.09 31.43
C ALA A 96 -28.46 14.10 29.93
N GLN A 97 -27.39 14.16 29.12
CA GLN A 97 -27.53 14.25 27.68
C GLN A 97 -26.48 13.37 27.00
N ILE A 98 -26.79 12.96 25.79
CA ILE A 98 -25.87 12.20 24.95
C ILE A 98 -25.05 13.17 24.13
N SER A 99 -23.72 13.07 24.22
CA SER A 99 -22.82 14.01 23.57
C SER A 99 -22.20 13.44 22.29
N ASP A 100 -21.47 12.33 22.39
CA ASP A 100 -20.73 11.82 21.24
C ASP A 100 -20.92 10.30 21.13
N TYR A 101 -20.48 9.77 19.99
CA TYR A 101 -20.63 8.37 19.64
C TYR A 101 -19.63 8.06 18.52
N TYR A 102 -18.71 7.11 18.75
CA TYR A 102 -17.61 6.95 17.81
C TYR A 102 -18.07 6.41 16.45
N PRO A 103 -18.62 5.20 16.34
CA PRO A 103 -18.93 4.69 15.01
C PRO A 103 -20.07 5.49 14.37
N ARG A 104 -19.75 6.16 13.27
CA ARG A 104 -20.66 7.09 12.62
C ARG A 104 -20.65 6.84 11.12
N ASN A 105 -21.71 7.30 10.46
CA ASN A 105 -21.85 7.13 9.02
C ASN A 105 -20.69 7.81 8.29
N SER A 106 -20.15 7.12 7.29
CA SER A 106 -19.03 7.62 6.52
C SER A 106 -19.37 7.57 5.03
N ILE A 107 -18.85 8.55 4.30
CA ILE A 107 -19.07 8.60 2.86
C ILE A 107 -18.26 7.52 2.17
N ASP A 108 -18.85 6.87 1.19
CA ASP A 108 -18.21 5.79 0.46
C ASP A 108 -17.94 6.21 -0.99
N THR A 109 -16.80 5.78 -1.51
CA THR A 109 -16.31 6.20 -2.82
C THR A 109 -16.44 5.06 -3.81
N LYS A 110 -16.11 5.36 -5.07
CA LYS A 110 -16.13 4.38 -6.14
C LYS A 110 -15.13 4.79 -7.21
N GLU A 111 -14.52 3.81 -7.85
CA GLU A 111 -13.64 4.08 -8.97
C GLU A 111 -14.46 4.27 -10.25
N TYR A 112 -13.82 4.86 -11.24
CA TYR A 112 -14.44 5.04 -12.56
C TYR A 112 -13.33 5.12 -13.59
N MET A 113 -13.59 4.56 -14.78
CA MET A 113 -12.56 4.47 -15.80
C MET A 113 -13.21 4.57 -17.17
N SER A 114 -12.68 5.47 -17.99
CA SER A 114 -13.15 5.67 -19.37
C SER A 114 -12.04 5.29 -20.33
N THR A 115 -12.39 4.52 -21.35
CA THR A 115 -11.43 4.02 -22.32
C THR A 115 -11.88 4.38 -23.73
N LEU A 116 -10.90 4.66 -24.59
CA LEU A 116 -11.15 4.96 -25.99
C LEU A 116 -10.04 4.31 -26.81
N THR A 117 -10.42 3.64 -27.89
CA THR A 117 -9.44 2.91 -28.71
C THR A 117 -9.72 3.14 -30.19
N TYR A 118 -8.68 3.49 -30.93
CA TYR A 118 -8.72 3.56 -32.38
C TYR A 118 -7.93 2.39 -32.98
N GLY A 119 -8.36 1.94 -34.15
CA GLY A 119 -7.71 0.81 -34.79
C GLY A 119 -7.63 0.99 -36.29
N PHE A 120 -6.71 0.24 -36.88
CA PHE A 120 -6.54 0.19 -38.33
C PHE A 120 -6.14 -1.22 -38.70
N ASN A 121 -6.45 -1.63 -39.92
CA ASN A 121 -6.21 -3.01 -40.33
C ASN A 121 -6.05 -3.05 -41.84
N GLY A 122 -5.25 -4.01 -42.30
CA GLY A 122 -5.05 -4.23 -43.72
C GLY A 122 -4.32 -5.51 -44.02
N ASN A 123 -4.86 -6.33 -44.92
CA ASN A 123 -4.24 -7.59 -45.28
C ASN A 123 -4.30 -7.79 -46.80
N VAL A 124 -3.37 -8.60 -47.30
CA VAL A 124 -3.30 -8.96 -48.71
C VAL A 124 -3.41 -10.47 -48.81
N THR A 125 -4.36 -10.95 -49.61
CA THR A 125 -4.62 -12.37 -49.77
C THR A 125 -4.33 -12.80 -51.21
N GLY A 126 -3.66 -13.94 -51.37
CA GLY A 126 -3.39 -14.47 -52.68
C GLY A 126 -3.45 -15.99 -52.67
N ASP A 127 -3.64 -16.56 -53.86
CA ASP A 127 -3.75 -18.00 -54.02
C ASP A 127 -2.87 -18.46 -55.18
N ASP A 128 -2.93 -19.76 -55.47
CA ASP A 128 -2.10 -20.34 -56.52
C ASP A 128 -2.47 -19.79 -57.89
N THR A 129 -3.76 -19.60 -58.16
CA THR A 129 -4.21 -19.20 -59.49
C THR A 129 -3.89 -17.75 -59.83
N GLY A 130 -3.19 -17.03 -58.96
CA GLY A 130 -2.80 -15.66 -59.25
C GLY A 130 -3.78 -14.60 -58.80
N LYS A 131 -4.93 -14.99 -58.23
CA LYS A 131 -5.87 -14.00 -57.72
C LYS A 131 -5.25 -13.23 -56.56
N ILE A 132 -5.43 -11.92 -56.55
CA ILE A 132 -4.90 -11.04 -55.52
C ILE A 132 -6.05 -10.21 -54.96
N GLY A 133 -6.17 -10.17 -53.63
CA GLY A 133 -7.22 -9.41 -52.99
C GLY A 133 -6.66 -8.50 -51.91
N GLY A 134 -7.47 -7.52 -51.54
CA GLY A 134 -7.09 -6.56 -50.53
C GLY A 134 -8.21 -6.31 -49.54
N LEU A 135 -7.86 -5.63 -48.45
CA LEU A 135 -8.81 -5.28 -47.40
C LEU A 135 -8.24 -4.20 -46.51
N ILE A 136 -8.97 -3.11 -46.31
CA ILE A 136 -8.57 -2.02 -45.42
C ILE A 136 -9.72 -1.75 -44.48
N GLY A 137 -9.42 -1.71 -43.17
CA GLY A 137 -10.46 -1.54 -42.17
C GLY A 137 -10.01 -0.69 -41.00
N ALA A 138 -10.99 -0.26 -40.22
CA ALA A 138 -10.75 0.55 -39.03
C ALA A 138 -11.88 0.29 -38.05
N ASN A 139 -11.64 0.63 -36.78
CA ASN A 139 -12.64 0.43 -35.75
C ASN A 139 -12.42 1.43 -34.62
N VAL A 140 -13.48 1.63 -33.84
CA VAL A 140 -13.43 2.48 -32.65
C VAL A 140 -14.09 1.69 -31.50
N SER A 141 -13.72 2.07 -30.28
CA SER A 141 -14.29 1.42 -29.10
C SER A 141 -14.32 2.41 -27.95
N ILE A 142 -15.44 2.42 -27.22
CA ILE A 142 -15.61 3.25 -26.04
C ILE A 142 -16.03 2.35 -24.89
N GLY A 143 -15.35 2.48 -23.75
CA GLY A 143 -15.64 1.64 -22.60
C GLY A 143 -15.74 2.39 -21.29
N HIS A 144 -16.69 2.01 -20.44
CA HIS A 144 -16.86 2.58 -19.12
C HIS A 144 -16.75 1.48 -18.08
N THR A 145 -15.87 1.68 -17.10
CA THR A 145 -15.66 0.70 -16.04
C THR A 145 -15.84 1.38 -14.70
N LEU A 146 -16.59 0.73 -13.80
CA LEU A 146 -16.88 1.28 -12.49
C LEU A 146 -16.79 0.15 -11.47
N LYS A 147 -15.94 0.32 -10.47
CA LYS A 147 -15.72 -0.72 -9.47
C LYS A 147 -15.78 -0.13 -8.06
N TYR A 148 -16.26 -0.95 -7.12
CA TYR A 148 -16.43 -0.54 -5.74
C TYR A 148 -16.42 -1.79 -4.86
N VAL A 149 -16.26 -1.56 -3.56
CA VAL A 149 -16.19 -2.63 -2.57
C VAL A 149 -17.45 -2.59 -1.71
N GLN A 150 -18.09 -3.74 -1.53
CA GLN A 150 -19.33 -3.86 -0.78
C GLN A 150 -19.21 -4.96 0.26
N PRO A 151 -19.37 -4.65 1.54
CA PRO A 151 -19.25 -5.69 2.57
C PRO A 151 -20.50 -6.55 2.66
N ASP A 152 -20.37 -7.68 3.36
CA ASP A 152 -21.51 -8.56 3.59
C ASP A 152 -22.52 -7.91 4.53
N PHE A 153 -22.05 -7.35 5.64
CA PHE A 153 -22.89 -6.66 6.59
C PHE A 153 -22.47 -5.20 6.67
N LYS A 154 -23.44 -4.30 6.79
CA LYS A 154 -23.20 -2.87 6.75
C LYS A 154 -23.68 -2.25 8.06
N THR A 155 -22.76 -1.66 8.81
CA THR A 155 -23.10 -0.99 10.06
C THR A 155 -23.60 0.42 9.80
N ILE A 156 -24.67 0.80 10.48
CA ILE A 156 -25.29 2.11 10.31
C ILE A 156 -25.56 2.71 11.68
N LEU A 157 -25.44 4.03 11.77
CA LEU A 157 -25.75 4.79 12.98
C LEU A 157 -27.09 5.47 12.77
N GLU A 158 -28.12 4.96 13.45
CA GLU A 158 -29.44 5.56 13.38
C GLU A 158 -29.39 6.97 13.96
N SER A 159 -30.21 7.86 13.38
CA SER A 159 -30.23 9.29 13.74
C SER A 159 -30.32 9.46 15.24
N PRO A 160 -29.25 9.95 15.88
CA PRO A 160 -29.22 10.05 17.35
C PRO A 160 -29.85 11.34 17.83
N THR A 161 -30.87 11.22 18.68
CA THR A 161 -31.47 12.37 19.33
C THR A 161 -30.68 12.70 20.59
N ASP A 162 -31.20 13.63 21.40
CA ASP A 162 -30.52 14.02 22.63
C ASP A 162 -30.58 12.91 23.68
N LYS A 163 -31.66 12.13 23.70
CA LYS A 163 -31.86 11.15 24.75
C LYS A 163 -31.47 9.73 24.36
N LYS A 164 -31.60 9.36 23.09
CA LYS A 164 -31.31 8.00 22.66
C LYS A 164 -30.42 7.99 21.43
N VAL A 165 -29.49 7.04 21.40
CA VAL A 165 -28.63 6.80 20.25
C VAL A 165 -28.55 5.30 20.02
N GLY A 166 -28.63 4.88 18.76
CA GLY A 166 -28.62 3.46 18.45
C GLY A 166 -27.92 3.19 17.14
N TRP A 167 -27.32 2.01 17.06
CA TRP A 167 -26.63 1.53 15.87
C TRP A 167 -27.42 0.38 15.25
N LYS A 168 -26.95 -0.08 14.10
CA LYS A 168 -27.67 -1.09 13.33
C LYS A 168 -26.73 -1.73 12.33
N VAL A 169 -26.80 -3.06 12.22
CA VAL A 169 -26.00 -3.82 11.27
C VAL A 169 -26.97 -4.65 10.43
N ILE A 170 -26.94 -4.44 9.11
CA ILE A 170 -27.90 -5.08 8.21
C ILE A 170 -27.15 -6.00 7.25
N PHE A 171 -27.92 -6.82 6.53
CA PHE A 171 -27.39 -7.81 5.61
C PHE A 171 -27.37 -7.19 4.21
N ASN A 172 -26.19 -6.73 3.78
CA ASN A 172 -26.03 -6.12 2.47
C ASN A 172 -26.28 -7.14 1.35
N ASN A 173 -25.40 -8.14 1.23
CA ASN A 173 -25.53 -9.19 0.23
C ASN A 173 -24.46 -10.24 0.51
N MET A 174 -24.64 -11.42 -0.10
CA MET A 174 -23.75 -12.56 0.12
C MET A 174 -23.49 -13.25 -1.21
N VAL A 175 -22.31 -13.88 -1.34
CA VAL A 175 -21.99 -14.70 -2.54
C VAL A 175 -22.23 -16.17 -2.20
N ASN A 176 -23.06 -16.87 -2.98
CA ASN A 176 -23.40 -18.29 -2.69
C ASN A 176 -22.52 -19.21 -3.55
N GLN A 177 -21.57 -19.90 -2.93
CA GLN A 177 -20.69 -20.85 -3.67
C GLN A 177 -20.18 -20.22 -4.97
N ASN A 178 -19.46 -19.10 -4.89
CA ASN A 178 -18.82 -18.45 -6.07
C ASN A 178 -19.86 -17.87 -7.05
N TRP A 179 -21.16 -18.10 -6.84
CA TRP A 179 -22.19 -17.48 -7.72
C TRP A 179 -22.34 -16.00 -7.35
N GLY A 180 -22.98 -15.22 -8.22
CA GLY A 180 -23.07 -13.77 -8.01
C GLY A 180 -23.69 -13.39 -6.69
N PRO A 181 -23.46 -12.17 -6.19
CA PRO A 181 -23.96 -11.78 -4.88
C PRO A 181 -25.48 -11.76 -4.88
N TYR A 182 -26.08 -12.38 -3.86
CA TYR A 182 -27.56 -12.39 -3.73
C TYR A 182 -27.98 -11.59 -2.51
N ASP A 183 -29.20 -11.06 -2.48
CA ASP A 183 -29.70 -10.32 -1.34
C ASP A 183 -31.15 -10.71 -1.10
N ARG A 184 -31.77 -10.09 -0.10
CA ARG A 184 -33.12 -10.48 0.30
C ARG A 184 -34.14 -10.25 -0.79
N ASP A 185 -33.94 -9.22 -1.62
CA ASP A 185 -34.88 -8.89 -2.68
C ASP A 185 -34.53 -9.53 -4.02
N SER A 186 -33.47 -10.33 -4.09
CA SER A 186 -33.11 -11.00 -5.33
C SER A 186 -34.20 -11.98 -5.74
N TRP A 187 -34.49 -12.03 -7.04
CA TRP A 187 -35.53 -12.92 -7.55
C TRP A 187 -35.11 -13.47 -8.91
N ASN A 188 -35.52 -14.70 -9.18
CA ASN A 188 -35.29 -15.37 -10.45
C ASN A 188 -36.60 -16.03 -10.82
N PRO A 189 -37.08 -15.85 -12.06
CA PRO A 189 -38.37 -16.45 -12.43
C PRO A 189 -38.40 -17.96 -12.29
N VAL A 190 -37.28 -18.64 -12.54
CA VAL A 190 -37.25 -20.10 -12.46
C VAL A 190 -36.99 -20.57 -11.03
N TYR A 191 -35.87 -20.15 -10.46
CA TYR A 191 -35.42 -20.65 -9.17
C TYR A 191 -35.87 -19.79 -8.00
N GLY A 192 -36.08 -18.50 -8.20
CA GLY A 192 -36.48 -17.64 -7.10
C GLY A 192 -35.29 -17.07 -6.37
N ASN A 193 -35.42 -16.86 -5.06
CA ASN A 193 -34.32 -16.36 -4.24
C ASN A 193 -33.39 -17.53 -3.92
N GLN A 194 -32.23 -17.56 -4.58
CA GLN A 194 -31.26 -18.64 -4.39
C GLN A 194 -30.20 -18.30 -3.36
N LEU A 195 -30.56 -17.50 -2.36
CA LEU A 195 -29.59 -17.01 -1.38
C LEU A 195 -28.96 -18.16 -0.60
N PHE A 196 -29.75 -18.84 0.22
CA PHE A 196 -29.27 -19.99 0.99
C PHE A 196 -29.76 -21.29 0.33
N MET A 197 -29.25 -21.56 -0.87
CA MET A 197 -29.60 -22.76 -1.61
C MET A 197 -28.34 -23.56 -1.89
N LYS A 198 -28.40 -24.87 -1.61
CA LYS A 198 -27.24 -25.74 -1.82
C LYS A 198 -27.13 -26.15 -3.30
N THR A 199 -28.15 -26.83 -3.80
CA THR A 199 -28.18 -27.29 -5.18
C THR A 199 -29.50 -26.89 -5.82
N ARG A 200 -29.43 -26.46 -7.09
CA ARG A 200 -30.62 -25.98 -7.77
C ARG A 200 -31.63 -27.10 -7.99
N ASN A 201 -31.17 -28.29 -8.39
CA ASN A 201 -32.05 -29.41 -8.70
C ASN A 201 -31.54 -30.69 -8.06
N GLY A 202 -31.08 -30.60 -6.80
CA GLY A 202 -30.68 -31.79 -6.08
C GLY A 202 -31.86 -32.67 -5.71
N SER A 203 -31.56 -33.94 -5.48
CA SER A 203 -32.58 -34.92 -5.13
C SER A 203 -32.65 -35.20 -3.64
N MET A 204 -31.93 -34.44 -2.83
CA MET A 204 -31.89 -34.68 -1.39
C MET A 204 -33.17 -34.16 -0.74
N LYS A 205 -33.25 -34.32 0.58
CA LYS A 205 -34.37 -33.81 1.34
C LYS A 205 -34.35 -32.28 1.37
N ALA A 206 -35.53 -31.69 1.54
CA ALA A 206 -35.64 -30.23 1.54
C ALA A 206 -34.84 -29.62 2.68
N ALA A 207 -34.93 -30.21 3.87
CA ALA A 207 -34.16 -29.70 5.00
C ALA A 207 -32.67 -29.87 4.79
N ASP A 208 -32.26 -30.93 4.08
CA ASP A 208 -30.84 -31.15 3.82
C ASP A 208 -30.30 -30.14 2.82
N ASN A 209 -31.14 -29.67 1.89
CA ASN A 209 -30.71 -28.75 0.84
C ASN A 209 -30.70 -27.32 1.40
N PHE A 210 -29.66 -27.03 2.18
CA PHE A 210 -29.41 -25.67 2.65
C PHE A 210 -27.92 -25.44 2.76
N LEU A 211 -27.51 -24.19 2.54
CA LEU A 211 -26.10 -23.84 2.54
C LEU A 211 -25.48 -24.12 3.90
N ASP A 212 -24.29 -24.72 3.89
CA ASP A 212 -23.59 -25.04 5.13
C ASP A 212 -23.26 -23.75 5.87
N PRO A 213 -23.54 -23.66 7.18
CA PRO A 213 -23.22 -22.43 7.91
C PRO A 213 -21.76 -22.04 7.85
N ASN A 214 -20.85 -23.03 7.74
CA ASN A 214 -19.44 -22.70 7.56
C ASN A 214 -19.20 -21.98 6.25
N LYS A 215 -19.87 -22.41 5.18
CA LYS A 215 -19.73 -21.75 3.89
C LYS A 215 -20.22 -20.32 3.92
N ALA A 216 -21.33 -20.07 4.62
CA ALA A 216 -21.89 -18.74 4.71
C ALA A 216 -21.01 -17.86 5.61
N SER A 217 -21.45 -16.62 5.80
CA SER A 217 -20.70 -15.69 6.63
C SER A 217 -20.69 -16.13 8.08
N SER A 218 -19.66 -15.71 8.82
CA SER A 218 -19.52 -16.09 10.22
C SER A 218 -20.62 -15.46 11.07
N LEU A 219 -21.01 -14.23 10.77
CA LEU A 219 -22.01 -13.53 11.59
C LEU A 219 -23.37 -14.20 11.53
N LEU A 220 -23.66 -14.97 10.47
CA LEU A 220 -24.97 -15.62 10.38
C LEU A 220 -25.14 -16.68 11.46
N SER A 221 -24.11 -17.48 11.72
CA SER A 221 -24.22 -18.60 12.63
C SER A 221 -23.62 -18.31 14.00
N SER A 222 -22.41 -17.76 14.04
CA SER A 222 -21.73 -17.49 15.30
C SER A 222 -22.05 -16.11 15.87
N GLY A 223 -22.80 -15.29 15.14
CA GLY A 223 -23.27 -14.03 15.68
C GLY A 223 -22.31 -12.88 15.51
N PHE A 224 -22.78 -11.71 15.95
CA PHE A 224 -22.07 -10.45 15.80
C PHE A 224 -21.78 -9.86 17.17
N SER A 225 -20.53 -9.48 17.40
CA SER A 225 -20.11 -8.88 18.66
C SER A 225 -19.82 -7.41 18.45
N PRO A 226 -20.66 -6.51 18.95
CA PRO A 226 -20.48 -5.09 18.67
C PRO A 226 -19.35 -4.47 19.50
N ASP A 227 -18.94 -3.27 19.07
CA ASP A 227 -18.01 -2.44 19.82
C ASP A 227 -18.38 -0.99 19.53
N PHE A 228 -19.24 -0.42 20.37
CA PHE A 228 -19.80 0.91 20.17
C PHE A 228 -19.59 1.74 21.43
N ALA A 229 -19.24 3.01 21.25
CA ALA A 229 -18.89 3.89 22.36
C ALA A 229 -19.78 5.12 22.35
N THR A 230 -20.29 5.49 23.53
CA THR A 230 -21.11 6.67 23.70
C THR A 230 -20.78 7.32 25.04
N VAL A 231 -20.84 8.65 25.06
CA VAL A 231 -20.48 9.43 26.24
C VAL A 231 -21.67 10.27 26.68
N ILE A 232 -21.97 10.24 27.97
CA ILE A 232 -23.09 10.97 28.56
C ILE A 232 -22.52 12.05 29.46
N THR A 233 -22.99 13.28 29.28
CA THR A 233 -22.52 14.42 30.05
C THR A 233 -23.63 14.95 30.94
N MET A 234 -23.29 15.21 32.20
CA MET A 234 -24.26 15.69 33.18
C MET A 234 -23.70 16.94 33.84
N ASP A 235 -24.55 17.97 33.96
CA ASP A 235 -24.13 19.20 34.61
C ASP A 235 -23.76 18.94 36.07
N ARG A 236 -22.66 19.53 36.51
CA ARG A 236 -22.15 19.26 37.85
C ARG A 236 -22.89 20.03 38.94
N LYS A 237 -23.82 20.90 38.58
CA LYS A 237 -24.63 21.63 39.56
C LYS A 237 -26.05 21.09 39.65
N ALA A 238 -26.33 19.94 39.06
CA ALA A 238 -27.68 19.40 39.06
C ALA A 238 -28.11 19.01 40.47
N SER A 239 -29.41 19.15 40.73
CA SER A 239 -29.94 18.79 42.04
C SER A 239 -29.85 17.28 42.29
N LYS A 240 -30.25 16.48 41.30
CA LYS A 240 -30.23 15.03 41.40
C LYS A 240 -29.03 14.48 40.66
N GLN A 241 -28.25 13.65 41.35
CA GLN A 241 -27.02 13.08 40.79
C GLN A 241 -27.17 11.62 40.41
N GLN A 242 -28.39 11.15 40.20
CA GLN A 242 -28.65 9.76 39.83
C GLN A 242 -29.36 9.70 38.49
N THR A 243 -28.94 8.78 37.63
CA THR A 243 -29.45 8.68 36.28
C THR A 243 -29.72 7.21 35.95
N ASN A 244 -30.71 6.99 35.09
CA ASN A 244 -31.08 5.65 34.63
C ASN A 244 -30.89 5.54 33.12
N ILE A 245 -30.37 4.41 32.67
CA ILE A 245 -30.17 4.15 31.25
C ILE A 245 -30.83 2.83 30.91
N ASP A 246 -31.21 2.67 29.65
CA ASP A 246 -31.74 1.41 29.13
C ASP A 246 -30.89 0.98 27.94
N VAL A 247 -30.53 -0.30 27.91
CA VAL A 247 -29.72 -0.87 26.84
C VAL A 247 -30.49 -1.99 26.20
N ILE A 248 -30.66 -1.94 24.88
CA ILE A 248 -31.42 -2.93 24.13
C ILE A 248 -30.47 -3.60 23.14
N TYR A 249 -30.69 -4.89 22.91
CA TYR A 249 -29.82 -5.71 22.07
C TYR A 249 -30.65 -6.51 21.07
N GLU A 250 -31.60 -5.86 20.41
CA GLU A 250 -32.56 -6.56 19.57
C GLU A 250 -31.90 -7.18 18.34
N ARG A 251 -32.46 -8.30 17.90
CA ARG A 251 -32.01 -9.04 16.73
C ARG A 251 -33.20 -9.44 15.88
N VAL A 252 -33.09 -9.27 14.57
CA VAL A 252 -34.19 -9.50 13.64
C VAL A 252 -33.83 -10.68 12.75
N ARG A 253 -34.75 -11.63 12.63
CA ARG A 253 -34.55 -12.83 11.83
C ARG A 253 -35.57 -12.88 10.69
N ASP A 254 -35.18 -13.53 9.59
CA ASP A 254 -36.02 -13.68 8.41
C ASP A 254 -36.30 -15.15 8.17
N ASP A 255 -37.34 -15.41 7.39
CA ASP A 255 -37.79 -16.77 7.09
C ASP A 255 -37.45 -17.07 5.63
N TYR A 256 -36.53 -18.00 5.42
CA TYR A 256 -36.15 -18.44 4.08
C TYR A 256 -36.64 -19.87 3.89
N GLN A 257 -37.51 -20.08 2.90
CA GLN A 257 -38.07 -21.39 2.61
C GLN A 257 -37.84 -21.71 1.15
N LEU A 258 -37.40 -22.94 0.88
CA LEU A 258 -37.32 -23.44 -0.48
C LEU A 258 -38.34 -24.55 -0.69
N HIS A 259 -38.90 -24.60 -1.90
CA HIS A 259 -39.99 -25.51 -2.24
C HIS A 259 -39.66 -26.24 -3.53
N TRP A 260 -39.93 -27.54 -3.55
CA TRP A 260 -39.72 -28.37 -4.73
C TRP A 260 -40.98 -28.34 -5.58
N THR A 261 -40.95 -27.59 -6.68
CA THR A 261 -42.17 -27.37 -7.45
C THR A 261 -42.47 -28.56 -8.36
N SER A 262 -41.66 -28.76 -9.39
CA SER A 262 -41.75 -29.98 -10.18
C SER A 262 -40.42 -30.63 -10.45
N THR A 263 -39.38 -29.85 -10.75
CA THR A 263 -38.09 -30.39 -11.16
C THR A 263 -36.94 -29.77 -10.37
N ASN A 264 -37.08 -28.49 -10.04
CA ASN A 264 -36.02 -27.73 -9.39
C ASN A 264 -36.53 -27.12 -8.09
N TRP A 265 -35.58 -26.78 -7.22
CA TRP A 265 -35.92 -26.10 -5.97
C TRP A 265 -36.21 -24.63 -6.22
N LYS A 266 -37.22 -24.12 -5.54
CA LYS A 266 -37.60 -22.71 -5.63
C LYS A 266 -37.56 -22.12 -4.23
N GLY A 267 -36.84 -21.02 -4.07
CA GLY A 267 -36.61 -20.41 -2.76
C GLY A 267 -37.34 -19.09 -2.63
N THR A 268 -37.93 -18.87 -1.45
CA THR A 268 -38.67 -17.66 -1.14
C THR A 268 -38.23 -17.13 0.21
N ASN A 269 -38.15 -15.81 0.33
CA ASN A 269 -37.69 -15.16 1.54
C ASN A 269 -38.77 -14.21 2.06
N THR A 270 -38.98 -14.24 3.38
CA THR A 270 -39.97 -13.39 4.05
C THR A 270 -39.24 -12.56 5.09
N LYS A 271 -38.99 -11.29 4.75
CA LYS A 271 -38.15 -10.44 5.60
C LYS A 271 -38.89 -10.02 6.86
N ASP A 272 -38.11 -9.83 7.94
CA ASP A 272 -38.60 -9.34 9.22
C ASP A 272 -39.72 -10.24 9.76
N LYS A 273 -39.36 -11.50 10.02
CA LYS A 273 -40.32 -12.47 10.53
C LYS A 273 -40.39 -12.48 12.05
N TRP A 274 -39.22 -12.46 12.71
CA TRP A 274 -39.16 -12.45 14.17
C TRP A 274 -38.17 -11.38 14.64
N THR A 275 -38.39 -10.91 15.86
CA THR A 275 -37.48 -9.99 16.53
C THR A 275 -37.34 -10.42 17.99
N ASP A 276 -36.10 -10.53 18.45
CA ASP A 276 -35.81 -10.86 19.85
C ASP A 276 -35.20 -9.63 20.51
N ARG A 277 -35.80 -9.18 21.60
CA ARG A 277 -35.36 -7.98 22.29
C ARG A 277 -34.95 -8.31 23.72
N SER A 278 -33.84 -7.70 24.15
CA SER A 278 -33.32 -7.88 25.51
C SER A 278 -32.93 -6.51 26.04
N SER A 279 -33.80 -5.93 26.87
CA SER A 279 -33.58 -4.60 27.45
C SER A 279 -33.27 -4.74 28.93
N GLU A 280 -32.23 -4.05 29.38
CA GLU A 280 -31.86 -4.00 30.78
C GLU A 280 -31.64 -2.54 31.19
N ARG A 281 -32.06 -2.21 32.41
CA ARG A 281 -31.98 -0.84 32.92
C ARG A 281 -30.85 -0.74 33.94
N TYR A 282 -29.95 0.21 33.72
CA TYR A 282 -28.85 0.49 34.63
C TYR A 282 -29.10 1.79 35.37
N LYS A 283 -28.45 1.94 36.52
CA LYS A 283 -28.53 3.13 37.33
C LYS A 283 -27.16 3.76 37.47
N ILE A 284 -27.08 5.07 37.30
CA ILE A 284 -25.82 5.82 37.37
C ILE A 284 -25.82 6.63 38.64
N ASP A 285 -24.72 6.57 39.39
CA ASP A 285 -24.52 7.37 40.60
C ASP A 285 -23.32 8.29 40.33
N TRP A 286 -23.60 9.51 39.90
CA TRP A 286 -22.52 10.44 39.55
C TRP A 286 -21.70 10.81 40.78
N GLU A 287 -22.35 10.99 41.93
CA GLU A 287 -21.63 11.38 43.13
C GLU A 287 -20.63 10.32 43.57
N LYS A 288 -21.03 9.04 43.54
CA LYS A 288 -20.15 7.95 43.91
C LYS A 288 -19.35 7.40 42.74
N GLU A 289 -19.66 7.82 41.51
CA GLU A 289 -18.96 7.37 40.30
C GLU A 289 -19.01 5.84 40.19
N GLU A 290 -20.22 5.32 40.08
CA GLU A 290 -20.41 3.88 39.88
C GLU A 290 -21.77 3.64 39.24
N MET A 291 -21.80 2.75 38.25
CA MET A 291 -23.03 2.32 37.59
C MET A 291 -23.26 0.86 37.93
N THR A 292 -24.41 0.56 38.53
CA THR A 292 -24.67 -0.77 39.04
C THR A 292 -26.08 -1.22 38.71
N ASN A 293 -26.20 -2.41 38.13
CA ASN A 293 -27.47 -3.12 37.97
C ASN A 293 -27.23 -4.48 37.32
N ALA B 1 -11.91 3.98 18.52
CA ALA B 1 -10.85 4.97 18.69
C ALA B 1 -11.15 5.90 19.86
N ASP B 2 -10.25 5.90 20.85
CA ASP B 2 -10.44 6.75 22.02
C ASP B 2 -10.29 8.22 21.67
N SER B 3 -9.39 8.54 20.74
CA SER B 3 -9.12 9.92 20.38
C SER B 3 -10.21 10.55 19.52
N ASP B 4 -11.14 9.75 18.99
CA ASP B 4 -12.20 10.28 18.15
C ASP B 4 -13.38 10.82 18.95
N ILE B 5 -13.40 10.57 20.27
CA ILE B 5 -14.41 11.13 21.15
C ILE B 5 -13.87 12.34 21.92
N ASN B 6 -12.69 12.82 21.55
CA ASN B 6 -11.95 13.95 22.14
C ASN B 6 -11.37 13.58 23.50
N ILE B 7 -11.45 12.32 23.92
CA ILE B 7 -10.79 11.88 25.14
C ILE B 7 -9.33 11.61 24.84
N LYS B 8 -8.46 11.96 25.78
CA LYS B 8 -7.05 11.67 25.62
C LYS B 8 -6.82 10.18 25.49
N THR B 9 -5.97 9.79 24.53
CA THR B 9 -5.78 8.38 24.22
C THR B 9 -5.19 7.64 25.42
N GLY B 10 -5.73 6.44 25.66
CA GLY B 10 -5.29 5.60 26.76
C GLY B 10 -5.87 5.94 28.11
N THR B 11 -6.73 6.97 28.20
CA THR B 11 -7.27 7.37 29.49
C THR B 11 -8.20 6.30 30.06
N THR B 12 -9.04 5.70 29.22
CA THR B 12 -10.06 4.77 29.69
C THR B 12 -9.53 3.35 29.88
N ASP B 13 -8.29 3.07 29.50
CA ASP B 13 -7.74 1.74 29.66
C ASP B 13 -7.47 1.46 31.14
N ILE B 14 -7.28 0.18 31.46
CA ILE B 14 -7.10 -0.27 32.84
C ILE B 14 -5.75 -0.98 32.95
N GLY B 15 -5.06 -0.71 34.06
CA GLY B 15 -3.76 -1.31 34.28
C GLY B 15 -2.71 -0.30 34.72
N SER B 16 -3.14 0.93 34.92
CA SER B 16 -2.21 2.01 35.28
C SER B 16 -1.81 1.89 36.75
N ASN B 17 -0.55 2.20 37.02
CA ASN B 17 0.05 2.23 38.36
C ASN B 17 -0.42 1.04 39.21
N THR B 18 -0.13 -0.15 38.70
CA THR B 18 -0.44 -1.38 39.42
C THR B 18 0.55 -2.45 39.01
N THR B 19 0.68 -3.47 39.87
CA THR B 19 1.56 -4.60 39.61
C THR B 19 0.71 -5.81 39.24
N VAL B 20 1.03 -6.42 38.09
CA VAL B 20 0.34 -7.61 37.62
C VAL B 20 1.25 -8.81 37.84
N LYS B 21 0.70 -9.88 38.41
CA LYS B 21 1.44 -11.11 38.67
C LYS B 21 1.10 -12.10 37.56
N THR B 22 2.01 -12.24 36.61
CA THR B 22 1.82 -13.13 35.47
C THR B 22 2.15 -14.55 35.88
N GLY B 23 2.16 -15.46 34.91
CA GLY B 23 2.46 -16.85 35.20
C GLY B 23 2.49 -17.66 33.93
N ASP B 24 2.70 -18.97 34.10
CA ASP B 24 2.84 -19.86 32.95
C ASP B 24 2.67 -21.29 33.42
N LEU B 25 1.91 -22.08 32.65
CA LEU B 25 1.73 -23.48 32.93
C LEU B 25 1.80 -24.25 31.62
N VAL B 26 2.71 -25.22 31.54
CA VAL B 26 2.98 -25.96 30.31
C VAL B 26 2.77 -27.44 30.57
N THR B 27 2.03 -28.09 29.68
CA THR B 27 1.76 -29.51 29.78
C THR B 27 1.65 -30.09 28.37
N TYR B 28 2.16 -31.31 28.20
CA TYR B 28 2.15 -32.00 26.91
C TYR B 28 1.34 -33.28 27.02
N ASP B 29 0.45 -33.49 26.06
CA ASP B 29 -0.41 -34.67 26.01
C ASP B 29 0.14 -35.61 24.95
N LYS B 30 0.90 -36.62 25.39
CA LYS B 30 1.55 -37.53 24.46
C LYS B 30 0.53 -38.30 23.63
N GLU B 31 -0.58 -38.70 24.25
CA GLU B 31 -1.57 -39.52 23.54
C GLU B 31 -2.20 -38.75 22.39
N ASN B 32 -2.51 -37.47 22.59
CA ASN B 32 -3.16 -36.66 21.57
C ASN B 32 -2.22 -35.72 20.83
N GLY B 33 -0.97 -35.60 21.26
CA GLY B 33 -0.01 -34.73 20.60
C GLY B 33 -0.38 -33.27 20.64
N MET B 34 -0.77 -32.78 21.82
CA MET B 34 -1.17 -31.39 22.01
C MET B 34 -0.28 -30.77 23.08
N HIS B 35 0.59 -29.85 22.66
CA HIS B 35 1.46 -29.12 23.59
C HIS B 35 0.71 -27.87 24.05
N LYS B 36 -0.13 -28.06 25.07
CA LYS B 36 -0.97 -26.98 25.57
C LYS B 36 -0.24 -26.14 26.59
N LYS B 37 -0.50 -24.83 26.56
CA LYS B 37 0.11 -23.88 27.49
C LYS B 37 -0.84 -22.71 27.68
N VAL B 38 -0.93 -22.21 28.91
CA VAL B 38 -1.75 -21.05 29.23
C VAL B 38 -0.87 -20.01 29.92
N PHE B 39 -1.10 -18.74 29.60
CA PHE B 39 -0.35 -17.62 30.16
C PHE B 39 -1.35 -16.68 30.83
N TYR B 40 -1.35 -16.65 32.16
CA TYR B 40 -2.30 -15.85 32.91
C TYR B 40 -1.65 -14.57 33.42
N SER B 41 -2.49 -13.63 33.83
CA SER B 41 -2.04 -12.34 34.36
C SER B 41 -3.12 -11.78 35.28
N PHE B 42 -2.80 -11.64 36.55
CA PHE B 42 -3.74 -11.12 37.54
C PHE B 42 -3.61 -9.60 37.64
N ILE B 43 -4.67 -8.89 37.26
CA ILE B 43 -4.72 -7.44 37.34
C ILE B 43 -5.79 -7.06 38.34
N ASP B 44 -5.41 -6.31 39.37
CA ASP B 44 -6.35 -5.78 40.37
C ASP B 44 -6.13 -4.27 40.45
N ASP B 45 -6.84 -3.53 39.61
CA ASP B 45 -6.77 -2.08 39.60
C ASP B 45 -7.76 -1.53 40.62
N LYS B 46 -7.28 -0.70 41.53
CA LYS B 46 -8.15 -0.13 42.58
C LYS B 46 -9.25 0.72 41.92
N ASN B 47 -8.91 1.47 40.87
CA ASN B 47 -9.90 2.30 40.20
C ASN B 47 -10.90 1.48 39.38
N HIS B 48 -10.65 0.19 39.18
CA HIS B 48 -11.58 -0.66 38.46
C HIS B 48 -12.65 -1.20 39.41
N ASN B 49 -13.57 -1.98 38.86
CA ASN B 49 -14.73 -2.48 39.60
C ASN B 49 -14.57 -3.93 40.06
N LYS B 50 -13.86 -4.76 39.31
CA LYS B 50 -13.73 -6.17 39.62
C LYS B 50 -12.28 -6.59 39.44
N LYS B 51 -11.90 -7.68 40.11
CA LYS B 51 -10.61 -8.29 39.87
C LYS B 51 -10.58 -8.90 38.47
N LEU B 52 -9.42 -8.82 37.83
CA LEU B 52 -9.28 -9.27 36.45
C LEU B 52 -8.27 -10.41 36.35
N LEU B 53 -8.44 -11.21 35.32
CA LEU B 53 -7.53 -12.31 35.01
C LEU B 53 -7.65 -12.60 33.53
N VAL B 54 -6.60 -12.34 32.77
CA VAL B 54 -6.58 -12.60 31.34
C VAL B 54 -5.80 -13.88 31.10
N ILE B 55 -6.39 -14.80 30.33
CA ILE B 55 -5.83 -16.12 30.08
C ILE B 55 -5.58 -16.24 28.58
N ARG B 56 -4.35 -16.56 28.21
CA ARG B 56 -3.95 -16.71 26.82
C ARG B 56 -3.55 -18.17 26.59
N THR B 57 -4.42 -18.93 25.93
CA THR B 57 -4.17 -20.34 25.66
C THR B 57 -3.36 -20.47 24.37
N LYS B 58 -2.07 -20.16 24.49
CA LYS B 58 -1.18 -20.20 23.33
C LYS B 58 -1.04 -21.63 22.80
N GLY B 59 -0.39 -22.50 23.57
CA GLY B 59 -0.31 -23.91 23.24
C GLY B 59 0.14 -24.25 21.83
N THR B 60 -0.14 -25.47 21.40
CA THR B 60 0.07 -25.95 20.04
C THR B 60 -0.64 -27.28 19.86
N ILE B 61 -1.31 -27.47 18.73
CA ILE B 61 -2.02 -28.70 18.40
C ILE B 61 -1.40 -29.27 17.14
N ALA B 62 -1.04 -30.55 17.19
CA ALA B 62 -0.41 -31.19 16.04
C ALA B 62 -1.42 -31.41 14.93
N GLY B 63 -0.90 -31.74 13.74
CA GLY B 63 -1.74 -31.95 12.57
C GLY B 63 -2.21 -33.37 12.41
N GLN B 64 -1.31 -34.33 12.55
CA GLN B 64 -1.62 -35.76 12.39
C GLN B 64 -2.17 -36.05 11.00
N TYR B 65 -1.34 -35.82 9.99
CA TYR B 65 -1.66 -36.05 8.59
C TYR B 65 -0.85 -37.24 8.12
N ARG B 66 -1.51 -38.39 7.99
CA ARG B 66 -0.80 -39.63 7.65
C ARG B 66 -1.80 -40.63 7.09
N VAL B 67 -1.26 -41.64 6.40
CA VAL B 67 -2.06 -42.72 5.83
C VAL B 67 -2.25 -43.79 6.91
N TYR B 68 -3.49 -44.03 7.32
CA TYR B 68 -3.74 -44.95 8.41
C TYR B 68 -3.89 -46.39 7.94
N SER B 69 -4.53 -46.61 6.79
CA SER B 69 -4.79 -47.96 6.32
C SER B 69 -4.49 -48.09 4.84
N GLU B 70 -3.93 -49.24 4.46
CA GLU B 70 -3.73 -49.59 3.06
C GLU B 70 -4.15 -51.05 2.86
N GLU B 71 -4.83 -51.31 1.75
CA GLU B 71 -5.31 -52.65 1.41
C GLU B 71 -4.80 -52.99 0.02
N GLY B 72 -3.58 -53.50 -0.05
CA GLY B 72 -3.00 -53.75 -1.36
C GLY B 72 -2.76 -52.46 -2.12
N ALA B 73 -2.69 -52.60 -3.44
CA ALA B 73 -2.55 -51.45 -4.33
C ALA B 73 -3.88 -50.92 -4.83
N ASN B 74 -4.99 -51.54 -4.42
CA ASN B 74 -6.30 -51.13 -4.95
C ASN B 74 -6.87 -49.92 -4.22
N LYS B 75 -6.69 -49.84 -2.90
CA LYS B 75 -7.29 -48.75 -2.14
C LYS B 75 -6.47 -48.48 -0.88
N SER B 76 -6.60 -47.26 -0.36
CA SER B 76 -5.92 -46.85 0.86
C SER B 76 -6.63 -45.63 1.42
N GLY B 77 -6.39 -45.36 2.70
CA GLY B 77 -7.02 -44.26 3.40
C GLY B 77 -6.05 -43.16 3.80
N LEU B 78 -6.63 -42.13 4.41
CA LEU B 78 -5.86 -40.98 4.86
C LEU B 78 -6.67 -40.24 5.92
N ALA B 79 -6.00 -39.85 6.99
CA ALA B 79 -6.60 -39.07 8.07
C ALA B 79 -5.93 -37.71 8.11
N TRP B 80 -6.73 -36.65 7.99
CA TRP B 80 -6.21 -35.29 7.98
C TRP B 80 -7.04 -34.42 8.91
N PRO B 81 -6.43 -33.37 9.50
CA PRO B 81 -7.13 -32.55 10.48
C PRO B 81 -8.14 -31.62 9.83
N SER B 82 -9.43 -31.92 10.03
CA SER B 82 -10.47 -31.10 9.43
C SER B 82 -10.66 -29.79 10.19
N ALA B 83 -10.51 -29.80 11.51
CA ALA B 83 -10.77 -28.61 12.30
C ALA B 83 -10.04 -28.70 13.63
N PHE B 84 -9.58 -27.54 14.11
CA PHE B 84 -8.97 -27.40 15.42
C PHE B 84 -9.87 -26.55 16.29
N LYS B 85 -10.04 -26.95 17.56
CA LYS B 85 -10.89 -26.24 18.49
C LYS B 85 -10.19 -26.09 19.83
N VAL B 86 -10.49 -25.00 20.52
CA VAL B 86 -10.01 -24.76 21.88
C VAL B 86 -11.04 -23.91 22.60
N GLN B 87 -11.49 -24.37 23.75
CA GLN B 87 -12.59 -23.73 24.47
C GLN B 87 -12.33 -23.77 25.97
N LEU B 88 -12.80 -22.73 26.66
CA LEU B 88 -12.71 -22.62 28.10
C LEU B 88 -14.11 -22.64 28.70
N GLN B 89 -14.26 -23.26 29.85
CA GLN B 89 -15.57 -23.38 30.50
C GLN B 89 -15.42 -23.15 31.99
N LEU B 90 -16.50 -22.68 32.61
CA LEU B 90 -16.60 -22.47 34.04
C LEU B 90 -17.75 -23.30 34.60
N PRO B 91 -17.63 -23.77 35.84
CA PRO B 91 -18.74 -24.52 36.45
C PRO B 91 -19.99 -23.66 36.58
N ASP B 92 -21.14 -24.33 36.51
CA ASP B 92 -22.42 -23.61 36.56
C ASP B 92 -22.62 -22.89 37.88
N ASN B 93 -22.07 -23.43 38.97
CA ASN B 93 -22.23 -22.83 40.29
C ASN B 93 -21.20 -21.75 40.59
N GLU B 94 -20.30 -21.46 39.65
CA GLU B 94 -19.23 -20.50 39.90
C GLU B 94 -19.79 -19.08 39.93
N VAL B 95 -19.01 -18.18 40.53
CA VAL B 95 -19.40 -16.79 40.66
C VAL B 95 -18.66 -15.88 39.68
N ALA B 96 -17.51 -16.30 39.15
CA ALA B 96 -16.80 -15.49 38.18
C ALA B 96 -17.53 -15.52 36.83
N GLN B 97 -17.16 -14.59 35.95
CA GLN B 97 -17.82 -14.45 34.66
C GLN B 97 -16.79 -14.17 33.58
N ILE B 98 -17.14 -14.52 32.35
CA ILE B 98 -16.32 -14.23 31.18
C ILE B 98 -16.72 -12.87 30.64
N SER B 99 -15.74 -11.97 30.49
CA SER B 99 -16.00 -10.61 30.07
C SER B 99 -15.67 -10.36 28.60
N ASP B 100 -14.42 -10.57 28.20
CA ASP B 100 -14.00 -10.22 26.85
C ASP B 100 -13.16 -11.34 26.26
N TYR B 101 -12.92 -11.22 24.95
CA TYR B 101 -12.19 -12.20 24.16
C TYR B 101 -11.73 -11.53 22.87
N TYR B 102 -10.42 -11.51 22.62
CA TYR B 102 -9.92 -10.69 21.52
C TYR B 102 -10.33 -11.20 20.14
N PRO B 103 -9.93 -12.40 19.71
CA PRO B 103 -10.27 -12.81 18.35
C PRO B 103 -11.77 -13.04 18.20
N ARG B 104 -12.40 -12.20 17.37
CA ARG B 104 -13.85 -12.18 17.21
C ARG B 104 -14.21 -12.15 15.74
N ASN B 105 -15.44 -12.54 15.45
CA ASN B 105 -15.92 -12.56 14.07
C ASN B 105 -15.87 -11.17 13.46
N SER B 106 -15.41 -11.10 12.21
CA SER B 106 -15.28 -9.84 11.50
C SER B 106 -15.98 -9.94 10.16
N ILE B 107 -16.56 -8.81 9.73
CA ILE B 107 -17.25 -8.75 8.45
C ILE B 107 -16.23 -8.77 7.33
N ASP B 108 -16.55 -9.52 6.27
CA ASP B 108 -15.66 -9.67 5.13
C ASP B 108 -16.28 -9.00 3.90
N THR B 109 -15.43 -8.38 3.09
CA THR B 109 -15.83 -7.59 1.96
C THR B 109 -15.51 -8.30 0.65
N LYS B 110 -15.94 -7.70 -0.45
CA LYS B 110 -15.68 -8.23 -1.78
C LYS B 110 -15.67 -7.08 -2.77
N GLU B 111 -14.84 -7.20 -3.80
CA GLU B 111 -14.84 -6.23 -4.88
C GLU B 111 -15.96 -6.53 -5.86
N TYR B 112 -16.29 -5.54 -6.69
CA TYR B 112 -17.27 -5.72 -7.74
C TYR B 112 -16.97 -4.72 -8.85
N MET B 113 -17.18 -5.12 -10.09
CA MET B 113 -16.80 -4.29 -11.23
C MET B 113 -17.77 -4.52 -12.38
N SER B 114 -18.32 -3.44 -12.90
CA SER B 114 -19.25 -3.47 -14.03
C SER B 114 -18.60 -2.79 -15.22
N THR B 115 -18.69 -3.42 -16.38
CA THR B 115 -18.06 -2.92 -17.60
C THR B 115 -19.08 -2.83 -18.71
N LEU B 116 -18.93 -1.81 -19.56
CA LEU B 116 -19.79 -1.62 -20.72
C LEU B 116 -18.92 -1.12 -21.86
N THR B 117 -19.10 -1.70 -23.05
CA THR B 117 -18.26 -1.36 -24.20
C THR B 117 -19.12 -1.23 -25.44
N TYR B 118 -18.93 -0.13 -26.17
CA TYR B 118 -19.52 0.07 -27.49
C TYR B 118 -18.43 -0.04 -28.55
N GLY B 119 -18.83 -0.51 -29.73
CA GLY B 119 -17.87 -0.70 -30.81
C GLY B 119 -18.48 -0.31 -32.15
N PHE B 120 -17.58 -0.06 -33.10
CA PHE B 120 -17.94 0.21 -34.47
C PHE B 120 -16.86 -0.38 -35.36
N ASN B 121 -17.23 -0.72 -36.59
CA ASN B 121 -16.30 -1.40 -37.48
C ASN B 121 -16.70 -1.12 -38.93
N GLY B 122 -15.69 -1.11 -39.80
CA GLY B 122 -15.92 -0.92 -41.21
C GLY B 122 -14.68 -1.19 -42.06
N ASN B 123 -14.82 -2.02 -43.09
CA ASN B 123 -13.70 -2.35 -43.96
C ASN B 123 -14.14 -2.33 -45.41
N VAL B 124 -13.17 -2.11 -46.29
CA VAL B 124 -13.38 -2.12 -47.74
C VAL B 124 -12.48 -3.19 -48.34
N THR B 125 -13.06 -4.11 -49.10
CA THR B 125 -12.34 -5.22 -49.71
C THR B 125 -12.39 -5.10 -51.23
N GLY B 126 -11.25 -5.35 -51.87
CA GLY B 126 -11.17 -5.33 -53.31
C GLY B 126 -10.20 -6.37 -53.80
N ASP B 127 -10.36 -6.74 -55.08
CA ASP B 127 -9.54 -7.76 -55.71
C ASP B 127 -9.07 -7.26 -57.08
N ASP B 128 -8.34 -8.13 -57.78
CA ASP B 128 -7.77 -7.76 -59.07
C ASP B 128 -8.87 -7.50 -60.11
N THR B 129 -9.93 -8.30 -60.10
CA THR B 129 -10.97 -8.19 -61.13
C THR B 129 -11.84 -6.95 -60.99
N GLY B 130 -11.56 -6.07 -60.04
CA GLY B 130 -12.31 -4.85 -59.89
C GLY B 130 -13.51 -4.92 -58.96
N LYS B 131 -13.80 -6.08 -58.40
CA LYS B 131 -14.90 -6.19 -57.44
C LYS B 131 -14.58 -5.38 -56.19
N ILE B 132 -15.58 -4.65 -55.71
CA ILE B 132 -15.46 -3.80 -54.52
C ILE B 132 -16.56 -4.18 -53.56
N GLY B 133 -16.19 -4.40 -52.29
CA GLY B 133 -17.16 -4.76 -51.28
C GLY B 133 -17.02 -3.88 -50.06
N GLY B 134 -18.08 -3.89 -49.24
CA GLY B 134 -18.11 -3.09 -48.03
C GLY B 134 -18.66 -3.88 -46.86
N LEU B 135 -18.50 -3.31 -45.67
CA LEU B 135 -18.99 -3.93 -44.44
C LEU B 135 -19.01 -2.89 -43.32
N ILE B 136 -20.16 -2.73 -42.66
CA ILE B 136 -20.30 -1.84 -41.52
C ILE B 136 -20.90 -2.63 -40.37
N GLY B 137 -20.28 -2.55 -39.20
CA GLY B 137 -20.73 -3.33 -38.05
C GLY B 137 -20.58 -2.59 -36.75
N ALA B 138 -21.23 -3.13 -35.73
CA ALA B 138 -21.19 -2.57 -34.38
C ALA B 138 -21.42 -3.70 -33.39
N ASN B 139 -21.04 -3.45 -32.13
CA ASN B 139 -21.19 -4.47 -31.10
C ASN B 139 -21.32 -3.78 -29.75
N VAL B 140 -21.87 -4.53 -28.78
CA VAL B 140 -21.99 -4.10 -27.39
C VAL B 140 -21.50 -5.23 -26.52
N SER B 141 -21.07 -4.88 -25.31
CA SER B 141 -20.61 -5.88 -24.35
C SER B 141 -20.88 -5.39 -22.94
N ILE B 142 -21.35 -6.31 -22.10
CA ILE B 142 -21.60 -6.04 -20.68
C ILE B 142 -20.87 -7.09 -19.86
N GLY B 143 -20.11 -6.64 -18.86
CA GLY B 143 -19.35 -7.56 -18.06
C GLY B 143 -19.44 -7.31 -16.56
N HIS B 144 -19.51 -8.37 -15.77
CA HIS B 144 -19.54 -8.28 -14.33
C HIS B 144 -18.37 -9.07 -13.75
N THR B 145 -17.58 -8.42 -12.91
CA THR B 145 -16.41 -9.04 -12.29
C THR B 145 -16.51 -8.90 -10.78
N LEU B 146 -16.26 -9.99 -10.08
CA LEU B 146 -16.35 -10.02 -8.62
C LEU B 146 -15.18 -10.83 -8.08
N LYS B 147 -14.37 -10.21 -7.21
CA LYS B 147 -13.19 -10.86 -6.68
C LYS B 147 -13.13 -10.71 -5.17
N TYR B 148 -12.56 -11.72 -4.51
CA TYR B 148 -12.46 -11.76 -3.06
C TYR B 148 -11.32 -12.68 -2.67
N VAL B 149 -10.90 -12.58 -1.41
CA VAL B 149 -9.80 -13.36 -0.87
C VAL B 149 -10.36 -14.38 0.12
N GLN B 150 -9.93 -15.63 -0.02
CA GLN B 150 -10.42 -16.72 0.82
C GLN B 150 -9.23 -17.49 1.39
N PRO B 151 -9.09 -17.58 2.71
CA PRO B 151 -7.97 -18.31 3.29
C PRO B 151 -8.18 -19.83 3.26
N ASP B 152 -7.10 -20.55 3.50
CA ASP B 152 -7.18 -22.00 3.57
C ASP B 152 -7.94 -22.45 4.81
N PHE B 153 -7.62 -21.87 5.97
CA PHE B 153 -8.29 -22.16 7.22
C PHE B 153 -8.96 -20.88 7.74
N LYS B 154 -10.15 -21.03 8.29
CA LYS B 154 -10.96 -19.89 8.72
C LYS B 154 -11.22 -20.00 10.22
N THR B 155 -10.75 -19.03 10.99
CA THR B 155 -10.97 -19.02 12.42
C THR B 155 -12.33 -18.40 12.74
N ILE B 156 -13.05 -19.03 13.67
CA ILE B 156 -14.39 -18.61 14.04
C ILE B 156 -14.48 -18.58 15.56
N LEU B 157 -15.25 -17.62 16.08
CA LEU B 157 -15.53 -17.51 17.51
C LEU B 157 -16.94 -18.03 17.76
N GLU B 158 -17.04 -19.21 18.36
CA GLU B 158 -18.34 -19.77 18.69
C GLU B 158 -19.04 -18.87 19.71
N SER B 159 -20.37 -18.82 19.60
CA SER B 159 -21.20 -17.95 20.43
C SER B 159 -20.86 -18.08 21.90
N PRO B 160 -20.25 -17.05 22.50
CA PRO B 160 -19.78 -17.15 23.89
C PRO B 160 -20.89 -16.82 24.87
N THR B 161 -21.18 -17.76 25.77
CA THR B 161 -22.11 -17.52 26.86
C THR B 161 -21.35 -16.89 28.03
N ASP B 162 -22.03 -16.76 29.17
CA ASP B 162 -21.41 -16.17 30.35
C ASP B 162 -20.34 -17.07 30.95
N LYS B 163 -20.53 -18.39 30.85
CA LYS B 163 -19.63 -19.32 31.52
C LYS B 163 -18.58 -19.92 30.60
N LYS B 164 -18.86 -20.11 29.32
CA LYS B 164 -17.92 -20.73 28.42
C LYS B 164 -17.76 -19.93 27.14
N VAL B 165 -16.52 -19.86 26.64
CA VAL B 165 -16.21 -19.24 25.37
C VAL B 165 -15.24 -20.15 24.63
N GLY B 166 -15.45 -20.32 23.33
CA GLY B 166 -14.61 -21.21 22.55
C GLY B 166 -14.43 -20.71 21.14
N TRP B 167 -13.27 -21.03 20.56
CA TRP B 167 -12.93 -20.69 19.19
C TRP B 167 -12.91 -21.95 18.34
N LYS B 168 -12.69 -21.77 17.04
CA LYS B 168 -12.77 -22.86 16.09
C LYS B 168 -12.07 -22.46 14.80
N VAL B 169 -11.27 -23.38 14.25
CA VAL B 169 -10.58 -23.18 12.99
C VAL B 169 -10.96 -24.33 12.07
N ILE B 170 -11.55 -24.01 10.92
CA ILE B 170 -12.07 -25.02 10.01
C ILE B 170 -11.30 -24.95 8.69
N PHE B 171 -11.52 -25.96 7.85
CA PHE B 171 -10.83 -26.11 6.57
C PHE B 171 -11.72 -25.51 5.49
N ASN B 172 -11.41 -24.28 5.08
CA ASN B 172 -12.17 -23.60 4.04
C ASN B 172 -12.05 -24.31 2.70
N ASN B 173 -10.86 -24.30 2.11
CA ASN B 173 -10.58 -24.96 0.84
C ASN B 173 -9.08 -24.91 0.57
N MET B 174 -8.63 -25.74 -0.36
CA MET B 174 -7.22 -25.87 -0.68
C MET B 174 -7.05 -25.97 -2.19
N VAL B 175 -5.90 -25.49 -2.70
CA VAL B 175 -5.57 -25.64 -4.15
C VAL B 175 -4.63 -26.84 -4.31
N ASN B 176 -4.99 -27.82 -5.15
CA ASN B 176 -4.16 -29.05 -5.32
C ASN B 176 -3.28 -28.90 -6.56
N GLN B 177 -1.97 -28.73 -6.37
CA GLN B 177 -1.02 -28.61 -7.51
C GLN B 177 -1.56 -27.65 -8.57
N ASN B 178 -1.80 -26.38 -8.22
CA ASN B 178 -2.25 -25.33 -9.19
C ASN B 178 -3.66 -25.59 -9.74
N TRP B 179 -4.28 -26.73 -9.43
CA TRP B 179 -5.67 -26.97 -9.88
C TRP B 179 -6.62 -26.15 -9.02
N GLY B 180 -7.88 -25.99 -9.45
CA GLY B 180 -8.84 -25.13 -8.74
C GLY B 180 -9.02 -25.51 -7.30
N PRO B 181 -9.51 -24.58 -6.45
CA PRO B 181 -9.63 -24.86 -5.03
C PRO B 181 -10.64 -25.97 -4.78
N TYR B 182 -10.27 -26.96 -3.97
CA TYR B 182 -11.19 -28.08 -3.63
C TYR B 182 -11.56 -28.01 -2.16
N ASP B 183 -12.72 -28.56 -1.78
CA ASP B 183 -13.15 -28.59 -0.39
C ASP B 183 -13.75 -29.96 -0.08
N ARG B 184 -14.21 -30.13 1.14
CA ARG B 184 -14.68 -31.43 1.59
C ARG B 184 -15.91 -31.89 0.80
N ASP B 185 -16.75 -30.95 0.36
CA ASP B 185 -17.97 -31.29 -0.37
C ASP B 185 -17.78 -31.30 -1.88
N SER B 186 -16.57 -31.03 -2.38
CA SER B 186 -16.34 -31.06 -3.81
C SER B 186 -16.55 -32.46 -4.37
N TRP B 187 -17.16 -32.54 -5.55
CA TRP B 187 -17.43 -33.81 -6.18
C TRP B 187 -17.28 -33.70 -7.68
N ASN B 188 -16.81 -34.78 -8.30
CA ASN B 188 -16.66 -34.89 -9.74
C ASN B 188 -17.22 -36.25 -10.13
N PRO B 189 -18.09 -36.33 -11.14
CA PRO B 189 -18.67 -37.63 -11.50
C PRO B 189 -17.64 -38.67 -11.88
N VAL B 190 -16.54 -38.26 -12.51
CA VAL B 190 -15.52 -39.22 -12.95
C VAL B 190 -14.53 -39.51 -11.83
N TYR B 191 -13.87 -38.47 -11.32
CA TYR B 191 -12.79 -38.65 -10.36
C TYR B 191 -13.25 -38.56 -8.91
N GLY B 192 -14.31 -37.84 -8.62
CA GLY B 192 -14.75 -37.70 -7.25
C GLY B 192 -14.10 -36.53 -6.55
N ASN B 193 -13.86 -36.67 -5.25
CA ASN B 193 -13.18 -35.63 -4.48
C ASN B 193 -11.68 -35.75 -4.72
N GLN B 194 -11.12 -34.84 -5.51
CA GLN B 194 -9.70 -34.86 -5.86
C GLN B 194 -8.86 -33.99 -4.94
N LEU B 195 -9.28 -33.84 -3.68
CA LEU B 195 -8.62 -32.94 -2.75
C LEU B 195 -7.17 -33.32 -2.51
N PHE B 196 -6.95 -34.47 -1.87
CA PHE B 196 -5.60 -34.97 -1.63
C PHE B 196 -5.29 -36.11 -2.61
N MET B 197 -5.19 -35.77 -3.89
CA MET B 197 -4.88 -36.72 -4.94
C MET B 197 -3.62 -36.28 -5.67
N LYS B 198 -2.69 -37.22 -5.85
CA LYS B 198 -1.43 -36.92 -6.52
C LYS B 198 -1.60 -36.92 -8.04
N THR B 199 -1.99 -38.06 -8.59
CA THR B 199 -2.19 -38.22 -10.03
C THR B 199 -3.55 -38.84 -10.29
N ARG B 200 -4.24 -38.34 -11.32
CA ARG B 200 -5.59 -38.82 -11.61
C ARG B 200 -5.59 -40.27 -12.05
N ASN B 201 -4.63 -40.66 -12.90
CA ASN B 201 -4.57 -42.02 -13.43
C ASN B 201 -3.15 -42.57 -13.36
N GLY B 202 -2.48 -42.34 -12.24
CA GLY B 202 -1.17 -42.92 -12.04
C GLY B 202 -1.24 -44.42 -11.83
N SER B 203 -0.11 -45.08 -12.10
CA SER B 203 0.01 -46.52 -11.96
C SER B 203 0.68 -46.95 -10.66
N MET B 204 0.93 -46.02 -9.76
CA MET B 204 1.61 -46.34 -8.51
C MET B 204 0.66 -47.02 -7.54
N LYS B 205 1.18 -47.34 -6.36
CA LYS B 205 0.37 -47.94 -5.31
C LYS B 205 -0.63 -46.92 -4.76
N ALA B 206 -1.74 -47.42 -4.23
CA ALA B 206 -2.78 -46.54 -3.70
C ALA B 206 -2.26 -45.68 -2.56
N ALA B 207 -1.51 -46.29 -1.64
CA ALA B 207 -0.93 -45.54 -0.53
C ALA B 207 0.08 -44.51 -1.01
N ASP B 208 0.80 -44.83 -2.09
CA ASP B 208 1.79 -43.89 -2.62
C ASP B 208 1.12 -42.69 -3.28
N ASN B 209 -0.07 -42.88 -3.86
CA ASN B 209 -0.77 -41.81 -4.57
C ASN B 209 -1.51 -40.94 -3.56
N PHE B 210 -0.74 -40.08 -2.89
CA PHE B 210 -1.32 -39.06 -2.03
C PHE B 210 -0.45 -37.81 -2.07
N LEU B 211 -1.10 -36.66 -1.90
CA LEU B 211 -0.39 -35.39 -1.99
C LEU B 211 0.68 -35.29 -0.91
N ASP B 212 1.85 -34.80 -1.30
CA ASP B 212 2.96 -34.65 -0.37
C ASP B 212 2.57 -33.65 0.71
N PRO B 213 2.81 -33.96 1.99
CA PRO B 213 2.44 -33.01 3.05
C PRO B 213 3.13 -31.67 2.91
N ASN B 214 4.34 -31.63 2.34
CA ASN B 214 5.00 -30.36 2.08
C ASN B 214 4.21 -29.53 1.08
N LYS B 215 3.68 -30.17 0.03
CA LYS B 215 2.88 -29.47 -0.96
C LYS B 215 1.61 -28.89 -0.36
N ALA B 216 0.97 -29.63 0.53
CA ALA B 216 -0.26 -29.17 1.16
C ALA B 216 0.05 -28.05 2.17
N SER B 217 -0.99 -27.58 2.84
CA SER B 217 -0.83 -26.52 3.81
C SER B 217 -0.01 -27.00 5.01
N SER B 218 0.63 -26.05 5.68
CA SER B 218 1.47 -26.38 6.83
C SER B 218 0.65 -26.89 8.01
N LEU B 219 -0.55 -26.31 8.21
CA LEU B 219 -1.38 -26.70 9.34
C LEU B 219 -1.86 -28.14 9.26
N LEU B 220 -1.90 -28.73 8.06
CA LEU B 220 -2.36 -30.11 7.95
C LEU B 220 -1.39 -31.08 8.62
N SER B 221 -0.09 -30.88 8.42
CA SER B 221 0.92 -31.82 8.90
C SER B 221 1.59 -31.36 10.17
N SER B 222 2.03 -30.10 10.22
CA SER B 222 2.74 -29.59 11.38
C SER B 222 1.83 -28.98 12.43
N GLY B 223 0.53 -28.90 12.15
CA GLY B 223 -0.43 -28.49 13.16
C GLY B 223 -0.63 -26.99 13.25
N PHE B 224 -1.56 -26.62 14.13
CA PHE B 224 -1.98 -25.25 14.32
C PHE B 224 -1.70 -24.82 15.75
N SER B 225 -1.04 -23.66 15.91
CA SER B 225 -0.72 -23.12 17.23
C SER B 225 -1.58 -21.91 17.50
N PRO B 226 -2.57 -22.00 18.40
CA PRO B 226 -3.49 -20.89 18.60
C PRO B 226 -2.88 -19.76 19.41
N ASP B 227 -3.55 -18.60 19.36
CA ASP B 227 -3.22 -17.47 20.21
C ASP B 227 -4.54 -16.74 20.50
N PHE B 228 -5.18 -17.10 21.60
CA PHE B 228 -6.50 -16.61 21.95
C PHE B 228 -6.47 -16.07 23.38
N ALA B 229 -7.15 -14.94 23.60
CA ALA B 229 -7.11 -14.25 24.88
C ALA B 229 -8.52 -14.09 25.43
N THR B 230 -8.68 -14.37 26.72
CA THR B 230 -9.96 -14.22 27.41
C THR B 230 -9.70 -13.72 28.83
N VAL B 231 -10.61 -12.88 29.31
CA VAL B 231 -10.48 -12.24 30.62
C VAL B 231 -11.66 -12.63 31.49
N ILE B 232 -11.39 -13.03 32.72
CA ILE B 232 -12.40 -13.45 33.69
C ILE B 232 -12.43 -12.44 34.82
N THR B 233 -13.62 -11.94 35.14
CA THR B 233 -13.80 -10.94 36.18
C THR B 233 -14.57 -11.52 37.35
N MET B 234 -14.08 -11.26 38.56
CA MET B 234 -14.67 -11.78 39.78
C MET B 234 -14.91 -10.63 40.73
N ASP B 235 -16.11 -10.59 41.32
CA ASP B 235 -16.42 -9.55 42.29
C ASP B 235 -15.50 -9.64 43.50
N ARG B 236 -15.01 -8.49 43.95
CA ARG B 236 -14.02 -8.46 45.02
C ARG B 236 -14.63 -8.64 46.41
N LYS B 237 -15.96 -8.71 46.51
CA LYS B 237 -16.62 -8.95 47.79
C LYS B 237 -17.18 -10.36 47.90
N ALA B 238 -16.80 -11.25 46.99
CA ALA B 238 -17.34 -12.61 47.01
C ALA B 238 -16.86 -13.37 48.25
N SER B 239 -17.71 -14.27 48.73
CA SER B 239 -17.35 -15.07 49.90
C SER B 239 -16.21 -16.03 49.59
N LYS B 240 -16.29 -16.72 48.46
CA LYS B 240 -15.28 -17.69 48.05
C LYS B 240 -14.38 -17.07 46.99
N GLN B 241 -13.07 -17.13 47.22
CA GLN B 241 -12.08 -16.53 46.34
C GLN B 241 -11.33 -17.56 45.50
N GLN B 242 -11.90 -18.75 45.32
CA GLN B 242 -11.28 -19.81 44.54
C GLN B 242 -12.20 -20.19 43.39
N THR B 243 -11.59 -20.39 42.22
CA THR B 243 -12.34 -20.65 40.99
C THR B 243 -11.65 -21.79 40.23
N ASN B 244 -12.46 -22.55 39.49
CA ASN B 244 -11.98 -23.65 38.67
C ASN B 244 -12.32 -23.39 37.20
N ILE B 245 -11.38 -23.70 36.32
CA ILE B 245 -11.57 -23.54 34.88
C ILE B 245 -11.25 -24.87 34.21
N ASP B 246 -11.84 -25.09 33.04
CA ASP B 246 -11.53 -26.24 32.20
C ASP B 246 -11.10 -25.75 30.83
N VAL B 247 -10.02 -26.32 30.30
CA VAL B 247 -9.49 -25.96 28.99
C VAL B 247 -9.47 -27.21 28.13
N ILE B 248 -10.10 -27.11 26.95
CA ILE B 248 -10.19 -28.24 26.02
C ILE B 248 -9.48 -27.85 24.74
N TYR B 249 -8.84 -28.83 24.11
CA TYR B 249 -8.02 -28.64 22.91
C TYR B 249 -8.39 -29.65 21.84
N GLU B 250 -9.68 -29.82 21.59
CA GLU B 250 -10.13 -30.90 20.71
C GLU B 250 -9.74 -30.67 19.27
N ARG B 251 -9.51 -31.77 18.55
CA ARG B 251 -9.13 -31.76 17.14
C ARG B 251 -9.95 -32.81 16.40
N VAL B 252 -10.45 -32.44 15.22
CA VAL B 252 -11.35 -33.28 14.44
C VAL B 252 -10.64 -33.69 13.16
N ARG B 253 -10.65 -34.99 12.86
CA ARG B 253 -10.01 -35.54 11.68
C ARG B 253 -11.05 -36.16 10.75
N ASP B 254 -10.75 -36.17 9.45
CA ASP B 254 -11.61 -36.73 8.43
C ASP B 254 -10.91 -37.88 7.73
N ASP B 255 -11.69 -38.73 7.09
CA ASP B 255 -11.19 -39.91 6.40
C ASP B 255 -11.29 -39.68 4.90
N TYR B 256 -10.14 -39.59 4.23
CA TYR B 256 -10.07 -39.43 2.79
C TYR B 256 -9.50 -40.71 2.19
N GLN B 257 -10.28 -41.36 1.34
CA GLN B 257 -9.89 -42.61 0.70
C GLN B 257 -10.03 -42.46 -0.81
N LEU B 258 -9.02 -42.92 -1.54
CA LEU B 258 -9.12 -43.02 -2.99
C LEU B 258 -9.12 -44.48 -3.41
N HIS B 259 -9.88 -44.77 -4.47
CA HIS B 259 -10.12 -46.13 -4.94
C HIS B 259 -9.87 -46.20 -6.43
N TRP B 260 -9.19 -47.27 -6.86
CA TRP B 260 -8.91 -47.50 -8.27
C TRP B 260 -10.06 -48.30 -8.86
N THR B 261 -10.93 -47.64 -9.63
CA THR B 261 -12.15 -48.30 -10.08
C THR B 261 -11.88 -49.19 -11.29
N SER B 262 -11.57 -48.59 -12.44
CA SER B 262 -11.10 -49.38 -13.57
C SER B 262 -9.87 -48.78 -14.24
N THR B 263 -9.83 -47.46 -14.41
CA THR B 263 -8.76 -46.82 -15.17
C THR B 263 -8.15 -45.66 -14.39
N ASN B 264 -8.96 -44.95 -13.62
CA ASN B 264 -8.56 -43.75 -12.92
C ASN B 264 -8.83 -43.89 -11.43
N TRP B 265 -8.13 -43.08 -10.64
CA TRP B 265 -8.35 -43.04 -9.20
C TRP B 265 -9.61 -42.24 -8.88
N LYS B 266 -10.39 -42.75 -7.93
CA LYS B 266 -11.59 -42.08 -7.47
C LYS B 266 -11.48 -41.83 -5.97
N GLY B 267 -11.67 -40.59 -5.55
CA GLY B 267 -11.46 -40.18 -4.17
C GLY B 267 -12.79 -39.87 -3.48
N THR B 268 -12.90 -40.31 -2.22
CA THR B 268 -14.08 -40.10 -1.41
C THR B 268 -13.67 -39.61 -0.03
N ASN B 269 -14.45 -38.68 0.51
CA ASN B 269 -14.16 -38.07 1.80
C ASN B 269 -15.31 -38.31 2.77
N THR B 270 -14.97 -38.65 4.01
CA THR B 270 -15.94 -38.91 5.08
C THR B 270 -15.65 -37.94 6.21
N LYS B 271 -16.45 -36.87 6.30
CA LYS B 271 -16.16 -35.81 7.25
C LYS B 271 -16.48 -36.23 8.68
N ASP B 272 -15.72 -35.67 9.63
CA ASP B 272 -15.91 -35.88 11.06
C ASP B 272 -15.86 -37.37 11.42
N LYS B 273 -14.71 -37.97 11.17
CA LYS B 273 -14.50 -39.38 11.44
C LYS B 273 -14.00 -39.62 12.86
N TRP B 274 -13.02 -38.84 13.31
CA TRP B 274 -12.46 -38.98 14.65
C TRP B 274 -12.36 -37.60 15.31
N THR B 275 -12.39 -37.62 16.64
CA THR B 275 -12.17 -36.42 17.44
C THR B 275 -11.28 -36.78 18.63
N ASP B 276 -10.23 -36.00 18.83
CA ASP B 276 -9.32 -36.17 19.97
C ASP B 276 -9.50 -35.00 20.91
N ARG B 277 -9.82 -35.29 22.17
CA ARG B 277 -10.08 -34.26 23.16
C ARG B 277 -9.09 -34.34 24.31
N SER B 278 -8.61 -33.19 24.76
CA SER B 278 -7.67 -33.09 25.88
C SER B 278 -8.14 -31.97 26.78
N SER B 279 -8.80 -32.33 27.88
CA SER B 279 -9.34 -31.37 28.84
C SER B 279 -8.52 -31.42 30.12
N GLU B 280 -8.13 -30.24 30.62
CA GLU B 280 -7.44 -30.12 31.89
C GLU B 280 -8.11 -29.05 32.74
N ARG B 281 -8.18 -29.29 34.04
CA ARG B 281 -8.85 -28.39 34.97
C ARG B 281 -7.82 -27.62 35.78
N TYR B 282 -7.94 -26.30 35.78
CA TYR B 282 -7.07 -25.42 36.55
C TYR B 282 -7.85 -24.83 37.72
N LYS B 283 -7.11 -24.42 38.75
CA LYS B 283 -7.68 -23.79 39.93
C LYS B 283 -7.14 -22.38 40.07
N ILE B 284 -8.02 -21.42 40.34
CA ILE B 284 -7.67 -20.02 40.48
C ILE B 284 -7.76 -19.64 41.95
N ASP B 285 -6.73 -18.96 42.45
CA ASP B 285 -6.71 -18.44 43.81
C ASP B 285 -6.62 -16.92 43.70
N TRP B 286 -7.77 -16.25 43.77
CA TRP B 286 -7.80 -14.80 43.61
C TRP B 286 -7.07 -14.10 44.75
N GLU B 287 -7.20 -14.61 45.98
CA GLU B 287 -6.57 -13.97 47.12
C GLU B 287 -5.05 -13.99 47.01
N LYS B 288 -4.49 -15.13 46.61
CA LYS B 288 -3.05 -15.26 46.44
C LYS B 288 -2.56 -14.87 45.04
N GLU B 289 -3.48 -14.66 44.10
CA GLU B 289 -3.15 -14.30 42.72
C GLU B 289 -2.20 -15.32 42.09
N GLU B 290 -2.69 -16.56 41.99
CA GLU B 290 -1.93 -17.62 41.34
C GLU B 290 -2.89 -18.70 40.86
N MET B 291 -2.66 -19.19 39.65
CA MET B 291 -3.42 -20.29 39.07
C MET B 291 -2.48 -21.48 38.91
N THR B 292 -2.83 -22.60 39.53
CA THR B 292 -1.94 -23.75 39.59
C THR B 292 -2.68 -25.04 39.34
N ASN B 293 -2.17 -25.83 38.40
CA ASN B 293 -2.59 -27.22 38.20
C ASN B 293 -1.76 -27.87 37.09
N ALA C 1 -3.96 -8.53 20.30
CA ALA C 1 -3.85 -7.12 20.64
C ALA C 1 -4.26 -6.88 22.10
N ASP C 2 -3.32 -6.34 22.88
CA ASP C 2 -3.60 -6.06 24.29
C ASP C 2 -4.60 -4.93 24.45
N SER C 3 -4.54 -3.93 23.56
CA SER C 3 -5.42 -2.76 23.66
C SER C 3 -6.85 -3.05 23.24
N ASP C 4 -7.11 -4.20 22.61
CA ASP C 4 -8.46 -4.53 22.17
C ASP C 4 -9.31 -5.14 23.28
N ILE C 5 -8.70 -5.49 24.42
CA ILE C 5 -9.43 -5.98 25.58
C ILE C 5 -9.60 -4.88 26.63
N ASN C 6 -9.27 -3.65 26.28
CA ASN C 6 -9.33 -2.43 27.10
C ASN C 6 -8.22 -2.41 28.14
N ILE C 7 -7.29 -3.36 28.11
CA ILE C 7 -6.14 -3.33 29.00
C ILE C 7 -5.10 -2.38 28.41
N LYS C 8 -4.42 -1.63 29.27
CA LYS C 8 -3.36 -0.75 28.81
C LYS C 8 -2.27 -1.56 28.14
N THR C 9 -1.79 -1.07 27.00
CA THR C 9 -0.83 -1.82 26.20
C THR C 9 0.48 -2.04 26.96
N GLY C 10 1.00 -3.26 26.85
CA GLY C 10 2.23 -3.62 27.52
C GLY C 10 2.10 -4.00 28.98
N THR C 11 0.89 -3.97 29.54
CA THR C 11 0.72 -4.27 30.95
C THR C 11 1.01 -5.73 31.25
N THR C 12 0.56 -6.64 30.39
CA THR C 12 0.69 -8.07 30.65
C THR C 12 2.04 -8.65 30.27
N ASP C 13 2.90 -7.87 29.63
CA ASP C 13 4.22 -8.37 29.24
C ASP C 13 5.10 -8.53 30.47
N ILE C 14 6.19 -9.28 30.30
CA ILE C 14 7.09 -9.62 31.40
C ILE C 14 8.49 -9.12 31.06
N GLY C 15 9.16 -8.57 32.07
CA GLY C 15 10.50 -8.05 31.88
C GLY C 15 10.66 -6.65 32.48
N SER C 16 9.63 -6.17 33.15
CA SER C 16 9.66 -4.84 33.72
C SER C 16 10.52 -4.80 34.98
N ASN C 17 11.23 -3.69 35.16
CA ASN C 17 12.07 -3.40 36.32
C ASN C 17 12.86 -4.65 36.76
N THR C 18 13.66 -5.16 35.84
CA THR C 18 14.53 -6.29 36.13
C THR C 18 15.76 -6.21 35.24
N THR C 19 16.82 -6.90 35.66
CA THR C 19 18.05 -6.97 34.90
C THR C 19 18.17 -8.35 34.26
N VAL C 20 18.38 -8.38 32.94
CA VAL C 20 18.56 -9.61 32.19
C VAL C 20 20.04 -9.76 31.85
N LYS C 21 20.58 -10.95 32.09
CA LYS C 21 21.97 -11.24 31.80
C LYS C 21 22.02 -12.02 30.48
N THR C 22 22.38 -11.30 29.42
CA THR C 22 22.44 -11.89 28.08
C THR C 22 23.76 -12.65 27.92
N GLY C 23 24.02 -13.12 26.71
CA GLY C 23 25.24 -13.86 26.46
C GLY C 23 25.36 -14.21 24.99
N ASP C 24 26.42 -14.94 24.66
CA ASP C 24 26.70 -15.28 23.28
C ASP C 24 27.72 -16.41 23.24
N LEU C 25 27.46 -17.39 22.37
CA LEU C 25 28.38 -18.50 22.17
C LEU C 25 28.47 -18.79 20.68
N VAL C 26 29.68 -18.75 20.14
CA VAL C 26 29.92 -18.87 18.70
C VAL C 26 30.86 -20.04 18.46
N THR C 27 30.48 -20.91 17.53
CA THR C 27 31.30 -22.06 17.16
C THR C 27 31.12 -22.35 15.68
N TYR C 28 32.20 -22.76 15.02
CA TYR C 28 32.19 -23.06 13.60
C TYR C 28 32.55 -24.51 13.37
N ASP C 29 31.77 -25.20 12.54
CA ASP C 29 31.97 -26.61 12.22
C ASP C 29 32.58 -26.68 10.82
N LYS C 30 33.91 -26.85 10.77
CA LYS C 30 34.61 -26.84 9.50
C LYS C 30 34.17 -28.00 8.61
N GLU C 31 33.92 -29.17 9.22
CA GLU C 31 33.55 -30.35 8.43
C GLU C 31 32.22 -30.15 7.72
N ASN C 32 31.24 -29.56 8.39
CA ASN C 32 29.92 -29.37 7.82
C ASN C 32 29.65 -27.97 7.32
N GLY C 33 30.55 -27.02 7.58
CA GLY C 33 30.36 -25.65 7.12
C GLY C 33 29.17 -24.96 7.72
N MET C 34 29.00 -25.08 9.03
CA MET C 34 27.88 -24.47 9.75
C MET C 34 28.43 -23.54 10.83
N HIS C 35 28.24 -22.24 10.63
CA HIS C 35 28.65 -21.24 11.61
C HIS C 35 27.49 -21.02 12.58
N LYS C 36 27.43 -21.89 13.58
CA LYS C 36 26.33 -21.86 14.54
C LYS C 36 26.61 -20.89 15.67
N LYS C 37 25.56 -20.22 16.13
CA LYS C 37 25.66 -19.26 17.23
C LYS C 37 24.32 -19.21 17.95
N VAL C 38 24.37 -19.09 19.27
CA VAL C 38 23.16 -18.98 20.10
C VAL C 38 23.29 -17.72 20.96
N PHE C 39 22.18 -17.01 21.14
CA PHE C 39 22.13 -15.79 21.94
C PHE C 39 21.09 -15.99 23.03
N TYR C 40 21.54 -16.15 24.27
CA TYR C 40 20.63 -16.41 25.38
C TYR C 40 20.40 -15.15 26.20
N SER C 41 19.36 -15.20 27.03
CA SER C 41 18.99 -14.09 27.90
C SER C 41 18.23 -14.63 29.10
N PHE C 42 18.79 -14.46 30.28
CA PHE C 42 18.18 -14.95 31.52
C PHE C 42 17.29 -13.86 32.11
N ILE C 43 15.99 -14.12 32.16
CA ILE C 43 15.02 -13.20 32.74
C ILE C 43 14.42 -13.87 33.96
N ASP C 44 14.53 -13.22 35.12
CA ASP C 44 13.91 -13.69 36.37
C ASP C 44 13.08 -12.55 36.93
N ASP C 45 11.82 -12.47 36.51
CA ASP C 45 10.90 -11.45 36.99
C ASP C 45 10.24 -11.95 38.27
N LYS C 46 10.32 -11.15 39.33
CA LYS C 46 9.74 -11.56 40.63
C LYS C 46 8.22 -11.72 40.48
N ASN C 47 7.58 -10.84 39.71
CA ASN C 47 6.14 -10.94 39.52
C ASN C 47 5.73 -12.12 38.63
N HIS C 48 6.69 -12.76 37.96
CA HIS C 48 6.39 -13.91 37.13
C HIS C 48 6.37 -15.18 37.99
N ASN C 49 6.10 -16.31 37.35
CA ASN C 49 5.94 -17.59 38.03
C ASN C 49 7.15 -18.50 37.94
N LYS C 50 7.91 -18.42 36.85
CA LYS C 50 9.05 -19.30 36.63
C LYS C 50 10.22 -18.48 36.10
N LYS C 51 11.43 -19.01 36.29
CA LYS C 51 12.60 -18.43 35.67
C LYS C 51 12.54 -18.63 34.16
N LEU C 52 13.01 -17.64 33.42
CA LEU C 52 12.92 -17.67 31.97
C LEU C 52 14.31 -17.66 31.33
N LEU C 53 14.37 -18.18 30.12
CA LEU C 53 15.58 -18.19 29.32
C LEU C 53 15.17 -18.29 27.87
N VAL C 54 15.43 -17.24 27.09
CA VAL C 54 15.11 -17.21 25.67
C VAL C 54 16.40 -17.46 24.90
N ILE C 55 16.34 -18.40 23.96
CA ILE C 55 17.50 -18.83 23.19
C ILE C 55 17.22 -18.53 21.72
N ARG C 56 18.11 -17.79 21.08
CA ARG C 56 17.98 -17.43 19.68
C ARG C 56 19.13 -18.06 18.91
N THR C 57 18.83 -19.12 18.16
CA THR C 57 19.84 -19.84 17.39
C THR C 57 20.00 -19.16 16.04
N LYS C 58 20.69 -18.01 16.05
CA LYS C 58 20.90 -17.24 14.83
C LYS C 58 21.75 -18.02 13.84
N GLY C 59 23.02 -18.21 14.14
CA GLY C 59 23.90 -19.04 13.34
C GLY C 59 23.93 -18.75 11.85
N THR C 60 24.40 -19.72 11.07
CA THR C 60 24.38 -19.70 9.62
C THR C 60 24.74 -21.09 9.10
N ILE C 61 24.01 -21.56 8.09
CA ILE C 61 24.25 -22.85 7.47
C ILE C 61 24.60 -22.62 6.01
N ALA C 62 25.70 -23.20 5.55
CA ALA C 62 26.14 -23.01 4.18
C ALA C 62 25.23 -23.76 3.20
N GLY C 63 25.37 -23.44 1.93
CA GLY C 63 24.54 -24.05 0.90
C GLY C 63 25.12 -25.33 0.33
N GLN C 64 26.41 -25.31 -0.01
CA GLN C 64 27.09 -26.46 -0.60
C GLN C 64 26.43 -26.89 -1.91
N TYR C 65 26.47 -25.99 -2.89
CA TYR C 65 25.92 -26.20 -4.22
C TYR C 65 27.08 -26.33 -5.19
N ARG C 66 27.37 -27.57 -5.60
CA ARG C 66 28.52 -27.81 -6.45
C ARG C 66 28.34 -29.15 -7.17
N VAL C 67 29.13 -29.32 -8.23
CA VAL C 67 29.13 -30.56 -9.02
C VAL C 67 30.09 -31.55 -8.36
N TYR C 68 29.57 -32.67 -7.88
CA TYR C 68 30.41 -33.61 -7.14
C TYR C 68 31.10 -34.61 -8.06
N SER C 69 30.42 -35.09 -9.11
CA SER C 69 30.98 -36.12 -9.96
C SER C 69 30.75 -35.78 -11.43
N GLU C 70 31.74 -36.08 -12.26
CA GLU C 70 31.62 -36.00 -13.71
C GLU C 70 32.24 -37.23 -14.33
N GLU C 71 31.58 -37.77 -15.36
CA GLU C 71 32.03 -38.97 -16.06
C GLU C 71 32.09 -38.64 -17.55
N GLY C 72 33.22 -38.06 -17.97
CA GLY C 72 33.30 -37.64 -19.35
C GLY C 72 32.34 -36.51 -19.65
N ALA C 73 32.01 -36.38 -20.92
CA ALA C 73 31.03 -35.41 -21.37
C ALA C 73 29.61 -35.97 -21.45
N ASN C 74 29.43 -37.25 -21.12
CA ASN C 74 28.13 -37.88 -21.28
C ASN C 74 27.20 -37.59 -20.10
N LYS C 75 27.74 -37.58 -18.88
CA LYS C 75 26.89 -37.39 -17.71
C LYS C 75 27.69 -36.77 -16.58
N SER C 76 26.97 -36.13 -15.66
CA SER C 76 27.58 -35.51 -14.48
C SER C 76 26.49 -35.29 -13.44
N GLY C 77 26.92 -35.11 -12.19
CA GLY C 77 26.03 -34.94 -11.07
C GLY C 77 26.07 -33.54 -10.46
N LEU C 78 25.23 -33.36 -9.45
CA LEU C 78 25.12 -32.09 -8.76
C LEU C 78 24.47 -32.32 -7.40
N ALA C 79 25.03 -31.71 -6.37
CA ALA C 79 24.49 -31.78 -5.01
C ALA C 79 24.04 -30.39 -4.60
N TRP C 80 22.77 -30.26 -4.23
CA TRP C 80 22.20 -28.99 -3.86
C TRP C 80 21.40 -29.13 -2.56
N PRO C 81 21.33 -28.07 -1.75
CA PRO C 81 20.66 -28.17 -0.44
C PRO C 81 19.15 -28.21 -0.59
N SER C 82 18.58 -29.38 -0.31
CA SER C 82 17.13 -29.54 -0.42
C SER C 82 16.40 -28.90 0.75
N ALA C 83 16.98 -28.97 1.95
CA ALA C 83 16.29 -28.47 3.13
C ALA C 83 17.30 -28.16 4.23
N PHE C 84 17.00 -27.12 5.01
CA PHE C 84 17.77 -26.75 6.17
C PHE C 84 16.91 -26.96 7.42
N LYS C 85 17.52 -27.51 8.47
CA LYS C 85 16.81 -27.78 9.71
C LYS C 85 17.65 -27.35 10.89
N VAL C 86 16.97 -26.93 11.96
CA VAL C 86 17.61 -26.59 13.22
C VAL C 86 16.61 -26.88 14.34
N GLN C 87 17.04 -27.68 15.32
CA GLN C 87 16.14 -28.14 16.37
C GLN C 87 16.86 -28.17 17.71
N LEU C 88 16.10 -27.92 18.77
CA LEU C 88 16.59 -27.97 20.14
C LEU C 88 15.89 -29.08 20.89
N GLN C 89 16.62 -29.77 21.76
CA GLN C 89 16.06 -30.88 22.51
C GLN C 89 16.55 -30.82 23.96
N LEU C 90 15.73 -31.38 24.85
CA LEU C 90 16.04 -31.50 26.26
C LEU C 90 16.03 -32.97 26.67
N PRO C 91 16.85 -33.35 27.64
CA PRO C 91 16.84 -34.75 28.11
C PRO C 91 15.49 -35.12 28.71
N ASP C 92 15.15 -36.40 28.59
CA ASP C 92 13.86 -36.87 29.06
C ASP C 92 13.70 -36.72 30.57
N ASN C 93 14.81 -36.80 31.31
CA ASN C 93 14.78 -36.70 32.77
C ASN C 93 14.84 -35.25 33.27
N GLU C 94 14.91 -34.28 32.36
CA GLU C 94 15.06 -32.89 32.76
C GLU C 94 13.76 -32.37 33.37
N VAL C 95 13.89 -31.27 34.12
CA VAL C 95 12.75 -30.65 34.78
C VAL C 95 12.28 -29.38 34.07
N ALA C 96 13.12 -28.74 33.27
CA ALA C 96 12.72 -27.56 32.54
C ALA C 96 11.78 -27.95 31.39
N GLN C 97 11.10 -26.94 30.83
CA GLN C 97 10.11 -27.16 29.79
C GLN C 97 10.22 -26.08 28.73
N ILE C 98 9.79 -26.41 27.52
CA ILE C 98 9.73 -25.47 26.42
C ILE C 98 8.38 -24.79 26.44
N SER C 99 8.37 -23.46 26.47
CA SER C 99 7.14 -22.69 26.59
C SER C 99 6.66 -22.10 25.27
N ASP C 100 7.49 -21.26 24.63
CA ASP C 100 7.06 -20.54 23.44
C ASP C 100 8.14 -20.59 22.38
N TYR C 101 7.77 -20.16 21.17
CA TYR C 101 8.62 -20.18 19.99
C TYR C 101 8.02 -19.23 18.96
N TYR C 102 8.78 -18.22 18.54
CA TYR C 102 8.18 -17.16 17.74
C TYR C 102 7.76 -17.64 16.34
N PRO C 103 8.66 -18.07 15.47
CA PRO C 103 8.23 -18.42 14.11
C PRO C 103 7.34 -19.66 14.12
N ARG C 104 6.09 -19.46 13.73
CA ARG C 104 5.07 -20.50 13.80
C ARG C 104 4.29 -20.55 12.50
N ASN C 105 3.64 -21.69 12.28
CA ASN C 105 2.84 -21.88 11.07
C ASN C 105 1.74 -20.84 10.98
N SER C 106 1.55 -20.29 9.78
CA SER C 106 0.55 -19.27 9.53
C SER C 106 -0.32 -19.68 8.37
N ILE C 107 -1.60 -19.31 8.44
CA ILE C 107 -2.55 -19.63 7.38
C ILE C 107 -2.26 -18.74 6.18
N ASP C 108 -2.34 -19.33 4.99
CA ASP C 108 -2.06 -18.63 3.74
C ASP C 108 -3.34 -18.48 2.93
N THR C 109 -3.48 -17.33 2.26
CA THR C 109 -4.68 -16.96 1.54
C THR C 109 -4.45 -17.03 0.05
N LYS C 110 -5.52 -16.81 -0.71
CA LYS C 110 -5.47 -16.79 -2.16
C LYS C 110 -6.58 -15.90 -2.68
N GLU C 111 -6.31 -15.23 -3.80
CA GLU C 111 -7.35 -14.45 -4.47
C GLU C 111 -8.22 -15.35 -5.32
N TYR C 112 -9.39 -14.84 -5.69
CA TYR C 112 -10.30 -15.54 -6.58
C TYR C 112 -11.14 -14.51 -7.31
N MET C 113 -11.45 -14.78 -8.57
CA MET C 113 -12.16 -13.80 -9.40
C MET C 113 -13.05 -14.52 -10.40
N SER C 114 -14.32 -14.15 -10.43
CA SER C 114 -15.30 -14.70 -11.35
C SER C 114 -15.75 -13.62 -12.31
N THR C 115 -15.80 -13.95 -13.60
CA THR C 115 -16.14 -13.01 -14.64
C THR C 115 -17.27 -13.56 -15.49
N LEU C 116 -18.15 -12.67 -15.95
CA LEU C 116 -19.25 -13.02 -16.83
C LEU C 116 -19.41 -11.90 -17.84
N THR C 117 -19.56 -12.27 -19.12
CA THR C 117 -19.64 -11.28 -20.19
C THR C 117 -20.74 -11.67 -21.17
N TYR C 118 -21.60 -10.70 -21.49
CA TYR C 118 -22.59 -10.84 -22.56
C TYR C 118 -22.17 -9.97 -23.74
N GLY C 119 -22.54 -10.42 -24.94
CA GLY C 119 -22.17 -9.71 -26.14
C GLY C 119 -23.28 -9.72 -27.17
N PHE C 120 -23.20 -8.77 -28.09
CA PHE C 120 -24.11 -8.68 -29.22
C PHE C 120 -23.32 -8.16 -30.41
N ASN C 121 -23.77 -8.51 -31.62
CA ASN C 121 -23.02 -8.16 -32.80
C ASN C 121 -23.97 -8.07 -34.00
N GLY C 122 -23.63 -7.21 -34.94
CA GLY C 122 -24.40 -7.08 -36.16
C GLY C 122 -23.70 -6.24 -37.22
N ASN C 123 -23.61 -6.75 -38.44
CA ASN C 123 -22.96 -6.03 -39.52
C ASN C 123 -23.77 -6.16 -40.79
N VAL C 124 -23.59 -5.18 -41.68
CA VAL C 124 -24.24 -5.16 -43.00
C VAL C 124 -23.14 -5.13 -44.05
N THR C 125 -23.19 -6.08 -44.99
CA THR C 125 -22.19 -6.19 -46.04
C THR C 125 -22.83 -5.95 -47.40
N GLY C 126 -22.14 -5.20 -48.25
CA GLY C 126 -22.61 -4.94 -49.59
C GLY C 126 -21.45 -4.85 -50.56
N ASP C 127 -21.77 -5.05 -51.84
CA ASP C 127 -20.77 -5.03 -52.89
C ASP C 127 -21.26 -4.19 -54.06
N ASP C 128 -20.46 -4.14 -55.12
CA ASP C 128 -20.79 -3.31 -56.28
C ASP C 128 -22.06 -3.81 -56.99
N THR C 129 -22.22 -5.12 -57.10
CA THR C 129 -23.33 -5.69 -57.86
C THR C 129 -24.68 -5.52 -57.17
N GLY C 130 -24.74 -4.85 -56.03
CA GLY C 130 -26.00 -4.62 -55.35
C GLY C 130 -26.41 -5.67 -54.34
N LYS C 131 -25.62 -6.74 -54.18
CA LYS C 131 -25.94 -7.74 -53.17
C LYS C 131 -25.84 -7.13 -51.77
N ILE C 132 -26.81 -7.44 -50.93
CA ILE C 132 -26.87 -6.94 -49.55
C ILE C 132 -27.01 -8.13 -48.63
N GLY C 133 -26.17 -8.17 -47.58
CA GLY C 133 -26.21 -9.25 -46.62
C GLY C 133 -26.27 -8.72 -45.21
N GLY C 134 -26.68 -9.61 -44.30
CA GLY C 134 -26.81 -9.26 -42.90
C GLY C 134 -26.23 -10.35 -42.00
N LEU C 135 -26.08 -10.00 -40.73
CA LEU C 135 -25.56 -10.92 -39.73
C LEU C 135 -25.86 -10.39 -38.33
N ILE C 136 -26.49 -11.22 -37.50
CA ILE C 136 -26.79 -10.88 -36.11
C ILE C 136 -26.24 -11.99 -35.23
N GLY C 137 -25.48 -11.63 -34.20
CA GLY C 137 -24.85 -12.62 -33.35
C GLY C 137 -24.79 -12.19 -31.90
N ALA C 138 -24.49 -13.17 -31.04
CA ALA C 138 -24.36 -12.94 -29.61
C ALA C 138 -23.41 -13.98 -29.05
N ASN C 139 -22.88 -13.70 -27.85
CA ASN C 139 -21.95 -14.62 -27.22
C ASN C 139 -22.01 -14.44 -25.71
N VAL C 140 -21.53 -15.46 -25.00
CA VAL C 140 -21.40 -15.43 -23.54
C VAL C 140 -20.02 -15.94 -23.19
N SER C 141 -19.55 -15.55 -22.01
CA SER C 141 -18.24 -15.98 -21.54
C SER C 141 -18.24 -16.05 -20.02
N ILE C 142 -17.65 -17.11 -19.49
CA ILE C 142 -17.50 -17.30 -18.05
C ILE C 142 -16.03 -17.56 -17.76
N GLY C 143 -15.47 -16.83 -16.79
CA GLY C 143 -14.07 -16.98 -16.48
C GLY C 143 -13.78 -17.06 -14.98
N HIS C 144 -12.83 -17.92 -14.61
CA HIS C 144 -12.41 -18.07 -13.23
C HIS C 144 -10.90 -17.80 -13.15
N THR C 145 -10.52 -16.90 -12.26
CA THR C 145 -9.12 -16.53 -12.08
C THR C 145 -8.75 -16.70 -10.61
N LEU C 146 -7.61 -17.33 -10.37
CA LEU C 146 -7.13 -17.60 -9.02
C LEU C 146 -5.64 -17.34 -8.97
N LYS C 147 -5.20 -16.45 -8.08
CA LYS C 147 -3.80 -16.08 -7.98
C LYS C 147 -3.34 -16.13 -6.54
N TYR C 148 -2.06 -16.46 -6.36
CA TYR C 148 -1.46 -16.60 -5.04
C TYR C 148 0.05 -16.42 -5.17
N VAL C 149 0.70 -16.21 -4.04
CA VAL C 149 2.15 -15.97 -3.96
C VAL C 149 2.79 -17.18 -3.31
N GLN C 150 3.86 -17.68 -3.94
CA GLN C 150 4.56 -18.87 -3.46
C GLN C 150 6.05 -18.58 -3.38
N PRO C 151 6.67 -18.70 -2.20
CA PRO C 151 8.11 -18.43 -2.09
C PRO C 151 8.95 -19.58 -2.61
N ASP C 152 10.25 -19.29 -2.79
CA ASP C 152 11.18 -20.33 -3.21
C ASP C 152 11.41 -21.35 -2.10
N PHE C 153 11.65 -20.88 -0.88
CA PHE C 153 11.83 -21.72 0.29
C PHE C 153 10.73 -21.43 1.29
N LYS C 154 10.24 -22.49 1.94
CA LYS C 154 9.10 -22.39 2.85
C LYS C 154 9.53 -22.85 4.24
N THR C 155 9.46 -21.94 5.22
CA THR C 155 9.80 -22.28 6.58
C THR C 155 8.63 -22.93 7.29
N ILE C 156 8.89 -23.99 8.05
CA ILE C 156 7.86 -24.75 8.73
C ILE C 156 8.32 -24.99 10.17
N LEU C 157 7.36 -25.00 11.09
CA LEU C 157 7.61 -25.31 12.49
C LEU C 157 7.11 -26.73 12.75
N GLU C 158 8.04 -27.66 12.92
CA GLU C 158 7.68 -29.03 13.23
C GLU C 158 6.99 -29.09 14.59
N SER C 159 6.03 -30.02 14.70
CA SER C 159 5.19 -30.16 15.89
C SER C 159 6.02 -30.18 17.16
N PRO C 160 5.95 -29.12 17.98
CA PRO C 160 6.82 -29.01 19.16
C PRO C 160 6.22 -29.75 20.35
N THR C 161 6.97 -30.69 20.90
CA THR C 161 6.58 -31.37 22.13
C THR C 161 7.07 -30.54 23.32
N ASP C 162 6.94 -31.11 24.52
CA ASP C 162 7.37 -30.40 25.73
C ASP C 162 8.89 -30.29 25.81
N LYS C 163 9.61 -31.29 25.30
CA LYS C 163 11.05 -31.33 25.47
C LYS C 163 11.82 -30.83 24.25
N LYS C 164 11.30 -31.00 23.04
CA LYS C 164 12.03 -30.61 21.85
C LYS C 164 11.14 -29.79 20.92
N VAL C 165 11.74 -28.77 20.30
CA VAL C 165 11.08 -27.96 19.29
C VAL C 165 12.07 -27.75 18.14
N GLY C 166 11.58 -27.86 16.91
CA GLY C 166 12.45 -27.72 15.76
C GLY C 166 11.74 -27.08 14.59
N TRP C 167 12.51 -26.36 13.78
CA TRP C 167 12.03 -25.71 12.57
C TRP C 167 12.58 -26.42 11.35
N LYS C 168 12.15 -25.96 10.17
CA LYS C 168 12.48 -26.63 8.92
C LYS C 168 12.22 -25.68 7.76
N VAL C 169 13.16 -25.63 6.83
CA VAL C 169 13.05 -24.82 5.62
C VAL C 169 13.24 -25.75 4.43
N ILE C 170 12.24 -25.82 3.55
CA ILE C 170 12.23 -26.76 2.44
C ILE C 170 12.23 -25.98 1.12
N PHE C 171 12.47 -26.70 0.03
CA PHE C 171 12.56 -26.13 -1.30
C PHE C 171 11.20 -26.25 -1.97
N ASN C 172 10.44 -25.15 -1.98
CA ASN C 172 9.12 -25.14 -2.58
C ASN C 172 9.20 -25.34 -4.10
N ASN C 173 9.77 -24.37 -4.81
CA ASN C 173 9.94 -24.45 -6.26
C ASN C 173 10.80 -23.28 -6.71
N MET C 174 11.32 -23.37 -7.93
CA MET C 174 12.21 -22.38 -8.49
C MET C 174 11.86 -22.12 -9.94
N VAL C 175 12.12 -20.89 -10.41
CA VAL C 175 11.92 -20.56 -11.86
C VAL C 175 13.29 -20.64 -12.57
N ASN C 176 13.41 -21.44 -13.62
CA ASN C 176 14.71 -21.63 -14.33
C ASN C 176 14.75 -20.71 -15.56
N GLN C 177 15.57 -19.66 -15.52
CA GLN C 177 15.71 -18.74 -16.68
C GLN C 177 14.34 -18.37 -17.24
N ASN C 178 13.46 -17.75 -16.44
CA ASN C 178 12.13 -17.26 -16.92
C ASN C 178 11.18 -18.40 -17.31
N TRP C 179 11.64 -19.65 -17.33
CA TRP C 179 10.73 -20.78 -17.61
C TRP C 179 9.86 -21.06 -16.39
N GLY C 180 8.77 -21.82 -16.55
CA GLY C 180 7.82 -22.05 -15.46
C GLY C 180 8.46 -22.62 -14.22
N PRO C 181 7.82 -22.47 -13.04
CA PRO C 181 8.43 -22.94 -11.80
C PRO C 181 8.59 -24.44 -11.81
N TYR C 182 9.77 -24.93 -11.45
CA TYR C 182 10.03 -26.39 -11.39
C TYR C 182 10.26 -26.81 -9.94
N ASP C 183 10.01 -28.08 -9.61
CA ASP C 183 10.24 -28.59 -8.27
C ASP C 183 10.85 -29.97 -8.37
N ARG C 184 11.10 -30.59 -7.22
CA ARG C 184 11.80 -31.87 -7.18
C ARG C 184 11.03 -32.97 -7.89
N ASP C 185 9.70 -32.91 -7.86
CA ASP C 185 8.86 -33.94 -8.47
C ASP C 185 8.45 -33.61 -9.89
N SER C 186 8.90 -32.48 -10.45
CA SER C 186 8.56 -32.13 -11.82
C SER C 186 9.16 -33.14 -12.78
N TRP C 187 8.40 -33.50 -13.81
CA TRP C 187 8.85 -34.47 -14.80
C TRP C 187 8.34 -34.09 -16.18
N ASN C 188 9.15 -34.38 -17.20
CA ASN C 188 8.80 -34.16 -18.58
C ASN C 188 9.21 -35.42 -19.33
N PRO C 189 8.33 -35.98 -20.17
CA PRO C 189 8.69 -37.23 -20.86
C PRO C 189 9.93 -37.11 -21.73
N VAL C 190 10.16 -35.95 -22.34
CA VAL C 190 11.30 -35.78 -23.23
C VAL C 190 12.56 -35.38 -22.43
N TYR C 191 12.48 -34.27 -21.70
CA TYR C 191 13.65 -33.70 -21.04
C TYR C 191 13.80 -34.18 -19.59
N GLY C 192 12.72 -34.52 -18.92
CA GLY C 192 12.81 -34.93 -17.53
C GLY C 192 12.72 -33.76 -16.58
N ASN C 193 13.42 -33.84 -15.45
CA ASN C 193 13.44 -32.75 -14.48
C ASN C 193 14.43 -31.70 -14.96
N GLN C 194 13.92 -30.57 -15.47
CA GLN C 194 14.74 -29.50 -16.01
C GLN C 194 15.03 -28.42 -14.98
N LEU C 195 15.11 -28.79 -13.70
CA LEU C 195 15.27 -27.83 -12.63
C LEU C 195 16.56 -27.04 -12.75
N PHE C 196 17.70 -27.71 -12.59
CA PHE C 196 19.01 -27.08 -12.74
C PHE C 196 19.63 -27.48 -14.09
N MET C 197 19.00 -27.02 -15.17
CA MET C 197 19.48 -27.30 -16.52
C MET C 197 19.76 -25.98 -17.23
N LYS C 198 20.93 -25.89 -17.86
CA LYS C 198 21.32 -24.67 -18.56
C LYS C 198 20.67 -24.60 -19.95
N THR C 199 20.98 -25.57 -20.80
CA THR C 199 20.45 -25.65 -22.15
C THR C 199 19.87 -27.03 -22.40
N ARG C 200 18.73 -27.07 -23.09
CA ARG C 200 18.05 -28.35 -23.32
C ARG C 200 18.87 -29.25 -24.23
N ASN C 201 19.45 -28.70 -25.29
CA ASN C 201 20.21 -29.48 -26.26
C ASN C 201 21.53 -28.81 -26.60
N GLY C 202 22.22 -28.31 -25.58
CA GLY C 202 23.54 -27.75 -25.79
C GLY C 202 24.57 -28.81 -26.10
N SER C 203 25.65 -28.38 -26.74
CA SER C 203 26.73 -29.28 -27.14
C SER C 203 27.92 -29.23 -26.17
N MET C 204 27.78 -28.54 -25.05
CA MET C 204 28.88 -28.41 -24.11
C MET C 204 29.05 -29.69 -23.29
N LYS C 205 30.03 -29.68 -22.39
CA LYS C 205 30.27 -30.80 -21.50
C LYS C 205 29.12 -30.93 -20.49
N ALA C 206 28.90 -32.14 -20.01
CA ALA C 206 27.82 -32.40 -19.07
C ALA C 206 28.01 -31.59 -17.78
N ALA C 207 29.22 -31.56 -17.26
CA ALA C 207 29.49 -30.78 -16.06
C ALA C 207 29.31 -29.29 -16.29
N ASP C 208 29.61 -28.83 -17.51
CA ASP C 208 29.45 -27.41 -17.83
C ASP C 208 27.98 -27.02 -17.92
N ASN C 209 27.12 -27.95 -18.35
CA ASN C 209 25.70 -27.67 -18.54
C ASN C 209 24.98 -27.77 -17.19
N PHE C 210 25.15 -26.72 -16.39
CA PHE C 210 24.40 -26.59 -15.15
C PHE C 210 24.13 -25.11 -14.89
N LEU C 211 23.00 -24.85 -14.24
CA LEU C 211 22.58 -23.48 -13.98
C LEU C 211 23.60 -22.75 -13.11
N ASP C 212 23.92 -21.52 -13.48
CA ASP C 212 24.87 -20.72 -12.73
C ASP C 212 24.34 -20.47 -11.33
N PRO C 213 25.15 -20.68 -10.28
CA PRO C 213 24.65 -20.45 -8.92
C PRO C 213 24.16 -19.03 -8.68
N ASN C 214 24.73 -18.05 -9.38
CA ASN C 214 24.22 -16.68 -9.29
C ASN C 214 22.79 -16.59 -9.81
N LYS C 215 22.51 -17.27 -10.92
CA LYS C 215 21.16 -17.27 -11.48
C LYS C 215 20.15 -17.89 -10.54
N ALA C 216 20.54 -18.98 -9.87
CA ALA C 216 19.65 -19.66 -8.94
C ALA C 216 19.46 -18.83 -7.68
N SER C 217 18.69 -19.36 -6.73
CA SER C 217 18.44 -18.67 -5.48
C SER C 217 19.73 -18.54 -4.66
N SER C 218 19.75 -17.51 -3.81
CA SER C 218 20.93 -17.26 -2.98
C SER C 218 21.14 -18.36 -1.96
N LEU C 219 20.04 -18.88 -1.39
CA LEU C 219 20.16 -19.89 -0.34
C LEU C 219 20.77 -21.20 -0.84
N LEU C 220 20.70 -21.46 -2.15
CA LEU C 220 21.29 -22.70 -2.66
C LEU C 220 22.80 -22.71 -2.52
N SER C 221 23.46 -21.60 -2.83
CA SER C 221 24.91 -21.54 -2.86
C SER C 221 25.50 -20.90 -1.62
N SER C 222 24.98 -19.74 -1.21
CA SER C 222 25.51 -19.03 -0.06
C SER C 222 24.87 -19.44 1.26
N GLY C 223 23.85 -20.31 1.22
CA GLY C 223 23.31 -20.87 2.44
C GLY C 223 22.21 -20.04 3.07
N PHE C 224 21.67 -20.60 4.15
CA PHE C 224 20.53 -20.02 4.87
C PHE C 224 20.95 -19.71 6.30
N SER C 225 20.68 -18.48 6.74
CA SER C 225 20.99 -18.06 8.10
C SER C 225 19.70 -17.93 8.90
N PRO C 226 19.44 -18.82 9.84
CA PRO C 226 18.16 -18.79 10.55
C PRO C 226 18.09 -17.69 11.61
N ASP C 227 16.88 -17.42 12.06
CA ASP C 227 16.64 -16.54 13.19
C ASP C 227 15.38 -17.05 13.90
N PHE C 228 15.59 -17.91 14.89
CA PHE C 228 14.52 -18.61 15.58
C PHE C 228 14.67 -18.42 17.09
N ALA C 229 13.56 -18.19 17.78
CA ALA C 229 13.57 -17.87 19.20
C ALA C 229 12.74 -18.88 19.98
N THR C 230 13.27 -19.35 21.10
CA THR C 230 12.58 -20.28 21.98
C THR C 230 12.90 -19.94 23.43
N VAL C 231 11.93 -20.13 24.30
CA VAL C 231 12.05 -19.77 25.72
C VAL C 231 11.84 -21.01 26.56
N ILE C 232 12.71 -21.23 27.53
CA ILE C 232 12.67 -22.38 28.42
C ILE C 232 12.37 -21.87 29.82
N THR C 233 11.38 -22.46 30.47
CA THR C 233 10.97 -22.06 31.80
C THR C 233 11.25 -23.17 32.80
N MET C 234 11.83 -22.79 33.94
CA MET C 234 12.22 -23.73 34.98
C MET C 234 11.62 -23.28 36.30
N ASP C 235 11.01 -24.20 37.04
CA ASP C 235 10.46 -23.88 38.35
C ASP C 235 11.56 -23.41 39.29
N ARG C 236 11.28 -22.34 40.03
CA ARG C 236 12.28 -21.73 40.90
C ARG C 236 12.49 -22.47 42.21
N LYS C 237 11.70 -23.51 42.48
CA LYS C 237 11.87 -24.33 43.68
C LYS C 237 12.48 -25.68 43.38
N ALA C 238 13.01 -25.89 42.17
CA ALA C 238 13.56 -27.18 41.80
C ALA C 238 14.82 -27.48 42.61
N SER C 239 15.04 -28.77 42.87
CA SER C 239 16.21 -29.19 43.63
C SER C 239 17.49 -28.94 42.84
N LYS C 240 17.50 -29.31 41.57
CA LYS C 240 18.67 -29.15 40.70
C LYS C 240 18.47 -27.94 39.81
N GLN C 241 19.46 -27.04 39.81
CA GLN C 241 19.39 -25.80 39.04
C GLN C 241 20.27 -25.83 37.80
N GLN C 242 20.63 -27.01 37.31
CA GLN C 242 21.47 -27.15 36.13
C GLN C 242 20.72 -27.94 35.06
N THR C 243 20.83 -27.48 33.82
CA THR C 243 20.08 -28.05 32.70
C THR C 243 21.01 -28.19 31.51
N ASN C 244 20.73 -29.20 30.68
CA ASN C 244 21.50 -29.46 29.46
C ASN C 244 20.58 -29.35 28.25
N ILE C 245 21.09 -28.75 27.18
CA ILE C 245 20.35 -28.61 25.93
C ILE C 245 21.21 -29.16 24.80
N ASP C 246 20.56 -29.59 23.73
CA ASP C 246 21.23 -30.02 22.51
C ASP C 246 20.70 -29.20 21.34
N VAL C 247 21.60 -28.72 20.50
CA VAL C 247 21.25 -27.92 19.33
C VAL C 247 21.78 -28.62 18.10
N ILE C 248 20.90 -28.87 17.13
CA ILE C 248 21.25 -29.56 15.90
C ILE C 248 21.02 -28.61 14.73
N TYR C 249 21.86 -28.72 13.72
CA TYR C 249 21.86 -27.83 12.55
C TYR C 249 21.91 -28.63 11.26
N GLU C 250 21.08 -29.66 11.17
CA GLU C 250 21.19 -30.60 10.05
C GLU C 250 20.80 -29.97 8.72
N ARG C 251 21.43 -30.44 7.65
CA ARG C 251 21.17 -29.97 6.29
C ARG C 251 21.07 -31.17 5.36
N VAL C 252 20.07 -31.15 4.47
CA VAL C 252 19.76 -32.27 3.60
C VAL C 252 20.05 -31.85 2.16
N ARG C 253 20.80 -32.69 1.43
CA ARG C 253 21.17 -32.42 0.06
C ARG C 253 20.58 -33.48 -0.87
N ASP C 254 20.32 -33.09 -2.11
CA ASP C 254 19.77 -33.98 -3.13
C ASP C 254 20.75 -34.12 -4.28
N ASP C 255 20.57 -35.19 -5.06
CA ASP C 255 21.44 -35.51 -6.18
C ASP C 255 20.70 -35.24 -7.47
N TYR C 256 21.15 -34.24 -8.22
CA TYR C 256 20.59 -33.90 -9.51
C TYR C 256 21.60 -34.25 -10.60
N GLN C 257 21.22 -35.15 -11.50
CA GLN C 257 22.09 -35.60 -12.58
C GLN C 257 21.37 -35.42 -13.90
N LEU C 258 22.08 -34.89 -14.89
CA LEU C 258 21.57 -34.83 -16.25
C LEU C 258 22.38 -35.76 -17.14
N HIS C 259 21.71 -36.37 -18.11
CA HIS C 259 22.29 -37.39 -18.98
C HIS C 259 21.97 -37.06 -20.43
N TRP C 260 22.97 -37.21 -21.29
CA TRP C 260 22.83 -36.97 -22.73
C TRP C 260 22.39 -38.29 -23.37
N THR C 261 21.11 -38.38 -23.73
CA THR C 261 20.59 -39.66 -24.20
C THR C 261 20.92 -39.90 -25.67
N SER C 262 20.33 -39.13 -26.56
CA SER C 262 20.76 -39.15 -27.96
C SER C 262 20.93 -37.77 -28.56
N THR C 263 20.02 -36.84 -28.26
CA THR C 263 20.03 -35.53 -28.90
C THR C 263 19.94 -34.41 -27.87
N ASN C 264 19.20 -34.64 -26.79
CA ASN C 264 18.92 -33.63 -25.79
C ASN C 264 19.36 -34.12 -24.42
N TRP C 265 19.55 -33.16 -23.51
CA TRP C 265 19.90 -33.49 -22.13
C TRP C 265 18.65 -33.93 -21.37
N LYS C 266 18.81 -34.96 -20.54
CA LYS C 266 17.73 -35.47 -19.71
C LYS C 266 18.17 -35.42 -18.26
N GLY C 267 17.36 -34.79 -17.41
CA GLY C 267 17.72 -34.55 -16.01
C GLY C 267 16.89 -35.40 -15.07
N THR C 268 17.55 -35.94 -14.05
CA THR C 268 16.92 -36.78 -13.04
C THR C 268 17.34 -36.31 -11.66
N ASN C 269 16.40 -36.35 -10.71
CA ASN C 269 16.64 -35.90 -9.35
C ASN C 269 16.38 -37.03 -8.37
N THR C 270 17.27 -37.16 -7.39
CA THR C 270 17.18 -38.19 -6.34
C THR C 270 17.13 -37.48 -5.00
N LYS C 271 15.93 -37.36 -4.44
CA LYS C 271 15.74 -36.57 -3.23
C LYS C 271 16.32 -37.28 -2.00
N ASP C 272 16.78 -36.47 -1.04
CA ASP C 272 17.30 -36.92 0.24
C ASP C 272 18.44 -37.92 0.05
N LYS C 273 19.52 -37.44 -0.55
CA LYS C 273 20.70 -38.26 -0.82
C LYS C 273 21.69 -38.23 0.34
N TRP C 274 21.97 -37.05 0.88
CA TRP C 274 22.90 -36.89 1.99
C TRP C 274 22.29 -36.00 3.06
N THR C 275 22.74 -36.19 4.29
CA THR C 275 22.37 -35.34 5.42
C THR C 275 23.61 -35.07 6.26
N ASP C 276 23.86 -33.80 6.56
CA ASP C 276 24.98 -33.40 7.42
C ASP C 276 24.41 -32.87 8.73
N ARG C 277 24.84 -33.46 9.84
CA ARG C 277 24.32 -33.10 11.16
C ARG C 277 25.44 -32.57 12.04
N SER C 278 25.15 -31.50 12.78
CA SER C 278 26.10 -30.89 13.71
C SER C 278 25.36 -30.61 15.01
N SER C 279 25.56 -31.48 16.00
CA SER C 279 24.90 -31.36 17.30
C SER C 279 25.93 -30.96 18.35
N GLU C 280 25.57 -29.95 19.16
CA GLU C 280 26.40 -29.53 20.28
C GLU C 280 25.54 -29.42 21.53
N ARG C 281 26.11 -29.80 22.67
CA ARG C 281 25.40 -29.82 23.93
C ARG C 281 25.86 -28.65 24.80
N TYR C 282 24.90 -27.86 25.27
CA TYR C 282 25.15 -26.74 26.16
C TYR C 282 24.67 -27.08 27.56
N LYS C 283 25.24 -26.38 28.55
CA LYS C 283 24.86 -26.54 29.94
C LYS C 283 24.32 -25.22 30.48
N ILE C 284 23.20 -25.28 31.19
CA ILE C 284 22.55 -24.10 31.76
C ILE C 284 22.76 -24.11 33.26
N ASP C 285 23.17 -22.96 33.80
CA ASP C 285 23.31 -22.78 35.24
C ASP C 285 22.31 -21.69 35.66
N TRP C 286 21.14 -22.11 36.12
CA TRP C 286 20.10 -21.15 36.48
C TRP C 286 20.51 -20.30 37.67
N GLU C 287 21.20 -20.89 38.65
CA GLU C 287 21.59 -20.14 39.84
C GLU C 287 22.57 -19.02 39.49
N LYS C 288 23.56 -19.31 38.65
CA LYS C 288 24.53 -18.31 38.23
C LYS C 288 24.09 -17.52 37.01
N GLU C 289 23.02 -17.93 36.34
CA GLU C 289 22.51 -17.27 35.13
C GLU C 289 23.59 -17.17 34.05
N GLU C 290 24.06 -18.34 33.61
CA GLU C 290 25.03 -18.40 32.53
C GLU C 290 24.95 -19.75 31.86
N MET C 291 24.99 -19.75 30.53
CA MET C 291 25.02 -20.97 29.73
C MET C 291 26.38 -21.05 29.03
N THR C 292 27.12 -22.12 29.27
CA THR C 292 28.50 -22.23 28.80
C THR C 292 28.76 -23.61 28.23
N ASN C 293 29.31 -23.63 27.01
CA ASN C 293 29.88 -24.84 26.41
C ASN C 293 30.47 -24.51 25.03
N ALA D 1 10.24 -11.18 16.46
CA ALA D 1 9.48 -10.21 17.25
C ALA D 1 9.57 -10.53 18.74
N ASP D 2 10.10 -9.59 19.52
CA ASP D 2 10.23 -9.79 20.96
C ASP D 2 8.87 -9.80 21.65
N SER D 3 7.93 -8.99 21.16
CA SER D 3 6.62 -8.87 21.78
C SER D 3 5.72 -10.07 21.51
N ASP D 4 6.08 -10.94 20.57
CA ASP D 4 5.26 -12.10 20.25
C ASP D 4 5.50 -13.27 21.19
N ILE D 5 6.54 -13.21 22.02
CA ILE D 5 6.80 -14.22 23.04
C ILE D 5 6.32 -13.75 24.42
N ASN D 6 5.58 -12.64 24.47
CA ASN D 6 5.03 -11.98 25.66
C ASN D 6 6.12 -11.29 26.47
N ILE D 7 7.35 -11.23 25.98
CA ILE D 7 8.40 -10.46 26.64
C ILE D 7 8.25 -9.00 26.26
N LYS D 8 8.49 -8.11 27.22
CA LYS D 8 8.45 -6.68 26.95
C LYS D 8 9.47 -6.32 25.89
N THR D 9 9.05 -5.50 24.93
CA THR D 9 9.90 -5.19 23.79
C THR D 9 11.17 -4.47 24.23
N GLY D 10 12.29 -4.88 23.63
CA GLY D 10 13.58 -4.29 23.93
C GLY D 10 14.26 -4.82 25.17
N THR D 11 13.64 -5.77 25.89
CA THR D 11 14.22 -6.28 27.12
C THR D 11 15.50 -7.06 26.85
N THR D 12 15.51 -7.88 25.80
CA THR D 12 16.63 -8.78 25.53
C THR D 12 17.76 -8.11 24.76
N ASP D 13 17.59 -6.87 24.31
CA ASP D 13 18.65 -6.18 23.60
C ASP D 13 19.78 -5.80 24.55
N ILE D 14 20.94 -5.48 23.97
CA ILE D 14 22.14 -5.17 24.73
C ILE D 14 22.60 -3.76 24.39
N GLY D 15 23.05 -3.03 25.41
CA GLY D 15 23.49 -1.67 25.22
C GLY D 15 22.89 -0.70 26.23
N SER D 16 22.13 -1.24 27.18
CA SER D 16 21.46 -0.40 28.16
C SER D 16 22.44 0.10 29.21
N ASN D 17 22.24 1.34 29.65
CA ASN D 17 23.02 2.00 30.70
C ASN D 17 24.51 1.70 30.57
N THR D 18 25.06 2.06 29.42
CA THR D 18 26.49 1.92 29.17
C THR D 18 26.93 2.99 28.18
N THR D 19 28.23 3.27 28.18
CA THR D 19 28.82 4.23 27.27
C THR D 19 29.59 3.49 26.19
N VAL D 20 29.28 3.79 24.92
CA VAL D 20 29.96 3.20 23.78
C VAL D 20 30.91 4.24 23.20
N LYS D 21 32.13 3.82 22.93
CA LYS D 21 33.15 4.70 22.35
C LYS D 21 33.23 4.40 20.86
N THR D 22 32.62 5.26 20.05
CA THR D 22 32.58 5.09 18.61
C THR D 22 33.89 5.57 18.00
N GLY D 23 33.95 5.61 16.67
CA GLY D 23 35.15 6.06 16.01
C GLY D 23 34.95 6.10 14.51
N ASP D 24 36.01 6.45 13.80
CA ASP D 24 35.94 6.60 12.35
C ASP D 24 37.34 6.61 11.78
N LEU D 25 37.52 5.89 10.68
CA LEU D 25 38.79 5.86 9.96
C LEU D 25 38.51 5.92 8.47
N VAL D 26 39.10 6.92 7.81
CA VAL D 26 38.83 7.19 6.40
C VAL D 26 40.15 7.15 5.63
N THR D 27 40.14 6.41 4.52
CA THR D 27 41.32 6.30 3.66
C THR D 27 40.87 6.16 2.21
N TYR D 28 41.62 6.77 1.31
CA TYR D 28 41.31 6.76 -0.12
C TYR D 28 42.44 6.09 -0.88
N ASP D 29 42.09 5.17 -1.76
CA ASP D 29 43.04 4.42 -2.58
C ASP D 29 43.00 5.01 -3.99
N LYS D 30 43.97 5.88 -4.29
CA LYS D 30 43.98 6.56 -5.59
C LYS D 30 44.15 5.58 -6.73
N GLU D 31 44.97 4.54 -6.54
CA GLU D 31 45.25 3.60 -7.62
C GLU D 31 43.98 2.84 -8.02
N ASN D 32 43.18 2.42 -7.04
CA ASN D 32 41.99 1.63 -7.31
C ASN D 32 40.69 2.44 -7.25
N GLY D 33 40.74 3.69 -6.81
CA GLY D 33 39.55 4.51 -6.75
C GLY D 33 38.51 4.01 -5.76
N MET D 34 38.95 3.64 -4.56
CA MET D 34 38.06 3.12 -3.53
C MET D 34 38.18 4.01 -2.29
N HIS D 35 37.13 4.76 -2.00
CA HIS D 35 37.06 5.60 -0.81
C HIS D 35 36.50 4.76 0.34
N LYS D 36 37.39 4.01 0.98
CA LYS D 36 36.99 3.10 2.04
C LYS D 36 36.93 3.81 3.39
N LYS D 37 35.95 3.42 4.20
CA LYS D 37 35.76 3.97 5.53
C LYS D 37 35.11 2.93 6.41
N VAL D 38 35.53 2.87 7.67
CA VAL D 38 34.95 1.97 8.66
C VAL D 38 34.51 2.77 9.87
N PHE D 39 33.36 2.39 10.44
CA PHE D 39 32.80 3.06 11.61
C PHE D 39 32.63 2.02 12.71
N TYR D 40 33.47 2.09 13.73
CA TYR D 40 33.45 1.10 14.81
C TYR D 40 32.74 1.66 16.05
N SER D 41 32.39 0.75 16.95
CA SER D 41 31.70 1.11 18.19
C SER D 41 31.99 0.03 19.23
N PHE D 42 32.67 0.42 20.31
CA PHE D 42 33.02 -0.52 21.37
C PHE D 42 31.91 -0.53 22.42
N ILE D 43 31.26 -1.67 22.58
CA ILE D 43 30.21 -1.85 23.57
C ILE D 43 30.69 -2.90 24.56
N ASP D 44 30.73 -2.54 25.85
CA ASP D 44 31.09 -3.46 26.93
C ASP D 44 29.97 -3.39 27.97
N ASP D 45 28.95 -4.22 27.79
CA ASP D 45 27.84 -4.29 28.73
C ASP D 45 28.19 -5.27 29.84
N LYS D 46 28.08 -4.82 31.08
CA LYS D 46 28.43 -5.69 32.23
C LYS D 46 27.48 -6.89 32.26
N ASN D 47 26.20 -6.69 31.94
CA ASN D 47 25.25 -7.79 31.94
C ASN D 47 25.46 -8.75 30.78
N HIS D 48 26.27 -8.39 29.80
CA HIS D 48 26.55 -9.26 28.67
C HIS D 48 27.69 -10.23 29.04
N ASN D 49 28.04 -11.09 28.09
CA ASN D 49 29.02 -12.15 28.31
C ASN D 49 30.40 -11.83 27.73
N LYS D 50 30.46 -11.09 26.63
CA LYS D 50 31.71 -10.80 25.96
C LYS D 50 31.76 -9.33 25.57
N LYS D 51 32.97 -8.81 25.39
CA LYS D 51 33.13 -7.48 24.84
C LYS D 51 32.69 -7.46 23.38
N LEU D 52 32.09 -6.36 22.97
CA LEU D 52 31.52 -6.26 21.63
C LEU D 52 32.21 -5.16 20.84
N LEU D 53 32.17 -5.30 19.52
CA LEU D 53 32.70 -4.30 18.59
C LEU D 53 31.97 -4.49 17.28
N VAL D 54 31.17 -3.50 16.88
CA VAL D 54 30.44 -3.53 15.63
C VAL D 54 31.18 -2.66 14.63
N ILE D 55 31.45 -3.20 13.44
CA ILE D 55 32.21 -2.53 12.41
C ILE D 55 31.32 -2.35 11.19
N ARG D 56 31.19 -1.11 10.72
CA ARG D 56 30.36 -0.78 9.57
C ARG D 56 31.27 -0.26 8.48
N THR D 57 31.52 -1.09 7.45
CA THR D 57 32.39 -0.72 6.34
C THR D 57 31.56 0.03 5.30
N LYS D 58 31.25 1.29 5.61
CA LYS D 58 30.45 2.10 4.71
C LYS D 58 31.17 2.35 3.40
N GLY D 59 32.25 3.13 3.43
CA GLY D 59 33.09 3.32 2.26
C GLY D 59 32.39 3.73 0.98
N THR D 60 33.08 3.53 -0.15
CA THR D 60 32.53 3.71 -1.49
C THR D 60 33.52 3.13 -2.49
N ILE D 61 32.99 2.42 -3.50
CA ILE D 61 33.80 1.81 -4.56
C ILE D 61 33.35 2.41 -5.88
N ALA D 62 34.30 2.90 -6.66
CA ALA D 62 33.98 3.53 -7.93
C ALA D 62 33.54 2.49 -8.96
N GLY D 63 32.97 2.96 -10.06
CA GLY D 63 32.46 2.09 -11.09
C GLY D 63 33.48 1.74 -12.15
N GLN D 64 34.20 2.74 -12.65
CA GLN D 64 35.21 2.56 -13.69
C GLN D 64 34.60 1.96 -14.96
N TYR D 65 33.69 2.71 -15.56
CA TYR D 65 32.99 2.33 -16.79
C TYR D 65 33.50 3.23 -17.91
N ARG D 66 34.37 2.68 -18.75
CA ARG D 66 34.99 3.47 -19.80
C ARG D 66 35.51 2.55 -20.89
N VAL D 67 35.77 3.15 -22.06
CA VAL D 67 36.31 2.42 -23.20
C VAL D 67 37.83 2.41 -23.09
N TYR D 68 38.41 1.21 -22.95
CA TYR D 68 39.84 1.11 -22.71
C TYR D 68 40.64 1.08 -24.01
N SER D 69 40.14 0.40 -25.04
CA SER D 69 40.90 0.24 -26.27
C SER D 69 40.00 0.48 -27.48
N GLU D 70 40.56 1.12 -28.50
CA GLU D 70 39.91 1.27 -29.80
C GLU D 70 40.93 0.99 -30.90
N GLU D 71 40.48 0.28 -31.93
CA GLU D 71 41.34 -0.10 -33.07
C GLU D 71 40.63 0.37 -34.34
N GLY D 72 40.84 1.63 -34.70
CA GLY D 72 40.13 2.15 -35.85
C GLY D 72 38.63 2.22 -35.58
N ALA D 73 37.88 2.23 -36.68
CA ALA D 73 36.43 2.21 -36.62
C ALA D 73 35.85 0.80 -36.67
N ASN D 74 36.69 -0.22 -36.79
CA ASN D 74 36.20 -1.58 -36.95
C ASN D 74 35.82 -2.23 -35.62
N LYS D 75 36.58 -1.98 -34.57
CA LYS D 75 36.32 -2.63 -33.29
C LYS D 75 36.84 -1.78 -32.14
N SER D 76 36.25 -1.99 -30.96
CA SER D 76 36.65 -1.29 -29.75
C SER D 76 36.17 -2.08 -28.55
N GLY D 77 36.76 -1.80 -27.39
CA GLY D 77 36.46 -2.50 -26.16
C GLY D 77 35.78 -1.62 -25.12
N LEU D 78 35.46 -2.25 -24.00
CA LEU D 78 34.79 -1.57 -22.90
C LEU D 78 34.99 -2.38 -21.63
N ALA D 79 35.32 -1.69 -20.54
CA ALA D 79 35.49 -2.32 -19.23
C ALA D 79 34.40 -1.79 -18.30
N TRP D 80 33.62 -2.69 -17.73
CA TRP D 80 32.53 -2.31 -16.85
C TRP D 80 32.56 -3.15 -15.59
N PRO D 81 32.08 -2.61 -14.46
CA PRO D 81 32.17 -3.34 -13.19
C PRO D 81 31.16 -4.47 -13.11
N SER D 82 31.66 -5.70 -13.17
CA SER D 82 30.77 -6.86 -13.11
C SER D 82 30.27 -7.13 -11.70
N ALA D 83 31.13 -6.90 -10.70
CA ALA D 83 30.76 -7.23 -9.33
C ALA D 83 31.60 -6.41 -8.36
N PHE D 84 30.98 -6.05 -7.23
CA PHE D 84 31.65 -5.38 -6.12
C PHE D 84 31.68 -6.31 -4.92
N LYS D 85 32.81 -6.37 -4.23
CA LYS D 85 32.96 -7.23 -3.08
C LYS D 85 33.64 -6.47 -1.95
N VAL D 86 33.29 -6.84 -0.72
CA VAL D 86 33.94 -6.31 0.48
C VAL D 86 33.87 -7.38 1.56
N GLN D 87 35.02 -7.72 2.13
CA GLN D 87 35.11 -8.82 3.07
C GLN D 87 36.07 -8.49 4.20
N LEU D 88 35.78 -9.01 5.39
CA LEU D 88 36.62 -8.85 6.56
C LEU D 88 37.17 -10.21 6.98
N GLN D 89 38.41 -10.23 7.44
CA GLN D 89 39.06 -11.47 7.84
C GLN D 89 39.83 -11.26 9.13
N LEU D 90 40.00 -12.35 9.88
CA LEU D 90 40.77 -12.39 11.11
C LEU D 90 41.89 -13.42 10.98
N PRO D 91 43.03 -13.19 11.63
CA PRO D 91 44.11 -14.18 11.59
C PRO D 91 43.68 -15.50 12.21
N ASP D 92 44.27 -16.59 11.71
CA ASP D 92 43.90 -17.92 12.17
C ASP D 92 44.23 -18.11 13.65
N ASN D 93 45.27 -17.46 14.14
CA ASN D 93 45.70 -17.59 15.53
C ASN D 93 44.96 -16.65 16.48
N GLU D 94 44.03 -15.85 15.97
CA GLU D 94 43.34 -14.86 16.79
C GLU D 94 42.36 -15.56 17.73
N VAL D 95 41.97 -14.83 18.78
CA VAL D 95 41.04 -15.35 19.78
C VAL D 95 39.64 -14.77 19.63
N ALA D 96 39.49 -13.61 18.98
CA ALA D 96 38.17 -13.03 18.77
C ALA D 96 37.41 -13.84 17.71
N GLN D 97 36.10 -13.60 17.65
CA GLN D 97 35.23 -14.35 16.75
C GLN D 97 34.21 -13.40 16.12
N ILE D 98 33.72 -13.80 14.96
CA ILE D 98 32.66 -13.07 14.26
C ILE D 98 31.33 -13.63 14.72
N SER D 99 30.44 -12.75 15.21
CA SER D 99 29.17 -13.18 15.77
C SER D 99 28.00 -12.95 14.81
N ASP D 100 27.75 -11.71 14.40
CA ASP D 100 26.57 -11.39 13.60
C ASP D 100 26.95 -10.49 12.44
N TYR D 101 25.99 -10.34 11.53
CA TYR D 101 26.15 -9.57 10.30
C TYR D 101 24.76 -9.24 9.76
N TYR D 102 24.44 -7.96 9.61
CA TYR D 102 23.05 -7.60 9.31
C TYR D 102 22.60 -8.05 7.92
N PRO D 103 23.18 -7.56 6.82
CA PRO D 103 22.64 -7.93 5.51
C PRO D 103 22.88 -9.40 5.22
N ARG D 104 21.79 -10.16 5.12
CA ARG D 104 21.84 -11.61 4.98
C ARG D 104 20.90 -12.05 3.87
N ASN D 105 21.14 -13.25 3.37
CA ASN D 105 20.33 -13.81 2.30
C ASN D 105 18.88 -13.93 2.74
N SER D 106 17.97 -13.55 1.84
CA SER D 106 16.55 -13.58 2.11
C SER D 106 15.83 -14.35 1.01
N ILE D 107 14.77 -15.05 1.40
CA ILE D 107 13.98 -15.82 0.45
C ILE D 107 13.16 -14.87 -0.40
N ASP D 108 13.08 -15.16 -1.70
CA ASP D 108 12.35 -14.34 -2.65
C ASP D 108 11.12 -15.08 -3.16
N THR D 109 10.04 -14.34 -3.36
CA THR D 109 8.75 -14.89 -3.72
C THR D 109 8.42 -14.57 -5.17
N LYS D 110 7.29 -15.12 -5.63
CA LYS D 110 6.82 -14.89 -6.98
C LYS D 110 5.31 -15.04 -7.00
N GLU D 111 4.64 -14.27 -7.84
CA GLU D 111 3.21 -14.42 -8.04
C GLU D 111 2.93 -15.56 -9.02
N TYR D 112 1.68 -16.03 -9.00
CA TYR D 112 1.25 -17.05 -9.94
C TYR D 112 -0.26 -16.90 -10.13
N MET D 113 -0.73 -17.15 -11.34
CA MET D 113 -2.13 -16.91 -11.66
C MET D 113 -2.59 -17.92 -12.71
N SER D 114 -3.69 -18.61 -12.42
CA SER D 114 -4.29 -19.58 -13.32
C SER D 114 -5.65 -19.08 -13.77
N THR D 115 -5.90 -19.17 -15.07
CA THR D 115 -7.13 -18.66 -15.66
C THR D 115 -7.80 -19.75 -16.47
N LEU D 116 -9.13 -19.75 -16.46
CA LEU D 116 -9.94 -20.68 -17.24
C LEU D 116 -11.15 -19.94 -17.77
N THR D 117 -11.45 -20.12 -19.05
CA THR D 117 -12.54 -19.39 -19.69
C THR D 117 -13.36 -20.33 -20.56
N TYR D 118 -14.68 -20.28 -20.42
CA TYR D 118 -15.61 -20.96 -21.30
C TYR D 118 -16.33 -19.93 -22.16
N GLY D 119 -16.69 -20.35 -23.37
CA GLY D 119 -17.35 -19.44 -24.29
C GLY D 119 -18.43 -20.15 -25.08
N PHE D 120 -19.34 -19.34 -25.62
CA PHE D 120 -20.39 -19.80 -26.50
C PHE D 120 -20.64 -18.72 -27.54
N ASN D 121 -21.13 -19.13 -28.71
CA ASN D 121 -21.29 -18.20 -29.81
C ASN D 121 -22.39 -18.69 -30.74
N GLY D 122 -23.08 -17.74 -31.37
CA GLY D 122 -24.11 -18.07 -32.34
C GLY D 122 -24.57 -16.86 -33.13
N ASN D 123 -24.61 -16.98 -34.46
CA ASN D 123 -25.03 -15.88 -35.31
C ASN D 123 -25.94 -16.40 -36.41
N VAL D 124 -26.78 -15.51 -36.93
CA VAL D 124 -27.67 -15.81 -38.04
C VAL D 124 -27.35 -14.83 -39.17
N THR D 125 -27.09 -15.38 -40.35
CA THR D 125 -26.72 -14.58 -41.52
C THR D 125 -27.78 -14.73 -42.60
N GLY D 126 -28.13 -13.60 -43.23
CA GLY D 126 -29.09 -13.60 -44.31
C GLY D 126 -28.73 -12.57 -45.35
N ASP D 127 -29.24 -12.76 -46.56
CA ASP D 127 -28.98 -11.88 -47.69
C ASP D 127 -30.28 -11.54 -48.40
N ASP D 128 -30.16 -10.78 -49.48
CA ASP D 128 -31.34 -10.33 -50.22
C ASP D 128 -32.09 -11.49 -50.86
N THR D 129 -31.35 -12.47 -51.39
CA THR D 129 -31.97 -13.57 -52.13
C THR D 129 -32.73 -14.54 -51.24
N GLY D 130 -32.82 -14.30 -49.93
CA GLY D 130 -33.56 -15.16 -49.04
C GLY D 130 -32.78 -16.29 -48.42
N LYS D 131 -31.49 -16.44 -48.74
CA LYS D 131 -30.68 -17.46 -48.10
C LYS D 131 -30.53 -17.15 -46.61
N ILE D 132 -30.66 -18.19 -45.80
CA ILE D 132 -30.55 -18.08 -44.35
C ILE D 132 -29.52 -19.09 -43.87
N GLY D 133 -28.57 -18.64 -43.05
CA GLY D 133 -27.54 -19.50 -42.53
C GLY D 133 -27.42 -19.38 -41.02
N GLY D 134 -26.79 -20.38 -40.42
CA GLY D 134 -26.61 -20.43 -38.98
C GLY D 134 -25.19 -20.83 -38.62
N LEU D 135 -24.88 -20.66 -37.33
CA LEU D 135 -23.57 -21.01 -36.80
C LEU D 135 -23.62 -21.06 -35.28
N ILE D 136 -23.19 -22.19 -34.70
CA ILE D 136 -23.12 -22.35 -33.25
C ILE D 136 -21.71 -22.80 -32.90
N GLY D 137 -21.08 -22.13 -31.93
CA GLY D 137 -19.72 -22.43 -31.58
C GLY D 137 -19.45 -22.29 -30.10
N ALA D 138 -18.31 -22.83 -29.68
CA ALA D 138 -17.87 -22.76 -28.30
C ALA D 138 -16.35 -22.83 -28.28
N ASN D 139 -15.77 -22.40 -27.16
CA ASN D 139 -14.31 -22.39 -27.02
C ASN D 139 -13.94 -22.51 -25.55
N VAL D 140 -12.70 -22.93 -25.30
CA VAL D 140 -12.13 -23.01 -23.97
C VAL D 140 -10.75 -22.36 -24.03
N SER D 141 -10.28 -21.90 -22.87
CA SER D 141 -8.97 -21.29 -22.77
C SER D 141 -8.39 -21.52 -21.39
N ILE D 142 -7.10 -21.86 -21.35
CA ILE D 142 -6.38 -22.06 -20.10
C ILE D 142 -5.13 -21.19 -20.13
N GLY D 143 -4.91 -20.41 -19.08
CA GLY D 143 -3.78 -19.52 -19.04
C GLY D 143 -3.00 -19.55 -17.74
N HIS D 144 -1.67 -19.47 -17.82
CA HIS D 144 -0.81 -19.43 -16.66
C HIS D 144 0.03 -18.16 -16.72
N THR D 145 0.00 -17.38 -15.63
CA THR D 145 0.73 -16.14 -15.54
C THR D 145 1.61 -16.16 -14.30
N LEU D 146 2.87 -15.76 -14.46
CA LEU D 146 3.83 -15.77 -13.37
C LEU D 146 4.67 -14.49 -13.46
N LYS D 147 4.67 -13.70 -12.38
CA LYS D 147 5.38 -12.44 -12.37
C LYS D 147 6.22 -12.31 -11.12
N TYR D 148 7.35 -11.61 -11.26
CA TYR D 148 8.30 -11.42 -10.18
C TYR D 148 9.13 -10.18 -10.46
N VAL D 149 9.81 -9.70 -9.42
CA VAL D 149 10.63 -8.49 -9.49
C VAL D 149 12.10 -8.89 -9.41
N GLN D 150 12.91 -8.36 -10.32
CA GLN D 150 14.34 -8.68 -10.39
C GLN D 150 15.15 -7.40 -10.43
N PRO D 151 16.05 -7.18 -9.48
CA PRO D 151 16.85 -5.95 -9.49
C PRO D 151 18.00 -6.03 -10.49
N ASP D 152 18.59 -4.86 -10.75
CA ASP D 152 19.74 -4.79 -11.64
C ASP D 152 20.97 -5.44 -11.00
N PHE D 153 21.23 -5.11 -9.74
CA PHE D 153 22.33 -5.69 -8.98
C PHE D 153 21.78 -6.44 -7.78
N LYS D 154 22.38 -7.58 -7.47
CA LYS D 154 21.88 -8.48 -6.42
C LYS D 154 22.96 -8.64 -5.36
N THR D 155 22.66 -8.21 -4.13
CA THR D 155 23.60 -8.36 -3.04
C THR D 155 23.49 -9.76 -2.42
N ILE D 156 24.65 -10.35 -2.13
CA ILE D 156 24.71 -11.70 -1.60
C ILE D 156 25.68 -11.71 -0.43
N LEU D 157 25.39 -12.54 0.57
CA LEU D 157 26.25 -12.75 1.73
C LEU D 157 26.96 -14.09 1.55
N GLU D 158 28.25 -14.04 1.24
CA GLU D 158 29.03 -15.26 1.12
C GLU D 158 29.09 -15.98 2.46
N SER D 159 29.13 -17.32 2.39
CA SER D 159 29.09 -18.18 3.57
C SER D 159 30.09 -17.73 4.60
N PRO D 160 29.63 -17.21 5.74
CA PRO D 160 30.55 -16.64 6.75
C PRO D 160 31.06 -17.73 7.69
N THR D 161 32.38 -17.86 7.76
CA THR D 161 33.01 -18.75 8.72
C THR D 161 33.20 -18.00 10.04
N ASP D 162 33.91 -18.61 10.97
CA ASP D 162 34.15 -17.99 12.28
C ASP D 162 35.10 -16.81 12.17
N LYS D 163 36.06 -16.87 11.25
CA LYS D 163 37.09 -15.84 11.16
C LYS D 163 36.84 -14.79 10.10
N LYS D 164 36.19 -15.14 9.00
CA LYS D 164 35.98 -14.19 7.92
C LYS D 164 34.53 -14.18 7.47
N VAL D 165 34.02 -12.99 7.16
CA VAL D 165 32.69 -12.80 6.59
C VAL D 165 32.80 -11.79 5.46
N GLY D 166 32.11 -12.07 4.35
CA GLY D 166 32.19 -11.19 3.20
C GLY D 166 30.88 -11.13 2.45
N TRP D 167 30.63 -9.99 1.83
CA TRP D 167 29.45 -9.76 1.01
C TRP D 167 29.85 -9.67 -0.45
N LYS D 168 28.85 -9.53 -1.32
CA LYS D 168 29.08 -9.57 -2.76
C LYS D 168 27.86 -8.99 -3.47
N VAL D 169 28.12 -8.13 -4.45
CA VAL D 169 27.07 -7.53 -5.28
C VAL D 169 27.40 -7.85 -6.74
N ILE D 170 26.48 -8.52 -7.43
CA ILE D 170 26.71 -9.00 -8.78
C ILE D 170 25.72 -8.32 -9.72
N PHE D 171 25.98 -8.48 -11.01
CA PHE D 171 25.19 -7.86 -12.07
C PHE D 171 24.13 -8.87 -12.54
N ASN D 172 22.90 -8.69 -12.05
CA ASN D 172 21.80 -9.58 -12.41
C ASN D 172 21.46 -9.46 -13.90
N ASN D 173 20.94 -8.32 -14.31
CA ASN D 173 20.60 -8.05 -15.70
C ASN D 173 20.21 -6.59 -15.84
N MET D 174 20.19 -6.11 -17.08
CA MET D 174 19.93 -4.72 -17.38
C MET D 174 19.01 -4.61 -18.59
N VAL D 175 18.21 -3.55 -18.65
CA VAL D 175 17.34 -3.29 -19.85
C VAL D 175 18.04 -2.24 -20.73
N ASN D 176 18.28 -2.56 -22.01
CA ASN D 176 19.00 -1.62 -22.92
C ASN D 176 18.00 -0.83 -23.74
N GLN D 177 17.84 0.46 -23.47
CA GLN D 177 16.92 1.34 -24.24
C GLN D 177 15.57 0.63 -24.44
N ASN D 178 14.86 0.30 -23.36
CA ASN D 178 13.50 -0.30 -23.43
C ASN D 178 13.48 -1.71 -24.04
N TRP D 179 14.61 -2.20 -24.55
CA TRP D 179 14.67 -3.59 -25.08
C TRP D 179 14.71 -4.57 -23.91
N GLY D 180 14.45 -5.85 -24.17
CA GLY D 180 14.35 -6.85 -23.09
C GLY D 180 15.59 -6.92 -22.23
N PRO D 181 15.49 -7.43 -20.99
CA PRO D 181 16.63 -7.45 -20.10
C PRO D 181 17.74 -8.33 -20.65
N TYR D 182 18.98 -7.82 -20.65
CA TYR D 182 20.14 -8.61 -21.14
C TYR D 182 21.08 -8.90 -19.99
N ASP D 183 21.88 -9.98 -20.07
CA ASP D 183 22.84 -10.31 -19.04
C ASP D 183 24.13 -10.76 -19.70
N ARG D 184 25.11 -11.13 -18.88
CA ARG D 184 26.43 -11.46 -19.40
C ARG D 184 26.41 -12.67 -20.31
N ASP D 185 25.50 -13.63 -20.07
CA ASP D 185 25.42 -14.84 -20.87
C ASP D 185 24.43 -14.74 -22.02
N SER D 186 23.77 -13.60 -22.19
CA SER D 186 22.85 -13.44 -23.31
C SER D 186 23.57 -13.54 -24.64
N TRP D 187 22.93 -14.20 -25.60
CA TRP D 187 23.53 -14.39 -26.92
C TRP D 187 22.46 -14.33 -27.99
N ASN D 188 22.83 -13.80 -29.15
CA ASN D 188 21.96 -13.73 -30.31
C ASN D 188 22.81 -14.17 -31.50
N PRO D 189 22.31 -15.08 -32.33
CA PRO D 189 23.13 -15.56 -33.46
C PRO D 189 23.55 -14.45 -34.41
N VAL D 190 22.72 -13.43 -34.61
CA VAL D 190 23.04 -12.36 -35.53
C VAL D 190 23.88 -11.28 -34.85
N TYR D 191 23.35 -10.70 -33.78
CA TYR D 191 23.98 -9.54 -33.14
C TYR D 191 24.90 -9.92 -31.98
N GLY D 192 24.66 -11.04 -31.32
CA GLY D 192 25.48 -11.42 -30.18
C GLY D 192 24.98 -10.83 -28.89
N ASN D 193 25.90 -10.51 -27.97
CA ASN D 193 25.53 -9.90 -26.71
C ASN D 193 25.31 -8.40 -26.95
N GLN D 194 24.04 -7.98 -26.94
CA GLN D 194 23.67 -6.59 -27.20
C GLN D 194 23.52 -5.80 -25.91
N LEU D 195 24.26 -6.15 -24.87
CA LEU D 195 24.10 -5.53 -23.55
C LEU D 195 24.39 -4.04 -23.61
N PHE D 196 25.64 -3.66 -23.84
CA PHE D 196 26.02 -2.26 -23.97
C PHE D 196 26.23 -1.89 -25.44
N MET D 197 25.13 -1.91 -26.19
CA MET D 197 25.14 -1.57 -27.60
C MET D 197 24.20 -0.40 -27.85
N LYS D 198 24.70 0.61 -28.57
CA LYS D 198 23.89 1.79 -28.87
C LYS D 198 22.93 1.53 -30.03
N THR D 199 23.48 1.22 -31.20
CA THR D 199 22.69 0.95 -32.40
C THR D 199 23.15 -0.35 -33.03
N ARG D 200 22.19 -1.14 -33.50
CA ARG D 200 22.51 -2.45 -34.07
C ARG D 200 23.33 -2.33 -35.34
N ASN D 201 22.96 -1.40 -36.22
CA ASN D 201 23.64 -1.23 -37.50
C ASN D 201 23.95 0.24 -37.77
N GLY D 202 24.43 0.94 -36.76
CA GLY D 202 24.84 2.31 -36.95
C GLY D 202 26.12 2.41 -37.77
N SER D 203 26.32 3.58 -38.37
CA SER D 203 27.49 3.84 -39.20
C SER D 203 28.58 4.61 -38.47
N MET D 204 28.43 4.83 -37.17
CA MET D 204 29.39 5.61 -36.41
C MET D 204 30.65 4.78 -36.13
N LYS D 205 31.59 5.40 -35.44
CA LYS D 205 32.81 4.71 -35.04
C LYS D 205 32.51 3.65 -33.97
N ALA D 206 33.35 2.63 -33.92
CA ALA D 206 33.13 1.54 -32.96
C ALA D 206 33.16 2.04 -31.53
N ALA D 207 34.13 2.90 -31.20
CA ALA D 207 34.21 3.46 -29.86
C ALA D 207 33.02 4.34 -29.55
N ASP D 208 32.48 5.03 -30.55
CA ASP D 208 31.32 5.89 -30.33
C ASP D 208 30.06 5.06 -30.08
N ASN D 209 29.97 3.87 -30.66
CA ASN D 209 28.78 3.03 -30.54
C ASN D 209 28.85 2.27 -29.21
N PHE D 210 28.54 2.98 -28.12
CA PHE D 210 28.40 2.36 -26.82
C PHE D 210 27.32 3.10 -26.04
N LEU D 211 26.64 2.36 -25.17
CA LEU D 211 25.54 2.92 -24.40
C LEU D 211 26.04 4.04 -23.49
N ASP D 212 25.29 5.13 -23.46
CA ASP D 212 25.65 6.27 -22.63
C ASP D 212 25.63 5.86 -21.15
N PRO D 213 26.67 6.19 -20.38
CA PRO D 213 26.67 5.80 -18.96
C PRO D 213 25.49 6.34 -18.19
N ASN D 214 24.96 7.52 -18.58
CA ASN D 214 23.76 8.02 -17.94
C ASN D 214 22.56 7.10 -18.19
N LYS D 215 22.45 6.58 -19.41
CA LYS D 215 21.35 5.66 -19.73
C LYS D 215 21.45 4.38 -18.91
N ALA D 216 22.66 3.87 -18.73
CA ALA D 216 22.84 2.63 -17.97
C ALA D 216 22.62 2.89 -16.48
N SER D 217 22.81 1.85 -15.68
CA SER D 217 22.62 1.96 -14.25
C SER D 217 23.66 2.89 -13.63
N SER D 218 23.30 3.47 -12.50
CA SER D 218 24.20 4.40 -11.81
C SER D 218 25.43 3.70 -11.27
N LEU D 219 25.26 2.47 -10.76
CA LEU D 219 26.37 1.75 -10.16
C LEU D 219 27.47 1.41 -11.17
N LEU D 220 27.15 1.35 -12.46
CA LEU D 220 28.16 1.02 -13.45
C LEU D 220 29.22 2.11 -13.55
N SER D 221 28.80 3.37 -13.54
CA SER D 221 29.70 4.50 -13.77
C SER D 221 30.11 5.20 -12.48
N SER D 222 29.14 5.53 -11.62
CA SER D 222 29.41 6.25 -10.39
C SER D 222 29.74 5.32 -9.22
N GLY D 223 29.64 4.01 -9.40
CA GLY D 223 30.07 3.08 -8.39
C GLY D 223 29.02 2.74 -7.35
N PHE D 224 29.42 1.84 -6.46
CA PHE D 224 28.55 1.28 -5.43
C PHE D 224 29.11 1.60 -4.06
N SER D 225 28.27 2.16 -3.18
CA SER D 225 28.67 2.50 -1.83
C SER D 225 28.02 1.54 -0.84
N PRO D 226 28.78 0.62 -0.25
CA PRO D 226 28.17 -0.39 0.62
C PRO D 226 27.77 0.16 1.98
N ASP D 227 26.94 -0.62 2.67
CA ASP D 227 26.60 -0.36 4.07
C ASP D 227 26.37 -1.73 4.72
N PHE D 228 27.43 -2.27 5.33
CA PHE D 228 27.43 -3.61 5.88
C PHE D 228 27.93 -3.56 7.31
N ALA D 229 27.30 -4.32 8.20
CA ALA D 229 27.59 -4.28 9.63
C ALA D 229 27.99 -5.66 10.12
N THR D 230 29.05 -5.73 10.92
CA THR D 230 29.51 -6.97 11.52
C THR D 230 30.02 -6.68 12.93
N VAL D 231 29.81 -7.65 13.82
CA VAL D 231 30.15 -7.49 15.23
C VAL D 231 31.13 -8.59 15.63
N ILE D 232 32.21 -8.20 16.31
CA ILE D 232 33.25 -9.12 16.75
C ILE D 232 33.21 -9.18 18.27
N THR D 233 33.18 -10.39 18.81
CA THR D 233 33.11 -10.60 20.25
C THR D 233 34.39 -11.25 20.75
N MET D 234 34.92 -10.71 21.85
CA MET D 234 36.16 -11.18 22.44
C MET D 234 35.94 -11.49 23.90
N ASP D 235 36.41 -12.64 24.35
CA ASP D 235 36.29 -13.01 25.76
C ASP D 235 37.03 -12.01 26.63
N ARG D 236 36.40 -11.60 27.73
CA ARG D 236 36.96 -10.56 28.60
C ARG D 236 38.05 -11.08 29.52
N LYS D 237 38.32 -12.38 29.53
CA LYS D 237 39.40 -12.95 30.34
C LYS D 237 40.60 -13.35 29.50
N ALA D 238 40.65 -12.95 28.24
CA ALA D 238 41.75 -13.35 27.36
C ALA D 238 43.06 -12.72 27.82
N SER D 239 44.15 -13.45 27.59
CA SER D 239 45.47 -12.95 27.97
C SER D 239 45.87 -11.75 27.14
N LYS D 240 45.68 -11.83 25.83
CA LYS D 240 46.03 -10.74 24.91
C LYS D 240 44.78 -9.97 24.52
N GLN D 241 44.83 -8.65 24.69
CA GLN D 241 43.70 -7.78 24.42
C GLN D 241 43.86 -6.98 23.13
N GLN D 242 44.70 -7.44 22.21
CA GLN D 242 44.92 -6.76 20.94
C GLN D 242 44.59 -7.70 19.80
N THR D 243 43.92 -7.15 18.78
CA THR D 243 43.40 -7.94 17.67
C THR D 243 43.69 -7.20 16.37
N ASN D 244 43.89 -7.96 15.29
CA ASN D 244 44.13 -7.42 13.97
C ASN D 244 43.03 -7.87 13.02
N ILE D 245 42.58 -6.96 12.16
CA ILE D 245 41.57 -7.24 11.15
C ILE D 245 42.10 -6.83 9.79
N ASP D 246 41.57 -7.46 8.74
CA ASP D 246 41.88 -7.09 7.36
C ASP D 246 40.57 -6.79 6.65
N VAL D 247 40.55 -5.69 5.90
CA VAL D 247 39.38 -5.27 5.15
C VAL D 247 39.76 -5.19 3.68
N ILE D 248 38.99 -5.88 2.83
CA ILE D 248 39.25 -5.92 1.39
C ILE D 248 38.05 -5.32 0.68
N TYR D 249 38.33 -4.63 -0.43
CA TYR D 249 37.32 -3.90 -1.20
C TYR D 249 37.43 -4.23 -2.68
N GLU D 250 37.54 -5.51 -3.00
CA GLU D 250 37.85 -5.90 -4.37
C GLU D 250 36.70 -5.61 -5.32
N ARG D 251 37.04 -5.31 -6.58
CA ARG D 251 36.09 -5.03 -7.64
C ARG D 251 36.49 -5.78 -8.90
N VAL D 252 35.51 -6.38 -9.56
CA VAL D 252 35.74 -7.24 -10.72
C VAL D 252 35.14 -6.57 -11.95
N ARG D 253 35.93 -6.47 -13.02
CA ARG D 253 35.51 -5.84 -14.27
C ARG D 253 35.51 -6.86 -15.39
N ASP D 254 34.64 -6.64 -16.37
CA ASP D 254 34.51 -7.50 -17.54
C ASP D 254 34.84 -6.72 -18.81
N ASP D 255 35.16 -7.46 -19.86
CA ASP D 255 35.56 -6.89 -21.15
C ASP D 255 34.42 -7.10 -22.14
N TYR D 256 33.80 -5.99 -22.56
CA TYR D 256 32.74 -6.02 -23.56
C TYR D 256 33.27 -5.36 -24.83
N GLN D 257 33.29 -6.13 -25.92
CA GLN D 257 33.78 -5.65 -27.21
C GLN D 257 32.72 -5.89 -28.27
N LEU D 258 32.47 -4.89 -29.10
CA LEU D 258 31.63 -5.06 -30.27
C LEU D 258 32.47 -4.94 -31.54
N HIS D 259 32.09 -5.73 -32.55
CA HIS D 259 32.84 -5.86 -33.78
C HIS D 259 31.91 -5.69 -34.96
N TRP D 260 32.36 -4.94 -35.96
CA TRP D 260 31.60 -4.71 -37.19
C TRP D 260 31.95 -5.82 -38.18
N THR D 261 31.05 -6.78 -38.35
CA THR D 261 31.39 -7.96 -39.16
C THR D 261 31.25 -7.67 -40.65
N SER D 262 30.04 -7.49 -41.12
CA SER D 262 29.84 -7.01 -42.49
C SER D 262 28.82 -5.89 -42.60
N THR D 263 27.71 -5.98 -41.87
CA THR D 263 26.62 -5.02 -42.00
C THR D 263 26.16 -4.49 -40.65
N ASN D 264 26.22 -5.32 -39.62
CA ASN D 264 25.73 -4.98 -38.30
C ASN D 264 26.81 -5.17 -37.25
N TRP D 265 26.64 -4.50 -36.12
CA TRP D 265 27.56 -4.65 -35.00
C TRP D 265 27.30 -5.95 -34.27
N LYS D 266 28.38 -6.63 -33.88
CA LYS D 266 28.30 -7.87 -33.13
C LYS D 266 29.08 -7.69 -31.83
N GLY D 267 28.42 -7.98 -30.71
CA GLY D 267 28.99 -7.74 -29.38
C GLY D 267 29.35 -9.03 -28.67
N THR D 268 30.49 -9.04 -28.01
CA THR D 268 30.99 -10.19 -27.28
C THR D 268 31.45 -9.75 -25.90
N ASN D 269 31.19 -10.59 -24.89
CA ASN D 269 31.53 -10.28 -23.50
C ASN D 269 32.47 -11.34 -22.95
N THR D 270 33.48 -10.91 -22.21
CA THR D 270 34.47 -11.78 -21.60
C THR D 270 34.44 -11.52 -20.09
N LYS D 271 33.78 -12.41 -19.35
CA LYS D 271 33.55 -12.18 -17.94
C LYS D 271 34.83 -12.37 -17.13
N ASP D 272 34.92 -11.62 -16.03
CA ASP D 272 36.03 -11.71 -15.07
C ASP D 272 37.39 -11.49 -15.76
N LYS D 273 37.56 -10.29 -16.31
CA LYS D 273 38.78 -9.94 -17.01
C LYS D 273 39.82 -9.35 -16.08
N TRP D 274 39.42 -8.42 -15.22
CA TRP D 274 40.31 -7.77 -14.27
C TRP D 274 39.69 -7.77 -12.88
N THR D 275 40.56 -7.72 -11.86
CA THR D 275 40.14 -7.57 -10.47
C THR D 275 41.07 -6.59 -9.79
N ASP D 276 40.51 -5.61 -9.11
CA ASP D 276 41.27 -4.63 -8.34
C ASP D 276 41.00 -4.85 -6.86
N ARG D 277 42.08 -5.08 -6.09
CA ARG D 277 41.96 -5.39 -4.67
C ARG D 277 42.66 -4.32 -3.84
N SER D 278 42.01 -3.94 -2.74
CA SER D 278 42.56 -2.94 -1.81
C SER D 278 42.35 -3.47 -0.39
N SER D 279 43.39 -4.03 0.20
CA SER D 279 43.35 -4.60 1.53
C SER D 279 44.12 -3.72 2.49
N GLU D 280 43.51 -3.42 3.64
CA GLU D 280 44.16 -2.66 4.70
C GLU D 280 43.97 -3.39 6.03
N ARG D 281 45.00 -3.37 6.86
CA ARG D 281 44.99 -4.07 8.14
C ARG D 281 44.82 -3.07 9.28
N TYR D 282 43.83 -3.31 10.12
CA TYR D 282 43.56 -2.50 11.30
C TYR D 282 43.96 -3.25 12.56
N LYS D 283 44.22 -2.51 13.62
CA LYS D 283 44.57 -3.07 14.93
C LYS D 283 43.53 -2.66 15.95
N ILE D 284 43.09 -3.61 16.76
CA ILE D 284 42.07 -3.39 17.78
C ILE D 284 42.74 -3.43 19.14
N ASP D 285 42.44 -2.44 19.99
CA ASP D 285 42.92 -2.40 21.37
C ASP D 285 41.69 -2.46 22.27
N TRP D 286 41.35 -3.66 22.72
CA TRP D 286 40.15 -3.84 23.54
C TRP D 286 40.28 -3.13 24.88
N GLU D 287 41.48 -3.15 25.48
CA GLU D 287 41.66 -2.51 26.78
C GLU D 287 41.44 -1.01 26.70
N LYS D 288 41.98 -0.35 25.68
CA LYS D 288 41.80 1.08 25.50
C LYS D 288 40.56 1.44 24.70
N GLU D 289 39.89 0.46 24.09
CA GLU D 289 38.69 0.68 23.29
C GLU D 289 38.95 1.68 22.16
N GLU D 290 39.88 1.30 21.27
CA GLU D 290 40.18 2.13 20.11
C GLU D 290 40.79 1.25 19.02
N MET D 291 40.35 1.45 17.78
CA MET D 291 40.90 0.78 16.61
C MET D 291 41.59 1.82 15.74
N THR D 292 42.88 1.62 15.49
CA THR D 292 43.69 2.62 14.82
C THR D 292 44.59 1.98 13.76
N ASN D 293 44.53 2.52 12.54
CA ASN D 293 45.50 2.23 11.48
C ASN D 293 45.18 3.06 10.24
N ALA E 1 19.97 -1.96 9.89
CA ALA E 1 19.11 -1.97 11.07
C ALA E 1 19.91 -2.31 12.32
N ASP E 2 19.91 -1.39 13.29
CA ASP E 2 20.63 -1.61 14.54
C ASP E 2 19.98 -2.71 15.37
N SER E 3 18.65 -2.80 15.34
CA SER E 3 17.94 -3.77 16.15
C SER E 3 18.04 -5.20 15.62
N ASP E 4 18.54 -5.38 14.39
CA ASP E 4 18.65 -6.71 13.82
C ASP E 4 19.91 -7.44 14.25
N ILE E 5 20.85 -6.74 14.90
CA ILE E 5 22.05 -7.34 15.46
C ILE E 5 21.92 -7.56 16.96
N ASN E 6 20.71 -7.38 17.51
CA ASN E 6 20.33 -7.50 18.90
C ASN E 6 20.86 -6.35 19.74
N ILE E 7 21.47 -5.34 19.13
CA ILE E 7 21.88 -4.14 19.84
C ILE E 7 20.66 -3.23 20.02
N LYS E 8 20.58 -2.58 21.19
CA LYS E 8 19.50 -1.64 21.42
C LYS E 8 19.57 -0.51 20.41
N THR E 9 18.41 -0.15 19.87
CA THR E 9 18.35 0.83 18.79
C THR E 9 18.86 2.19 19.26
N GLY E 10 19.66 2.83 18.39
CA GLY E 10 20.22 4.12 18.69
C GLY E 10 21.47 4.11 19.55
N THR E 11 21.94 2.94 19.98
CA THR E 11 23.09 2.87 20.86
C THR E 11 24.36 3.33 20.15
N THR E 12 24.54 2.92 18.90
CA THR E 12 25.78 3.20 18.17
C THR E 12 25.82 4.58 17.53
N ASP E 13 24.72 5.32 17.57
CA ASP E 13 24.71 6.65 16.98
C ASP E 13 25.53 7.62 17.82
N ILE E 14 25.86 8.76 17.23
CA ILE E 14 26.72 9.76 17.86
C ILE E 14 25.97 11.07 17.96
N GLY E 15 26.13 11.75 19.10
CA GLY E 15 25.46 13.01 19.32
C GLY E 15 24.78 13.07 20.68
N SER E 16 24.96 12.04 21.48
CA SER E 16 24.32 11.97 22.78
C SER E 16 25.00 12.89 23.79
N ASN E 17 24.19 13.51 24.65
CA ASN E 17 24.64 14.39 25.73
C ASN E 17 25.78 15.31 25.29
N THR E 18 25.49 16.10 24.27
CA THR E 18 26.43 17.10 23.77
C THR E 18 25.67 18.25 23.16
N THR E 19 26.34 19.40 23.06
CA THR E 19 25.76 20.59 22.46
C THR E 19 26.38 20.80 21.09
N VAL E 20 25.52 20.94 20.07
CA VAL E 20 25.96 21.19 18.70
C VAL E 20 25.69 22.66 18.38
N LYS E 21 26.69 23.32 17.80
CA LYS E 21 26.57 24.72 17.42
C LYS E 21 26.30 24.78 15.92
N THR E 22 25.04 24.99 15.56
CA THR E 22 24.60 25.05 14.18
C THR E 22 24.93 26.41 13.58
N GLY E 23 24.47 26.65 12.35
CA GLY E 23 24.74 27.92 11.71
C GLY E 23 24.05 27.99 10.37
N ASP E 24 24.27 29.10 9.68
CA ASP E 24 23.60 29.33 8.39
C ASP E 24 24.32 30.44 7.66
N LEU E 25 24.54 30.24 6.36
CA LEU E 25 25.14 31.25 5.50
C LEU E 25 24.39 31.28 4.18
N VAL E 26 23.87 32.45 3.83
CA VAL E 26 23.02 32.62 2.65
C VAL E 26 23.64 33.65 1.73
N THR E 27 23.73 33.31 0.45
CA THR E 27 24.29 34.21 -0.56
C THR E 27 23.56 33.97 -1.88
N TYR E 28 23.34 35.05 -2.63
CA TYR E 28 22.64 34.99 -3.91
C TYR E 28 23.56 35.48 -5.01
N ASP E 29 23.63 34.73 -6.10
CA ASP E 29 24.46 35.04 -7.25
C ASP E 29 23.56 35.58 -8.35
N LYS E 30 23.50 36.90 -8.47
CA LYS E 30 22.59 37.54 -9.43
C LYS E 30 22.96 37.15 -10.86
N GLU E 31 24.26 37.06 -11.16
CA GLU E 31 24.69 36.76 -12.53
C GLU E 31 24.22 35.39 -12.98
N ASN E 32 24.31 34.39 -12.10
CA ASN E 32 23.96 33.02 -12.44
C ASN E 32 22.59 32.59 -11.91
N GLY E 33 21.94 33.40 -11.08
CA GLY E 33 20.63 33.06 -10.56
C GLY E 33 20.63 31.84 -9.67
N MET E 34 21.59 31.76 -8.75
CA MET E 34 21.72 30.62 -7.84
C MET E 34 21.64 31.14 -6.41
N HIS E 35 20.55 30.83 -5.72
CA HIS E 35 20.37 31.19 -4.31
C HIS E 35 20.96 30.07 -3.46
N LYS E 36 22.28 30.14 -3.26
CA LYS E 36 22.99 29.11 -2.53
C LYS E 36 22.96 29.36 -1.02
N LYS E 37 22.86 28.28 -0.26
CA LYS E 37 22.83 28.33 1.19
C LYS E 37 23.41 27.04 1.75
N VAL E 38 24.17 27.16 2.83
CA VAL E 38 24.74 25.99 3.52
C VAL E 38 24.34 26.05 4.98
N PHE E 39 24.04 24.89 5.56
CA PHE E 39 23.63 24.76 6.95
C PHE E 39 24.60 23.80 7.64
N TYR E 40 25.47 24.34 8.49
CA TYR E 40 26.49 23.54 9.15
C TYR E 40 26.09 23.23 10.59
N SER E 41 26.78 22.24 11.17
CA SER E 41 26.53 21.81 12.54
C SER E 41 27.80 21.18 13.08
N PHE E 42 28.38 21.79 14.12
CA PHE E 42 29.60 21.30 14.73
C PHE E 42 29.26 20.34 15.87
N ILE E 43 29.64 19.08 15.71
CA ILE E 43 29.42 18.06 16.73
C ILE E 43 30.78 17.59 17.22
N ASP E 44 31.02 17.70 18.52
CA ASP E 44 32.25 17.20 19.16
C ASP E 44 31.84 16.30 20.31
N ASP E 45 31.65 15.02 20.01
CA ASP E 45 31.30 14.04 21.02
C ASP E 45 32.57 13.50 21.66
N LYS E 46 32.64 13.57 22.99
CA LYS E 46 33.85 13.09 23.70
C LYS E 46 34.04 11.60 23.45
N ASN E 47 32.96 10.83 23.42
CA ASN E 47 33.06 9.40 23.18
C ASN E 47 33.42 9.06 21.74
N HIS E 48 33.38 10.03 20.84
CA HIS E 48 33.74 9.80 19.45
C HIS E 48 35.26 9.95 19.28
N ASN E 49 35.74 9.76 18.05
CA ASN E 49 37.16 9.76 17.75
C ASN E 49 37.65 11.05 17.12
N LYS E 50 36.80 11.73 16.35
CA LYS E 50 37.20 12.94 15.64
C LYS E 50 36.11 13.99 15.78
N LYS E 51 36.51 15.25 15.61
CA LYS E 51 35.53 16.33 15.53
C LYS E 51 34.72 16.20 14.26
N LEU E 52 33.44 16.54 14.34
CA LEU E 52 32.53 16.36 13.21
C LEU E 52 31.97 17.71 12.77
N LEU E 53 31.57 17.74 11.50
CA LEU E 53 30.93 18.91 10.90
C LEU E 53 30.11 18.43 9.72
N VAL E 54 28.79 18.53 9.82
CA VAL E 54 27.89 18.13 8.75
C VAL E 54 27.44 19.39 8.02
N ILE E 55 27.55 19.37 6.70
CA ILE E 55 27.25 20.52 5.85
C ILE E 55 26.11 20.13 4.92
N ARG E 56 25.03 20.91 4.94
CA ARG E 56 23.87 20.67 4.10
C ARG E 56 23.74 21.83 3.13
N THR E 57 24.08 21.59 1.86
CA THR E 57 24.01 22.62 0.83
C THR E 57 22.61 22.64 0.24
N LYS E 58 21.68 23.21 1.01
CA LYS E 58 20.29 23.28 0.58
C LYS E 58 20.14 24.14 -0.66
N GLY E 59 20.34 25.45 -0.53
CA GLY E 59 20.36 26.35 -1.67
C GLY E 59 19.17 26.26 -2.61
N THR E 60 19.35 26.79 -3.83
CA THR E 60 18.40 26.67 -4.92
C THR E 60 19.09 27.14 -6.20
N ILE E 61 18.87 26.41 -7.29
CA ILE E 61 19.41 26.74 -8.61
C ILE E 61 18.26 26.98 -9.56
N ALA E 62 18.28 28.10 -10.26
CA ALA E 62 17.21 28.44 -11.17
C ALA E 62 17.26 27.56 -12.42
N GLY E 63 16.17 27.59 -13.19
CA GLY E 63 16.06 26.77 -14.37
C GLY E 63 16.58 27.43 -15.63
N GLN E 64 16.22 28.69 -15.86
CA GLN E 64 16.64 29.45 -17.03
C GLN E 64 16.19 28.76 -18.32
N TYR E 65 14.87 28.66 -18.48
CA TYR E 65 14.23 28.04 -19.65
C TYR E 65 13.58 29.17 -20.45
N ARG E 66 14.22 29.55 -21.55
CA ARG E 66 13.73 30.68 -22.35
C ARG E 66 14.29 30.59 -23.76
N VAL E 67 13.66 31.32 -24.67
CA VAL E 67 14.09 31.39 -26.05
C VAL E 67 15.15 32.49 -26.18
N TYR E 68 16.37 32.10 -26.55
CA TYR E 68 17.46 33.07 -26.57
C TYR E 68 17.55 33.80 -27.91
N SER E 69 17.31 33.11 -29.02
CA SER E 69 17.47 33.73 -30.33
C SER E 69 16.30 33.37 -31.24
N GLU E 70 15.89 34.35 -32.05
CA GLU E 70 14.90 34.14 -33.10
C GLU E 70 15.37 34.84 -34.36
N GLU E 71 15.19 34.17 -35.50
CA GLU E 71 15.60 34.70 -36.81
C GLU E 71 14.38 34.65 -37.73
N GLY E 72 13.54 35.68 -37.66
CA GLY E 72 12.32 35.65 -38.44
C GLY E 72 11.38 34.56 -37.95
N ALA E 73 10.50 34.15 -38.85
CA ALA E 73 9.57 33.05 -38.58
C ALA E 73 10.12 31.70 -39.03
N ASN E 74 11.32 31.66 -39.62
CA ASN E 74 11.82 30.41 -40.17
C ASN E 74 12.48 29.54 -39.10
N LYS E 75 13.20 30.13 -38.15
CA LYS E 75 13.90 29.34 -37.15
C LYS E 75 14.08 30.14 -35.86
N SER E 76 14.25 29.41 -34.76
CA SER E 76 14.48 30.02 -33.46
C SER E 76 15.11 28.98 -32.54
N GLY E 77 15.72 29.46 -31.46
CA GLY E 77 16.42 28.62 -30.52
C GLY E 77 15.75 28.56 -29.15
N LEU E 78 16.36 27.77 -28.28
CA LEU E 78 15.86 27.58 -26.92
C LEU E 78 16.97 27.03 -26.06
N ALA E 79 17.12 27.59 -24.86
CA ALA E 79 18.10 27.13 -23.88
C ALA E 79 17.36 26.57 -22.68
N TRP E 80 17.64 25.32 -22.34
CA TRP E 80 16.99 24.65 -21.24
C TRP E 80 18.02 23.95 -20.37
N PRO E 81 17.74 23.81 -19.06
CA PRO E 81 18.73 23.24 -18.13
C PRO E 81 18.85 21.73 -18.32
N SER E 82 19.97 21.28 -18.87
CA SER E 82 20.18 19.86 -19.07
C SER E 82 20.54 19.13 -17.79
N ALA E 83 21.29 19.78 -16.91
CA ALA E 83 21.76 19.13 -15.69
C ALA E 83 22.11 20.16 -14.64
N PHE E 84 21.86 19.80 -13.38
CA PHE E 84 22.25 20.59 -12.22
C PHE E 84 23.30 19.84 -11.43
N LYS E 85 24.33 20.55 -10.99
CA LYS E 85 25.41 19.95 -10.23
C LYS E 85 25.75 20.80 -9.02
N VAL E 86 26.19 20.15 -7.96
CA VAL E 86 26.69 20.82 -6.76
C VAL E 86 27.74 19.93 -6.12
N GLN E 87 28.92 20.48 -5.87
CA GLN E 87 30.05 19.69 -5.40
C GLN E 87 30.85 20.48 -4.38
N LEU E 88 31.43 19.76 -3.42
CA LEU E 88 32.29 20.34 -2.40
C LEU E 88 33.70 19.79 -2.57
N GLN E 89 34.70 20.63 -2.32
CA GLN E 89 36.09 20.23 -2.48
C GLN E 89 36.92 20.79 -1.33
N LEU E 90 38.01 20.09 -1.03
CA LEU E 90 38.99 20.47 -0.02
C LEU E 90 40.35 20.63 -0.66
N PRO E 91 41.19 21.55 -0.15
CA PRO E 91 42.54 21.69 -0.69
C PRO E 91 43.35 20.42 -0.51
N ASP E 92 44.29 20.20 -1.43
CA ASP E 92 45.09 18.99 -1.41
C ASP E 92 45.96 18.91 -0.15
N ASN E 93 46.38 20.06 0.38
CA ASN E 93 47.24 20.09 1.55
C ASN E 93 46.47 20.05 2.86
N GLU E 94 45.14 19.97 2.81
CA GLU E 94 44.33 20.01 4.01
C GLU E 94 44.47 18.71 4.80
N VAL E 95 44.10 18.76 6.07
CA VAL E 95 44.19 17.60 6.96
C VAL E 95 42.82 16.98 7.23
N ALA E 96 41.73 17.71 7.06
CA ALA E 96 40.40 17.15 7.25
C ALA E 96 40.06 16.19 6.11
N GLN E 97 39.02 15.39 6.31
CA GLN E 97 38.62 14.37 5.35
C GLN E 97 37.11 14.31 5.25
N ILE E 98 36.64 13.85 4.10
CA ILE E 98 35.21 13.63 3.87
C ILE E 98 34.87 12.22 4.30
N SER E 99 33.88 12.09 5.18
CA SER E 99 33.52 10.79 5.75
C SER E 99 32.26 10.20 5.11
N ASP E 100 31.13 10.89 5.19
CA ASP E 100 29.86 10.33 4.74
C ASP E 100 29.09 11.36 3.93
N TYR E 101 28.04 10.87 3.26
CA TYR E 101 27.20 11.65 2.37
C TYR E 101 25.88 10.91 2.19
N TYR E 102 24.75 11.54 2.54
CA TYR E 102 23.51 10.79 2.59
C TYR E 102 23.01 10.34 1.23
N PRO E 103 22.69 11.24 0.28
CA PRO E 103 22.11 10.76 -0.98
C PRO E 103 23.16 10.00 -1.79
N ARG E 104 22.90 8.72 -1.99
CA ARG E 104 23.84 7.81 -2.62
C ARG E 104 23.12 6.96 -3.67
N ASN E 105 23.92 6.40 -4.58
CA ASN E 105 23.37 5.57 -5.65
C ASN E 105 22.65 4.37 -5.07
N SER E 106 21.48 4.06 -5.63
CA SER E 106 20.66 2.96 -5.17
C SER E 106 20.32 2.06 -6.35
N ILE E 107 20.22 0.76 -6.08
CA ILE E 107 19.88 -0.21 -7.11
C ILE E 107 18.40 -0.08 -7.45
N ASP E 108 18.09 -0.16 -8.74
CA ASP E 108 16.73 -0.03 -9.23
C ASP E 108 16.24 -1.37 -9.78
N THR E 109 14.96 -1.65 -9.55
CA THR E 109 14.34 -2.93 -9.88
C THR E 109 13.41 -2.77 -11.07
N LYS E 110 12.87 -3.91 -11.52
CA LYS E 110 11.92 -3.93 -12.61
C LYS E 110 11.03 -5.15 -12.46
N GLU E 111 9.77 -5.02 -12.87
CA GLU E 111 8.86 -6.16 -12.89
C GLU E 111 9.10 -6.98 -14.15
N TYR E 112 8.59 -8.22 -14.11
CA TYR E 112 8.66 -9.09 -15.27
C TYR E 112 7.50 -10.08 -15.18
N MET E 113 6.92 -10.44 -16.31
CA MET E 113 5.73 -11.28 -16.32
C MET E 113 5.73 -12.15 -17.57
N SER E 114 5.57 -13.45 -17.38
CA SER E 114 5.50 -14.42 -18.46
C SER E 114 4.11 -15.03 -18.51
N THR E 115 3.54 -15.12 -19.70
CA THR E 115 2.19 -15.61 -19.89
C THR E 115 2.19 -16.73 -20.92
N LEU E 116 1.32 -17.72 -20.71
CA LEU E 116 1.13 -18.82 -21.63
C LEU E 116 -0.35 -19.14 -21.68
N THR E 117 -0.87 -19.34 -22.90
CA THR E 117 -2.30 -19.57 -23.08
C THR E 117 -2.53 -20.69 -24.09
N TYR E 118 -3.37 -21.64 -23.74
CA TYR E 118 -3.84 -22.67 -24.65
C TYR E 118 -5.30 -22.41 -24.99
N GLY E 119 -5.69 -22.80 -26.20
CA GLY E 119 -7.06 -22.57 -26.65
C GLY E 119 -7.57 -23.73 -27.46
N PHE E 120 -8.91 -23.80 -27.54
CA PHE E 120 -9.59 -24.77 -28.37
C PHE E 120 -10.85 -24.10 -28.92
N ASN E 121 -11.31 -24.58 -30.07
CA ASN E 121 -12.43 -23.94 -30.75
C ASN E 121 -13.15 -24.97 -31.61
N GLY E 122 -14.45 -24.76 -31.77
CA GLY E 122 -15.25 -25.61 -32.62
C GLY E 122 -16.63 -25.06 -32.88
N ASN E 123 -17.05 -24.99 -34.14
CA ASN E 123 -18.37 -24.47 -34.49
C ASN E 123 -19.01 -25.34 -35.55
N VAL E 124 -20.33 -25.30 -35.60
CA VAL E 124 -21.12 -26.02 -36.60
C VAL E 124 -21.95 -24.99 -37.36
N THR E 125 -21.83 -25.01 -38.69
CA THR E 125 -22.52 -24.06 -39.55
C THR E 125 -23.52 -24.79 -40.45
N GLY E 126 -24.71 -24.23 -40.59
CA GLY E 126 -25.72 -24.81 -41.45
C GLY E 126 -26.54 -23.72 -42.11
N ASP E 127 -27.18 -24.07 -43.22
CA ASP E 127 -27.99 -23.14 -44.01
C ASP E 127 -29.33 -23.79 -44.35
N ASP E 128 -30.13 -23.05 -45.11
CA ASP E 128 -31.47 -23.54 -45.46
C ASP E 128 -31.41 -24.78 -46.35
N THR E 129 -30.47 -24.82 -47.28
CA THR E 129 -30.41 -25.91 -48.25
C THR E 129 -29.94 -27.23 -47.65
N GLY E 130 -29.70 -27.30 -46.35
CA GLY E 130 -29.30 -28.53 -45.71
C GLY E 130 -27.82 -28.77 -45.62
N LYS E 131 -26.99 -27.89 -46.17
CA LYS E 131 -25.55 -28.05 -46.05
C LYS E 131 -25.12 -27.92 -44.59
N ILE E 132 -24.23 -28.81 -44.17
CA ILE E 132 -23.73 -28.83 -42.81
C ILE E 132 -22.20 -28.80 -42.87
N GLY E 133 -21.59 -27.91 -42.07
CA GLY E 133 -20.15 -27.79 -42.05
C GLY E 133 -19.63 -27.82 -40.63
N GLY E 134 -18.33 -28.09 -40.52
CA GLY E 134 -17.68 -28.17 -39.22
C GLY E 134 -16.35 -27.44 -39.24
N LEU E 135 -15.80 -27.26 -38.03
CA LEU E 135 -14.52 -26.59 -37.86
C LEU E 135 -13.97 -26.87 -36.46
N ILE E 136 -12.74 -27.36 -36.37
CA ILE E 136 -12.08 -27.60 -35.10
C ILE E 136 -10.72 -26.91 -35.13
N GLY E 137 -10.42 -26.13 -34.10
CA GLY E 137 -9.19 -25.36 -34.09
C GLY E 137 -8.59 -25.26 -32.70
N ALA E 138 -7.33 -24.83 -32.66
CA ALA E 138 -6.60 -24.64 -31.43
C ALA E 138 -5.54 -23.55 -31.65
N ASN E 139 -5.06 -22.99 -30.55
CA ASN E 139 -4.05 -21.94 -30.64
C ASN E 139 -3.22 -21.92 -29.37
N VAL E 140 -2.03 -21.32 -29.48
CA VAL E 140 -1.13 -21.12 -28.36
C VAL E 140 -0.68 -19.66 -28.38
N SER E 141 -0.27 -19.16 -27.22
CA SER E 141 0.22 -17.79 -27.12
C SER E 141 1.26 -17.71 -26.00
N ILE E 142 2.33 -16.98 -26.27
CA ILE E 142 3.39 -16.73 -25.29
C ILE E 142 3.61 -15.23 -25.20
N GLY E 143 3.61 -14.70 -23.98
CA GLY E 143 3.78 -13.27 -23.82
C GLY E 143 4.78 -12.88 -22.73
N HIS E 144 5.57 -11.85 -22.98
CA HIS E 144 6.52 -11.33 -22.02
C HIS E 144 6.21 -9.86 -21.75
N THR E 145 6.04 -9.51 -20.48
CA THR E 145 5.73 -8.15 -20.07
C THR E 145 6.76 -7.67 -19.06
N LEU E 146 7.27 -6.47 -19.26
CA LEU E 146 8.30 -5.90 -18.40
C LEU E 146 7.96 -4.43 -18.16
N LYS E 147 7.82 -4.04 -16.89
CA LYS E 147 7.45 -2.68 -16.55
C LYS E 147 8.36 -2.13 -15.47
N TYR E 148 8.58 -0.82 -15.53
CA TYR E 148 9.47 -0.13 -14.59
C TYR E 148 9.08 1.34 -14.55
N VAL E 149 9.58 2.04 -13.53
CA VAL E 149 9.29 3.44 -13.30
C VAL E 149 10.55 4.26 -13.58
N GLN E 150 10.41 5.32 -14.36
CA GLN E 150 11.54 6.16 -14.75
C GLN E 150 11.21 7.63 -14.47
N PRO E 151 11.99 8.32 -13.64
CA PRO E 151 11.70 9.72 -13.35
C PRO E 151 12.14 10.64 -14.47
N ASP E 152 11.67 11.88 -14.40
CA ASP E 152 12.07 12.90 -15.37
C ASP E 152 13.53 13.28 -15.18
N PHE E 153 13.93 13.54 -13.94
CA PHE E 153 15.31 13.87 -13.59
C PHE E 153 15.86 12.81 -12.66
N LYS E 154 17.13 12.45 -12.85
CA LYS E 154 17.76 11.37 -12.12
C LYS E 154 18.96 11.93 -11.36
N THR E 155 18.92 11.83 -10.02
CA THR E 155 20.02 12.28 -9.19
C THR E 155 21.08 11.20 -9.09
N ILE E 156 22.34 11.62 -9.20
CA ILE E 156 23.48 10.71 -9.18
C ILE E 156 24.54 11.26 -8.24
N LEU E 157 25.24 10.36 -7.56
CA LEU E 157 26.36 10.72 -6.68
C LEU E 157 27.65 10.38 -7.41
N GLU E 158 28.36 11.40 -7.87
CA GLU E 158 29.64 11.19 -8.52
C GLU E 158 30.63 10.59 -7.55
N SER E 159 31.52 9.73 -8.07
CA SER E 159 32.48 8.98 -7.27
C SER E 159 33.23 9.89 -6.30
N PRO E 160 32.96 9.75 -5.00
CA PRO E 160 33.54 10.67 -4.01
C PRO E 160 34.94 10.21 -3.59
N THR E 161 35.92 11.09 -3.77
CA THR E 161 37.26 10.84 -3.28
C THR E 161 37.35 11.31 -1.82
N ASP E 162 38.57 11.31 -1.27
CA ASP E 162 38.76 11.72 0.11
C ASP E 162 38.56 13.23 0.28
N LYS E 163 38.91 14.02 -0.73
CA LYS E 163 38.89 15.47 -0.62
C LYS E 163 37.64 16.11 -1.20
N LYS E 164 37.05 15.55 -2.25
CA LYS E 164 35.90 16.16 -2.89
C LYS E 164 34.77 15.15 -3.09
N VAL E 165 33.54 15.60 -2.89
CA VAL E 165 32.35 14.81 -3.15
C VAL E 165 31.34 15.71 -3.87
N GLY E 166 30.69 15.17 -4.88
CA GLY E 166 29.75 15.95 -5.67
C GLY E 166 28.59 15.12 -6.15
N TRP E 167 27.44 15.77 -6.29
CA TRP E 167 26.22 15.15 -6.80
C TRP E 167 25.90 15.70 -8.18
N LYS E 168 24.86 15.16 -8.79
CA LYS E 168 24.51 15.49 -10.16
C LYS E 168 23.08 15.07 -10.45
N VAL E 169 22.33 15.95 -11.10
CA VAL E 169 20.95 15.68 -11.51
C VAL E 169 20.87 15.89 -13.01
N ILE E 170 20.47 14.86 -13.74
CA ILE E 170 20.46 14.89 -15.19
C ILE E 170 19.03 14.73 -15.70
N PHE E 171 18.85 14.99 -16.99
CA PHE E 171 17.54 14.94 -17.63
C PHE E 171 17.35 13.56 -18.26
N ASN E 172 16.60 12.70 -17.56
CA ASN E 172 16.33 11.34 -18.04
C ASN E 172 15.51 11.36 -19.33
N ASN E 173 14.26 11.79 -19.24
CA ASN E 173 13.36 11.90 -20.39
C ASN E 173 12.09 12.60 -19.95
N MET E 174 11.32 13.05 -20.94
CA MET E 174 10.11 13.83 -20.69
C MET E 174 9.01 13.37 -21.64
N VAL E 175 7.75 13.49 -21.21
CA VAL E 175 6.59 13.17 -22.10
C VAL E 175 6.04 14.49 -22.66
N ASN E 176 5.95 14.63 -23.99
CA ASN E 176 5.50 15.90 -24.62
C ASN E 176 4.01 15.78 -24.96
N GLN E 177 3.15 16.49 -24.24
CA GLN E 177 1.69 16.48 -24.52
C GLN E 177 1.20 15.05 -24.74
N ASN E 178 1.34 14.16 -23.75
CA ASN E 178 0.80 12.77 -23.82
C ASN E 178 1.52 11.92 -24.87
N TRP E 179 2.41 12.49 -25.68
CA TRP E 179 3.18 11.67 -26.66
C TRP E 179 4.27 10.90 -25.91
N GLY E 180 4.87 9.89 -26.56
CA GLY E 180 5.85 9.03 -25.89
C GLY E 180 7.01 9.79 -25.30
N PRO E 181 7.72 9.21 -24.31
CA PRO E 181 8.81 9.93 -23.66
C PRO E 181 9.93 10.23 -24.64
N TYR E 182 10.40 11.48 -24.65
CA TYR E 182 11.52 11.89 -25.55
C TYR E 182 12.74 12.23 -24.72
N ASP E 183 13.94 12.12 -25.29
CA ASP E 183 15.17 12.47 -24.59
C ASP E 183 16.09 13.21 -25.55
N ARG E 184 17.26 13.59 -25.06
CA ARG E 184 18.17 14.41 -25.84
C ARG E 184 18.63 13.71 -27.11
N ASP E 185 18.76 12.39 -27.07
CA ASP E 185 19.23 11.62 -28.22
C ASP E 185 18.12 11.10 -29.11
N SER E 186 16.85 11.40 -28.78
CA SER E 186 15.75 10.96 -29.62
C SER E 186 15.82 11.60 -31.00
N TRP E 187 15.50 10.81 -32.03
CA TRP E 187 15.56 11.30 -33.40
C TRP E 187 14.44 10.68 -34.22
N ASN E 188 13.91 11.45 -35.16
CA ASN E 188 12.89 11.01 -36.08
C ASN E 188 13.32 11.50 -37.46
N PRO E 189 13.31 10.63 -38.48
CA PRO E 189 13.76 11.06 -39.81
C PRO E 189 12.97 12.24 -40.37
N VAL E 190 11.68 12.31 -40.06
CA VAL E 190 10.84 13.39 -40.61
C VAL E 190 10.92 14.63 -39.74
N TYR E 191 10.56 14.49 -38.46
CA TYR E 191 10.44 15.63 -37.57
C TYR E 191 11.69 15.92 -36.76
N GLY E 192 12.51 14.91 -36.49
CA GLY E 192 13.71 15.13 -35.69
C GLY E 192 13.45 14.97 -34.21
N ASN E 193 14.16 15.74 -33.39
CA ASN E 193 13.96 15.71 -31.95
C ASN E 193 12.74 16.57 -31.63
N GLN E 194 11.62 15.92 -31.28
CA GLN E 194 10.37 16.60 -30.99
C GLN E 194 10.18 16.85 -29.50
N LEU E 195 11.28 17.03 -28.77
CA LEU E 195 11.22 17.15 -27.31
C LEU E 195 10.40 18.36 -26.89
N PHE E 196 10.90 19.56 -27.16
CA PHE E 196 10.17 20.79 -26.85
C PHE E 196 9.54 21.37 -28.12
N MET E 197 8.57 20.64 -28.66
CA MET E 197 7.85 21.06 -29.86
C MET E 197 6.37 21.17 -29.54
N LYS E 198 5.76 22.29 -29.94
CA LYS E 198 4.34 22.52 -29.68
C LYS E 198 3.47 21.80 -30.70
N THR E 199 3.62 22.15 -31.98
CA THR E 199 2.87 21.54 -33.07
C THR E 199 3.81 21.09 -34.16
N ARG E 200 3.53 19.93 -34.74
CA ARG E 200 4.42 19.36 -35.75
C ARG E 200 4.43 20.21 -37.02
N ASN E 201 3.26 20.67 -37.46
CA ASN E 201 3.14 21.45 -38.69
C ASN E 201 2.28 22.68 -38.48
N GLY E 202 2.46 23.37 -37.37
CA GLY E 202 1.76 24.61 -37.14
C GLY E 202 2.26 25.72 -38.05
N SER E 203 1.40 26.73 -38.24
CA SER E 203 1.70 27.86 -39.09
C SER E 203 2.16 29.09 -38.31
N MET E 204 2.38 28.95 -37.00
CA MET E 204 2.76 30.09 -36.18
C MET E 204 4.23 30.43 -36.39
N LYS E 205 4.69 31.45 -35.67
CA LYS E 205 6.10 31.84 -35.72
C LYS E 205 6.96 30.77 -35.05
N ALA E 206 8.22 30.71 -35.47
CA ALA E 206 9.15 29.70 -34.94
C ALA E 206 9.33 29.88 -33.43
N ALA E 207 9.52 31.13 -32.99
CA ALA E 207 9.67 31.38 -31.56
C ALA E 207 8.42 31.04 -30.79
N ASP E 208 7.24 31.23 -31.40
CA ASP E 208 5.99 30.91 -30.74
C ASP E 208 5.79 29.40 -30.59
N ASN E 209 6.32 28.62 -31.52
CA ASN E 209 6.15 27.16 -31.53
C ASN E 209 7.16 26.55 -30.57
N PHE E 210 6.88 26.66 -29.27
CA PHE E 210 7.65 25.97 -28.25
C PHE E 210 6.73 25.56 -27.12
N LEU E 211 7.07 24.45 -26.47
CA LEU E 211 6.24 23.92 -25.40
C LEU E 211 6.15 24.91 -24.24
N ASP E 212 4.94 25.08 -23.72
CA ASP E 212 4.72 26.00 -22.62
C ASP E 212 5.50 25.53 -21.40
N PRO E 213 6.23 26.41 -20.71
CA PRO E 213 7.00 25.96 -19.53
C PRO E 213 6.12 25.36 -18.45
N ASN E 214 4.87 25.79 -18.33
CA ASN E 214 3.96 25.16 -17.38
C ASN E 214 3.70 23.70 -17.76
N LYS E 215 3.54 23.42 -19.05
CA LYS E 215 3.32 22.04 -19.50
C LYS E 215 4.52 21.16 -19.20
N ALA E 216 5.72 21.69 -19.38
CA ALA E 216 6.93 20.92 -19.14
C ALA E 216 7.14 20.73 -17.63
N SER E 217 8.24 20.08 -17.28
CA SER E 217 8.54 19.82 -15.88
C SER E 217 8.83 21.13 -15.15
N SER E 218 8.60 21.11 -13.84
CA SER E 218 8.82 22.30 -13.02
C SER E 218 10.29 22.67 -12.94
N LEU E 219 11.17 21.66 -12.86
CA LEU E 219 12.60 21.93 -12.73
C LEU E 219 13.19 22.64 -13.94
N LEU E 220 12.57 22.54 -15.11
CA LEU E 220 13.10 23.20 -16.29
C LEU E 220 13.04 24.71 -16.16
N SER E 221 11.91 25.24 -15.66
CA SER E 221 11.69 26.68 -15.62
C SER E 221 11.95 27.28 -14.24
N SER E 222 11.39 26.67 -13.19
CA SER E 222 11.53 27.19 -11.84
C SER E 222 12.77 26.66 -11.12
N GLY E 223 13.51 25.74 -11.72
CA GLY E 223 14.77 25.31 -11.17
C GLY E 223 14.68 24.18 -10.18
N PHE E 224 15.86 23.77 -9.71
CA PHE E 224 16.01 22.63 -8.82
C PHE E 224 16.65 23.08 -7.52
N SER E 225 16.03 22.72 -6.40
CA SER E 225 16.55 23.07 -5.08
C SER E 225 17.12 21.82 -4.41
N PRO E 226 18.44 21.69 -4.28
CA PRO E 226 19.01 20.46 -3.74
C PRO E 226 18.85 20.35 -2.23
N ASP E 227 19.08 19.13 -1.74
CA ASP E 227 19.17 18.88 -0.30
C ASP E 227 20.16 17.72 -0.13
N PHE E 228 21.42 18.07 0.09
CA PHE E 228 22.51 17.11 0.14
C PHE E 228 23.31 17.33 1.41
N ALA E 229 23.72 16.24 2.06
CA ALA E 229 24.39 16.30 3.36
C ALA E 229 25.74 15.62 3.28
N THR E 230 26.77 16.26 3.84
CA THR E 230 28.11 15.70 3.90
C THR E 230 28.75 16.08 5.23
N VAL E 231 29.57 15.18 5.77
CA VAL E 231 30.19 15.35 7.07
C VAL E 231 31.70 15.30 6.91
N ILE E 232 32.39 16.25 7.51
CA ILE E 232 33.85 16.36 7.45
C ILE E 232 34.40 16.10 8.84
N THR E 233 35.38 15.21 8.93
CA THR E 233 35.98 14.83 10.21
C THR E 233 37.42 15.28 10.27
N MET E 234 37.80 15.89 11.38
CA MET E 234 39.14 16.42 11.58
C MET E 234 39.71 15.86 12.87
N ASP E 235 40.96 15.40 12.82
CA ASP E 235 41.61 14.87 14.01
C ASP E 235 41.74 15.98 15.06
N ARG E 236 41.45 15.64 16.31
CA ARG E 236 41.43 16.62 17.38
C ARG E 236 42.82 16.98 17.90
N LYS E 237 43.87 16.31 17.43
CA LYS E 237 45.23 16.63 17.81
C LYS E 237 46.00 17.35 16.72
N ALA E 238 45.31 17.82 15.68
CA ALA E 238 45.99 18.49 14.57
C ALA E 238 46.60 19.80 15.02
N SER E 239 47.73 20.15 14.39
CA SER E 239 48.40 21.41 14.72
C SER E 239 47.56 22.61 14.31
N LYS E 240 47.03 22.58 13.09
CA LYS E 240 46.22 23.68 12.57
C LYS E 240 44.75 23.32 12.65
N GLN E 241 43.96 24.21 13.25
CA GLN E 241 42.53 23.98 13.48
C GLN E 241 41.65 24.79 12.53
N GLN E 242 42.20 25.23 11.40
CA GLN E 242 41.45 26.01 10.42
C GLN E 242 41.44 25.28 9.09
N THR E 243 40.28 25.27 8.43
CA THR E 243 40.07 24.52 7.20
C THR E 243 39.30 25.40 6.21
N ASN E 244 39.57 25.17 4.92
CA ASN E 244 38.89 25.88 3.85
C ASN E 244 38.13 24.90 2.97
N ILE E 245 36.93 25.28 2.55
CA ILE E 245 36.10 24.47 1.67
C ILE E 245 35.69 25.31 0.48
N ASP E 246 35.40 24.63 -0.63
CA ASP E 246 34.87 25.28 -1.82
C ASP E 246 33.55 24.61 -2.20
N VAL E 247 32.55 25.41 -2.50
CA VAL E 247 31.23 24.92 -2.88
C VAL E 247 30.90 25.44 -4.28
N ILE E 248 30.56 24.54 -5.19
CA ILE E 248 30.26 24.89 -6.57
C ILE E 248 28.81 24.49 -6.85
N TYR E 249 28.14 25.29 -7.68
CA TYR E 249 26.72 25.13 -7.99
C TYR E 249 26.49 25.18 -9.49
N GLU E 250 27.31 24.46 -10.26
CA GLU E 250 27.28 24.60 -11.70
C GLU E 250 25.99 24.06 -12.31
N ARG E 251 25.58 24.67 -13.43
CA ARG E 251 24.39 24.30 -14.16
C ARG E 251 24.72 24.26 -15.65
N VAL E 252 24.23 23.22 -16.33
CA VAL E 252 24.54 22.97 -17.74
C VAL E 252 23.27 23.13 -18.56
N ARG E 253 23.35 23.91 -19.63
CA ARG E 253 22.21 24.18 -20.50
C ARG E 253 22.49 23.65 -21.90
N ASP E 254 21.42 23.28 -22.60
CA ASP E 254 21.51 22.76 -23.96
C ASP E 254 20.77 23.69 -24.92
N ASP E 255 21.09 23.56 -26.20
CA ASP E 255 20.52 24.39 -27.25
C ASP E 255 19.55 23.55 -28.07
N TYR E 256 18.27 23.87 -27.99
CA TYR E 256 17.23 23.21 -28.77
C TYR E 256 16.69 24.19 -29.80
N GLN E 257 16.84 23.85 -31.07
CA GLN E 257 16.38 24.69 -32.18
C GLN E 257 15.47 23.88 -33.07
N LEU E 258 14.35 24.47 -33.48
CA LEU E 258 13.49 23.88 -34.49
C LEU E 258 13.53 24.74 -35.76
N HIS E 259 13.44 24.06 -36.90
CA HIS E 259 13.59 24.70 -38.20
C HIS E 259 12.44 24.28 -39.10
N TRP E 260 11.89 25.24 -39.84
CA TRP E 260 10.80 24.98 -40.78
C TRP E 260 11.43 24.63 -42.14
N THR E 261 11.41 23.35 -42.49
CA THR E 261 12.14 22.92 -43.70
C THR E 261 11.33 23.20 -44.96
N SER E 262 10.23 22.49 -45.15
CA SER E 262 9.31 22.84 -46.22
C SER E 262 7.85 22.84 -45.79
N THR E 263 7.44 21.87 -44.98
CA THR E 263 6.03 21.72 -44.62
C THR E 263 5.86 21.56 -43.11
N ASN E 264 6.82 20.92 -42.45
CA ASN E 264 6.73 20.61 -41.03
C ASN E 264 7.94 21.16 -40.29
N TRP E 265 7.78 21.31 -38.98
CA TRP E 265 8.87 21.75 -38.13
C TRP E 265 9.83 20.61 -37.87
N LYS E 266 11.12 20.91 -37.90
CA LYS E 266 12.17 19.94 -37.62
C LYS E 266 13.02 20.46 -36.46
N GLY E 267 13.18 19.64 -35.42
CA GLY E 267 13.85 20.04 -34.20
C GLY E 267 15.20 19.36 -34.04
N THR E 268 16.19 20.13 -33.60
CA THR E 268 17.54 19.63 -33.39
C THR E 268 18.04 20.09 -32.03
N ASN E 269 18.78 19.22 -31.34
CA ASN E 269 19.29 19.48 -30.01
C ASN E 269 20.81 19.40 -30.00
N THR E 270 21.44 20.35 -29.32
CA THR E 270 22.90 20.42 -29.19
C THR E 270 23.24 20.37 -27.70
N LYS E 271 23.65 19.20 -27.22
CA LYS E 271 23.85 19.01 -25.79
C LYS E 271 25.10 19.72 -25.30
N ASP E 272 25.06 20.15 -24.04
CA ASP E 272 26.18 20.78 -23.34
C ASP E 272 26.68 22.01 -24.11
N LYS E 273 25.80 23.00 -24.23
CA LYS E 273 26.12 24.23 -24.95
C LYS E 273 26.74 25.28 -24.02
N TRP E 274 26.16 25.48 -22.84
CA TRP E 274 26.66 26.44 -21.88
C TRP E 274 26.73 25.81 -20.50
N THR E 275 27.63 26.35 -19.67
CA THR E 275 27.76 25.96 -18.27
C THR E 275 27.96 27.22 -17.44
N ASP E 276 27.16 27.37 -16.38
CA ASP E 276 27.28 28.47 -15.44
C ASP E 276 27.79 27.94 -14.11
N ARG E 277 28.91 28.48 -13.63
CA ARG E 277 29.54 28.02 -12.41
C ARG E 277 29.58 29.13 -11.37
N SER E 278 29.28 28.77 -10.12
CA SER E 278 29.32 29.70 -9.01
C SER E 278 30.03 29.02 -7.84
N SER E 279 31.30 29.35 -7.64
CA SER E 279 32.11 28.76 -6.59
C SER E 279 32.38 29.80 -5.51
N GLU E 280 32.18 29.40 -4.26
CA GLU E 280 32.49 30.24 -3.10
C GLU E 280 33.30 29.45 -2.10
N ARG E 281 34.27 30.12 -1.48
CA ARG E 281 35.18 29.48 -0.53
C ARG E 281 34.80 29.87 0.90
N TYR E 282 34.60 28.87 1.74
CA TYR E 282 34.31 29.06 3.16
C TYR E 282 35.52 28.70 4.00
N LYS E 283 35.56 29.25 5.21
CA LYS E 283 36.63 28.97 6.17
C LYS E 283 36.03 28.34 7.41
N ILE E 284 36.66 27.27 7.91
CA ILE E 284 36.20 26.54 9.07
C ILE E 284 37.15 26.83 10.23
N ASP E 285 36.60 27.15 11.39
CA ASP E 285 37.36 27.36 12.61
C ASP E 285 36.92 26.30 13.61
N TRP E 286 37.66 25.20 13.67
CA TRP E 286 37.28 24.08 14.55
C TRP E 286 37.36 24.48 16.01
N GLU E 287 38.36 25.28 16.39
CA GLU E 287 38.52 25.66 17.78
C GLU E 287 37.34 26.50 18.26
N LYS E 288 36.90 27.46 17.46
CA LYS E 288 35.77 28.32 17.81
C LYS E 288 34.43 27.74 17.38
N GLU E 289 34.44 26.67 16.58
CA GLU E 289 33.22 26.04 16.08
C GLU E 289 32.32 27.04 15.34
N GLU E 290 32.86 27.59 14.25
CA GLU E 290 32.11 28.50 13.41
C GLU E 290 32.71 28.51 12.01
N MET E 291 31.85 28.48 11.00
CA MET E 291 32.25 28.59 9.60
C MET E 291 31.71 29.90 9.06
N THR E 292 32.60 30.75 8.56
CA THR E 292 32.22 32.09 8.16
C THR E 292 32.86 32.47 6.83
N ASN E 293 32.04 32.94 5.89
CA ASN E 293 32.50 33.59 4.67
C ASN E 293 31.30 34.07 3.85
N ALA F 1 17.93 12.19 5.53
CA ALA F 1 17.79 11.39 6.74
C ALA F 1 18.98 11.59 7.68
N ASP F 2 18.71 12.08 8.89
CA ASP F 2 19.77 12.30 9.86
C ASP F 2 20.37 11.00 10.35
N SER F 3 19.54 9.95 10.49
CA SER F 3 20.01 8.68 11.01
C SER F 3 20.84 7.88 10.01
N ASP F 4 20.85 8.28 8.74
CA ASP F 4 21.61 7.54 7.73
C ASP F 4 23.08 7.95 7.69
N ILE F 5 23.45 9.02 8.40
CA ILE F 5 24.84 9.44 8.53
C ILE F 5 25.43 9.00 9.87
N ASN F 6 24.71 8.16 10.61
CA ASN F 6 25.04 7.62 11.93
C ASN F 6 24.91 8.67 13.02
N ILE F 7 24.41 9.86 12.71
CA ILE F 7 24.14 10.87 13.72
C ILE F 7 22.81 10.55 14.39
N LYS F 8 22.73 10.77 15.69
CA LYS F 8 21.48 10.57 16.40
C LYS F 8 20.41 11.49 15.84
N THR F 9 19.21 10.95 15.63
CA THR F 9 18.15 11.69 14.98
C THR F 9 17.74 12.91 15.81
N GLY F 10 17.53 14.02 15.11
CA GLY F 10 17.15 15.27 15.74
C GLY F 10 18.28 16.06 16.36
N THR F 11 19.52 15.58 16.28
CA THR F 11 20.64 16.28 16.90
C THR F 11 20.92 17.61 16.21
N THR F 12 20.87 17.64 14.88
CA THR F 12 21.24 18.82 14.12
C THR F 12 20.12 19.84 14.00
N ASP F 13 18.91 19.53 14.45
CA ASP F 13 17.81 20.47 14.37
C ASP F 13 18.01 21.61 15.36
N ILE F 14 17.26 22.68 15.15
CA ILE F 14 17.38 23.91 15.96
C ILE F 14 16.05 24.20 16.61
N GLY F 15 16.11 24.64 17.88
CA GLY F 15 14.90 24.94 18.62
C GLY F 15 14.89 24.30 20.00
N SER F 16 15.99 23.65 20.36
CA SER F 16 16.07 22.96 21.64
C SER F 16 16.26 23.95 22.78
N ASN F 17 15.63 23.66 23.91
CA ASN F 17 15.72 24.43 25.16
C ASN F 17 15.69 25.93 24.90
N THR F 18 14.61 26.38 24.26
CA THR F 18 14.40 27.79 24.01
C THR F 18 12.91 28.07 23.95
N THR F 19 12.55 29.33 24.16
CA THR F 19 11.17 29.78 24.10
C THR F 19 10.95 30.55 22.81
N VAL F 20 9.94 30.14 22.03
CA VAL F 20 9.57 30.81 20.79
C VAL F 20 8.31 31.61 21.03
N LYS F 21 8.32 32.86 20.58
CA LYS F 21 7.16 33.75 20.72
C LYS F 21 6.43 33.78 19.40
N THR F 22 5.32 33.04 19.33
CA THR F 22 4.52 32.93 18.12
C THR F 22 3.62 34.16 18.00
N GLY F 23 2.72 34.13 17.01
CA GLY F 23 1.82 35.25 16.82
C GLY F 23 0.86 34.95 15.70
N ASP F 24 0.01 35.95 15.40
CA ASP F 24 -1.02 35.76 14.40
C ASP F 24 -1.55 37.13 13.99
N LEU F 25 -1.74 37.32 12.68
CA LEU F 25 -2.32 38.55 12.15
C LEU F 25 -3.30 38.18 11.05
N VAL F 26 -4.54 38.63 11.19
CA VAL F 26 -5.63 38.25 10.29
C VAL F 26 -6.23 39.52 9.70
N THR F 27 -6.40 39.52 8.38
CA THR F 27 -6.98 40.65 7.67
C THR F 27 -7.76 40.13 6.48
N TYR F 28 -8.90 40.77 6.20
CA TYR F 28 -9.77 40.38 5.09
C TYR F 28 -9.88 41.52 4.10
N ASP F 29 -9.72 41.22 2.81
CA ASP F 29 -9.78 42.19 1.73
C ASP F 29 -11.13 42.01 1.04
N LYS F 30 -12.08 42.87 1.39
CA LYS F 30 -13.44 42.75 0.85
C LYS F 30 -13.46 42.94 -0.66
N GLU F 31 -12.64 43.87 -1.17
CA GLU F 31 -12.65 44.17 -2.60
C GLU F 31 -12.19 42.98 -3.42
N ASN F 32 -11.15 42.27 -2.96
CA ASN F 32 -10.61 41.14 -3.70
C ASN F 32 -11.03 39.79 -3.15
N GLY F 33 -11.71 39.74 -2.00
CA GLY F 33 -12.16 38.48 -1.45
C GLY F 33 -11.03 37.55 -1.05
N MET F 34 -10.02 38.08 -0.36
CA MET F 34 -8.86 37.31 0.07
C MET F 34 -8.75 37.42 1.59
N HIS F 35 -9.01 36.31 2.28
CA HIS F 35 -8.87 36.25 3.73
C HIS F 35 -7.43 35.83 4.06
N LYS F 36 -6.55 36.82 4.07
CA LYS F 36 -5.13 36.58 4.28
C LYS F 36 -4.79 36.52 5.77
N LYS F 37 -3.87 35.63 6.11
CA LYS F 37 -3.42 35.47 7.49
C LYS F 37 -1.98 34.97 7.47
N VAL F 38 -1.17 35.46 8.40
CA VAL F 38 0.21 35.03 8.55
C VAL F 38 0.44 34.58 9.99
N PHE F 39 1.21 33.51 10.17
CA PHE F 39 1.52 32.96 11.48
C PHE F 39 3.04 32.94 11.64
N TYR F 40 3.56 33.83 12.48
CA TYR F 40 4.99 33.96 12.67
C TYR F 40 5.45 33.29 13.96
N SER F 41 6.76 33.06 14.05
CA SER F 41 7.37 32.42 15.21
C SER F 41 8.81 32.87 15.31
N PHE F 42 9.14 33.57 16.39
CA PHE F 42 10.50 34.07 16.61
C PHE F 42 11.31 33.03 17.39
N ILE F 43 12.34 32.50 16.75
CA ILE F 43 13.24 31.53 17.37
C ILE F 43 14.63 32.17 17.46
N ASP F 44 15.16 32.25 18.67
CA ASP F 44 16.52 32.75 18.91
C ASP F 44 17.26 31.70 19.72
N ASP F 45 17.88 30.75 19.04
CA ASP F 45 18.67 29.70 19.68
C ASP F 45 20.08 30.22 19.90
N LYS F 46 20.55 30.14 21.14
CA LYS F 46 21.91 30.63 21.47
C LYS F 46 22.95 29.81 20.68
N ASN F 47 22.73 28.50 20.56
CA ASN F 47 23.67 27.66 19.83
C ASN F 47 23.63 27.89 18.31
N HIS F 48 22.63 28.61 17.82
CA HIS F 48 22.54 28.91 16.40
C HIS F 48 23.38 30.16 16.07
N ASN F 49 23.38 30.53 14.80
CA ASN F 49 24.21 31.62 14.31
C ASN F 49 23.45 32.92 14.09
N LYS F 50 22.17 32.84 13.74
CA LYS F 50 21.38 34.03 13.44
C LYS F 50 20.01 33.91 14.10
N LYS F 51 19.38 35.06 14.31
CA LYS F 51 17.99 35.06 14.76
C LYS F 51 17.09 34.54 13.65
N LEU F 52 16.05 33.80 14.03
CA LEU F 52 15.17 33.15 13.07
C LEU F 52 13.75 33.68 13.19
N LEU F 53 13.02 33.58 12.09
CA LEU F 53 11.61 33.97 12.04
C LEU F 53 10.98 33.19 10.90
N VAL F 54 10.07 32.28 11.22
CA VAL F 54 9.37 31.48 10.23
C VAL F 54 7.98 32.07 10.05
N ILE F 55 7.60 32.32 8.80
CA ILE F 55 6.34 32.96 8.46
C ILE F 55 5.52 31.98 7.63
N ARG F 56 4.29 31.70 8.07
CA ARG F 56 3.40 30.78 7.39
C ARG F 56 2.18 31.58 6.90
N THR F 57 2.13 31.84 5.60
CA THR F 57 1.04 32.60 5.01
C THR F 57 -0.11 31.65 4.67
N LYS F 58 -0.82 31.25 5.73
CA LYS F 58 -1.94 30.32 5.55
C LYS F 58 -3.05 30.94 4.72
N GLY F 59 -3.74 31.94 5.27
CA GLY F 59 -4.73 32.69 4.52
C GLY F 59 -5.79 31.88 3.79
N THR F 60 -6.44 32.52 2.82
CA THR F 60 -7.38 31.88 1.91
C THR F 60 -7.69 32.85 0.77
N ILE F 61 -7.74 32.35 -0.46
CA ILE F 61 -8.05 33.14 -1.64
C ILE F 61 -9.31 32.56 -2.26
N ALA F 62 -10.29 33.42 -2.53
CA ALA F 62 -11.55 32.97 -3.10
C ALA F 62 -11.36 32.58 -4.57
N GLY F 63 -12.38 31.89 -5.10
CA GLY F 63 -12.33 31.42 -6.48
C GLY F 63 -12.86 32.41 -7.49
N GLN F 64 -14.02 33.00 -7.21
CA GLN F 64 -14.67 33.96 -8.10
C GLN F 64 -14.95 33.34 -9.46
N TYR F 65 -15.81 32.33 -9.45
CA TYR F 65 -16.24 31.60 -10.65
C TYR F 65 -17.69 31.96 -10.91
N ARG F 66 -17.92 32.82 -11.90
CA ARG F 66 -19.26 33.31 -12.17
C ARG F 66 -19.33 33.85 -13.59
N VAL F 67 -20.56 33.99 -14.09
CA VAL F 67 -20.82 34.52 -15.42
C VAL F 67 -20.89 36.05 -15.30
N TYR F 68 -19.96 36.74 -15.96
CA TYR F 68 -19.90 38.19 -15.81
C TYR F 68 -20.80 38.91 -16.81
N SER F 69 -20.89 38.43 -18.05
CA SER F 69 -21.65 39.11 -19.08
C SER F 69 -22.51 38.13 -19.87
N GLU F 70 -23.72 38.58 -20.22
CA GLU F 70 -24.59 37.84 -21.13
C GLU F 70 -25.19 38.82 -22.12
N GLU F 71 -25.27 38.39 -23.38
CA GLU F 71 -25.81 39.21 -24.47
C GLU F 71 -26.91 38.39 -25.15
N GLY F 72 -28.12 38.45 -24.61
CA GLY F 72 -29.17 37.63 -25.17
C GLY F 72 -28.90 36.15 -24.94
N ALA F 73 -29.52 35.34 -25.79
CA ALA F 73 -29.31 33.90 -25.78
C ALA F 73 -28.21 33.46 -26.75
N ASN F 74 -27.60 34.40 -27.48
CA ASN F 74 -26.63 34.02 -28.50
C ASN F 74 -25.24 33.78 -27.90
N LYS F 75 -24.82 34.58 -26.92
CA LYS F 75 -23.48 34.45 -26.38
C LYS F 75 -23.45 34.94 -24.94
N SER F 76 -22.46 34.46 -24.19
CA SER F 76 -22.26 34.85 -22.80
C SER F 76 -20.82 34.52 -22.41
N GLY F 77 -20.36 35.15 -21.33
CA GLY F 77 -19.01 34.99 -20.85
C GLY F 77 -18.94 34.27 -19.51
N LEU F 78 -17.70 34.08 -19.06
CA LEU F 78 -17.42 33.41 -17.80
C LEU F 78 -16.01 33.78 -17.35
N ALA F 79 -15.86 34.09 -16.07
CA ALA F 79 -14.58 34.39 -15.47
C ALA F 79 -14.26 33.32 -14.44
N TRP F 80 -13.13 32.66 -14.59
CA TRP F 80 -12.72 31.59 -13.70
C TRP F 80 -11.27 31.77 -13.29
N PRO F 81 -10.89 31.31 -12.09
CA PRO F 81 -9.54 31.54 -11.58
C PRO F 81 -8.53 30.65 -12.27
N SER F 82 -7.68 31.26 -13.11
CA SER F 82 -6.67 30.49 -13.84
C SER F 82 -5.50 30.11 -12.93
N ALA F 83 -5.12 30.98 -12.00
CA ALA F 83 -3.95 30.73 -11.18
C ALA F 83 -4.03 31.54 -9.90
N PHE F 84 -3.52 30.96 -8.81
CA PHE F 84 -3.39 31.63 -7.53
C PHE F 84 -1.91 31.81 -7.22
N LYS F 85 -1.55 32.98 -6.70
CA LYS F 85 -0.17 33.28 -6.37
C LYS F 85 -0.09 33.94 -5.01
N VAL F 86 1.02 33.70 -4.31
CA VAL F 86 1.32 34.36 -3.05
C VAL F 86 2.83 34.45 -2.91
N GLN F 87 3.33 35.67 -2.68
CA GLN F 87 4.76 35.92 -2.67
C GLN F 87 5.12 36.90 -1.57
N LEU F 88 6.32 36.74 -1.02
CA LEU F 88 6.86 37.62 0.01
C LEU F 88 8.10 38.32 -0.55
N GLN F 89 8.28 39.58 -0.18
CA GLN F 89 9.40 40.36 -0.67
C GLN F 89 9.99 41.20 0.46
N LEU F 90 11.27 41.50 0.34
CA LEU F 90 12.01 42.35 1.26
C LEU F 90 12.58 43.55 0.52
N PRO F 91 12.70 44.69 1.18
CA PRO F 91 13.31 45.86 0.54
C PRO F 91 14.75 45.60 0.15
N ASP F 92 15.18 46.26 -0.93
CA ASP F 92 16.53 46.05 -1.44
C ASP F 92 17.60 46.48 -0.44
N ASN F 93 17.30 47.47 0.39
CA ASN F 93 18.26 47.99 1.36
C ASN F 93 18.24 47.21 2.68
N GLU F 94 17.40 46.19 2.80
CA GLU F 94 17.27 45.47 4.04
C GLU F 94 18.50 44.60 4.30
N VAL F 95 18.67 44.21 5.56
CA VAL F 95 19.80 43.39 5.97
C VAL F 95 19.42 41.93 6.21
N ALA F 96 18.15 41.64 6.46
CA ALA F 96 17.72 40.26 6.64
C ALA F 96 17.73 39.52 5.30
N GLN F 97 17.66 38.19 5.37
CA GLN F 97 17.73 37.35 4.19
C GLN F 97 16.73 36.20 4.30
N ILE F 98 16.33 35.69 3.15
CA ILE F 98 15.45 34.53 3.07
C ILE F 98 16.32 33.29 3.03
N SER F 99 16.07 32.35 3.95
CA SER F 99 16.89 31.16 4.08
C SER F 99 16.24 29.91 3.47
N ASP F 100 15.06 29.53 3.95
CA ASP F 100 14.44 28.28 3.52
C ASP F 100 12.96 28.50 3.23
N TYR F 101 12.36 27.49 2.61
CA TYR F 101 10.98 27.49 2.18
C TYR F 101 10.53 26.05 1.95
N TYR F 102 9.50 25.60 2.66
CA TYR F 102 9.19 24.17 2.64
C TYR F 102 8.68 23.68 1.28
N PRO F 103 7.54 24.16 0.77
CA PRO F 103 7.03 23.59 -0.48
C PRO F 103 7.94 23.95 -1.64
N ARG F 104 8.56 22.93 -2.23
CA ARG F 104 9.56 23.10 -3.28
C ARG F 104 9.29 22.15 -4.43
N ASN F 105 9.85 22.49 -5.58
CA ASN F 105 9.67 21.67 -6.78
C ASN F 105 10.21 20.27 -6.55
N SER F 106 9.44 19.27 -7.00
CA SER F 106 9.80 17.87 -6.85
C SER F 106 9.75 17.18 -8.19
N ILE F 107 10.66 16.21 -8.37
CA ILE F 107 10.71 15.45 -9.61
C ILE F 107 9.53 14.49 -9.66
N ASP F 108 8.93 14.37 -10.84
CA ASP F 108 7.76 13.51 -11.04
C ASP F 108 8.14 12.33 -11.94
N THR F 109 7.56 11.18 -11.64
CA THR F 109 7.90 9.92 -12.29
C THR F 109 6.75 9.48 -13.20
N LYS F 110 7.00 8.39 -13.93
CA LYS F 110 6.01 7.82 -14.81
C LYS F 110 6.28 6.33 -14.96
N GLU F 111 5.22 5.54 -15.11
CA GLU F 111 5.37 4.12 -15.39
C GLU F 111 5.64 3.90 -16.87
N TYR F 112 6.14 2.71 -17.19
CA TYR F 112 6.36 2.32 -18.57
C TYR F 112 6.28 0.81 -18.65
N MET F 113 5.74 0.29 -19.75
CA MET F 113 5.51 -1.14 -19.87
C MET F 113 5.66 -1.56 -21.33
N SER F 114 6.48 -2.57 -21.57
CA SER F 114 6.70 -3.12 -22.90
C SER F 114 6.18 -4.55 -22.94
N THR F 115 5.44 -4.87 -24.00
CA THR F 115 4.81 -6.18 -24.14
C THR F 115 5.19 -6.78 -25.48
N LEU F 116 5.34 -8.11 -25.49
CA LEU F 116 5.63 -8.86 -26.71
C LEU F 116 4.86 -10.16 -26.65
N THR F 117 4.21 -10.51 -27.76
CA THR F 117 3.37 -11.70 -27.80
C THR F 117 3.60 -12.47 -29.09
N TYR F 118 3.81 -13.78 -28.96
CA TYR F 118 3.86 -14.69 -30.10
C TYR F 118 2.61 -15.55 -30.10
N GLY F 119 2.18 -15.95 -31.30
CA GLY F 119 0.97 -16.73 -31.43
C GLY F 119 1.12 -17.79 -32.51
N PHE F 120 0.26 -18.80 -32.42
CA PHE F 120 0.16 -19.84 -33.41
C PHE F 120 -1.30 -20.27 -33.51
N ASN F 121 -1.69 -20.77 -34.68
CA ASN F 121 -3.10 -21.09 -34.91
C ASN F 121 -3.19 -22.19 -35.96
N GLY F 122 -4.24 -23.00 -35.84
CA GLY F 122 -4.50 -24.04 -36.81
C GLY F 122 -5.87 -24.67 -36.64
N ASN F 123 -6.64 -24.76 -37.73
CA ASN F 123 -7.97 -25.35 -37.68
C ASN F 123 -8.19 -26.26 -38.87
N VAL F 124 -9.10 -27.20 -38.70
CA VAL F 124 -9.50 -28.13 -39.77
C VAL F 124 -10.99 -27.97 -39.99
N THR F 125 -11.38 -27.72 -41.24
CA THR F 125 -12.77 -27.49 -41.61
C THR F 125 -13.24 -28.60 -42.55
N GLY F 126 -14.46 -29.09 -42.31
CA GLY F 126 -15.04 -30.10 -43.15
C GLY F 126 -16.54 -29.90 -43.27
N ASP F 127 -17.11 -30.47 -44.33
CA ASP F 127 -18.53 -30.35 -44.61
C ASP F 127 -19.10 -31.73 -44.96
N ASP F 128 -20.40 -31.74 -45.29
CA ASP F 128 -21.09 -32.99 -45.58
C ASP F 128 -20.53 -33.66 -46.84
N THR F 129 -20.21 -32.87 -47.87
CA THR F 129 -19.79 -33.42 -49.15
C THR F 129 -18.39 -34.02 -49.12
N GLY F 130 -17.72 -34.07 -47.97
CA GLY F 130 -16.42 -34.67 -47.86
C GLY F 130 -15.25 -33.74 -48.08
N LYS F 131 -15.49 -32.47 -48.41
CA LYS F 131 -14.40 -31.53 -48.57
C LYS F 131 -13.68 -31.32 -47.24
N ILE F 132 -12.35 -31.30 -47.29
CA ILE F 132 -11.52 -31.12 -46.09
C ILE F 132 -10.56 -29.97 -46.37
N GLY F 133 -10.48 -29.03 -45.42
CA GLY F 133 -9.61 -27.89 -45.57
C GLY F 133 -8.74 -27.71 -44.34
N GLY F 134 -7.66 -26.95 -44.52
CA GLY F 134 -6.73 -26.67 -43.45
C GLY F 134 -6.34 -25.21 -43.41
N LEU F 135 -5.68 -24.84 -42.31
CA LEU F 135 -5.22 -23.47 -42.10
C LEU F 135 -4.18 -23.44 -40.98
N ILE F 136 -3.01 -22.86 -41.25
CA ILE F 136 -1.96 -22.70 -40.26
C ILE F 136 -1.55 -21.23 -40.25
N GLY F 137 -1.51 -20.63 -39.07
CA GLY F 137 -1.20 -19.21 -38.96
C GLY F 137 -0.38 -18.88 -37.74
N ALA F 138 0.17 -17.67 -37.75
CA ALA F 138 0.96 -17.16 -36.64
C ALA F 138 0.86 -15.64 -36.63
N ASN F 139 1.19 -15.04 -35.50
CA ASN F 139 1.11 -13.60 -35.35
C ASN F 139 2.10 -13.13 -34.30
N VAL F 140 2.44 -11.84 -34.37
CA VAL F 140 3.30 -11.18 -33.39
C VAL F 140 2.62 -9.89 -32.98
N SER F 141 2.97 -9.40 -31.80
CA SER F 141 2.42 -8.14 -31.30
C SER F 141 3.43 -7.47 -30.39
N ILE F 142 3.56 -6.15 -30.55
CA ILE F 142 4.44 -5.33 -29.71
C ILE F 142 3.62 -4.19 -29.15
N GLY F 143 3.70 -3.98 -27.84
CA GLY F 143 2.91 -2.94 -27.21
C GLY F 143 3.70 -2.09 -26.22
N HIS F 144 3.43 -0.79 -26.21
CA HIS F 144 4.05 0.14 -25.28
C HIS F 144 2.96 0.84 -24.47
N THR F 145 3.08 0.79 -23.16
CA THR F 145 2.11 1.41 -22.26
C THR F 145 2.83 2.35 -21.32
N LEU F 146 2.28 3.55 -21.16
CA LEU F 146 2.88 4.57 -20.31
C LEU F 146 1.77 5.28 -19.54
N LYS F 147 1.86 5.26 -18.21
CA LYS F 147 0.84 5.84 -17.37
C LYS F 147 1.45 6.74 -16.32
N TYR F 148 0.70 7.79 -15.95
CA TYR F 148 1.15 8.77 -14.98
C TYR F 148 -0.05 9.46 -14.37
N VAL F 149 0.18 10.16 -13.26
CA VAL F 149 -0.87 10.84 -12.52
C VAL F 149 -0.68 12.35 -12.68
N GLN F 150 -1.76 13.06 -13.02
CA GLN F 150 -1.71 14.49 -13.26
C GLN F 150 -2.81 15.18 -12.44
N PRO F 151 -2.46 16.10 -11.55
CA PRO F 151 -3.48 16.79 -10.75
C PRO F 151 -4.20 17.87 -11.54
N ASP F 152 -5.32 18.32 -10.97
CA ASP F 152 -6.07 19.43 -11.59
C ASP F 152 -5.30 20.73 -11.49
N PHE F 153 -4.76 21.04 -10.31
CA PHE F 153 -3.95 22.23 -10.09
C PHE F 153 -2.55 21.81 -9.66
N LYS F 154 -1.56 22.54 -10.16
CA LYS F 154 -0.16 22.19 -9.95
C LYS F 154 0.53 23.35 -9.22
N THR F 155 1.03 23.08 -8.02
CA THR F 155 1.75 24.08 -7.25
C THR F 155 3.21 24.15 -7.69
N ILE F 156 3.72 25.37 -7.83
CA ILE F 156 5.09 25.60 -8.31
C ILE F 156 5.74 26.63 -7.39
N LEU F 157 7.04 26.47 -7.17
CA LEU F 157 7.85 27.41 -6.41
C LEU F 157 8.67 28.24 -7.40
N GLU F 158 8.29 29.50 -7.57
CA GLU F 158 9.04 30.38 -8.44
C GLU F 158 10.45 30.59 -7.89
N SER F 159 11.41 30.76 -8.79
CA SER F 159 12.83 30.86 -8.46
C SER F 159 13.06 31.88 -7.35
N PRO F 160 13.43 31.44 -6.16
CA PRO F 160 13.55 32.35 -5.01
C PRO F 160 14.92 33.01 -4.98
N THR F 161 14.92 34.34 -5.00
CA THR F 161 16.15 35.11 -4.83
C THR F 161 16.40 35.30 -3.33
N ASP F 162 17.40 36.12 -3.00
CA ASP F 162 17.74 36.37 -1.60
C ASP F 162 16.67 37.20 -0.90
N LYS F 163 16.01 38.11 -1.62
CA LYS F 163 15.08 39.03 -1.01
C LYS F 163 13.62 38.62 -1.14
N LYS F 164 13.24 37.94 -2.21
CA LYS F 164 11.85 37.58 -2.43
C LYS F 164 11.72 36.10 -2.79
N VAL F 165 10.66 35.47 -2.27
CA VAL F 165 10.31 34.10 -2.61
C VAL F 165 8.80 34.05 -2.82
N GLY F 166 8.37 33.32 -3.85
CA GLY F 166 6.95 33.25 -4.16
C GLY F 166 6.58 31.90 -4.72
N TRP F 167 5.34 31.51 -4.46
CA TRP F 167 4.77 30.26 -4.96
C TRP F 167 3.70 30.57 -6.01
N LYS F 168 3.16 29.51 -6.60
CA LYS F 168 2.23 29.66 -7.72
C LYS F 168 1.47 28.36 -7.91
N VAL F 169 0.16 28.47 -8.11
CA VAL F 169 -0.72 27.33 -8.36
C VAL F 169 -1.44 27.60 -9.68
N ILE F 170 -1.27 26.71 -10.65
CA ILE F 170 -1.81 26.91 -11.99
C ILE F 170 -2.82 25.82 -12.29
N PHE F 171 -3.56 26.02 -13.37
CA PHE F 171 -4.63 25.10 -13.79
C PHE F 171 -4.05 24.12 -14.82
N ASN F 172 -3.73 22.92 -14.36
CA ASN F 172 -3.17 21.89 -15.23
C ASN F 172 -4.18 21.45 -16.29
N ASN F 173 -5.26 20.80 -15.88
CA ASN F 173 -6.32 20.36 -16.78
C ASN F 173 -7.47 19.83 -15.94
N MET F 174 -8.63 19.69 -16.58
CA MET F 174 -9.85 19.27 -15.91
C MET F 174 -10.60 18.27 -16.79
N VAL F 175 -11.35 17.37 -16.16
CA VAL F 175 -12.22 16.42 -16.92
C VAL F 175 -13.67 16.96 -16.90
N ASN F 176 -14.28 17.16 -18.08
CA ASN F 176 -15.65 17.74 -18.15
C ASN F 176 -16.67 16.61 -18.29
N GLN F 177 -17.46 16.35 -17.25
CA GLN F 177 -18.51 15.30 -17.29
C GLN F 177 -17.96 14.02 -17.92
N ASN F 178 -16.93 13.41 -17.33
CA ASN F 178 -16.37 12.10 -17.79
C ASN F 178 -15.70 12.20 -19.17
N TRP F 179 -15.79 13.34 -19.86
CA TRP F 179 -15.07 13.49 -21.15
C TRP F 179 -13.58 13.70 -20.90
N GLY F 180 -12.75 13.55 -21.92
CA GLY F 180 -11.29 13.61 -21.75
C GLY F 180 -10.83 14.89 -21.11
N PRO F 181 -9.62 14.92 -20.50
CA PRO F 181 -9.16 16.11 -19.82
C PRO F 181 -8.97 17.26 -20.78
N TYR F 182 -9.50 18.44 -20.43
CA TYR F 182 -9.35 19.65 -21.29
C TYR F 182 -8.48 20.67 -20.58
N ASP F 183 -7.82 21.56 -21.32
CA ASP F 183 -7.00 22.61 -20.73
C ASP F 183 -7.23 23.89 -21.51
N ARG F 184 -6.52 24.95 -21.11
CA ARG F 184 -6.76 26.27 -21.68
C ARG F 184 -6.42 26.32 -23.17
N ASP F 185 -5.45 25.52 -23.61
CA ASP F 185 -5.03 25.52 -25.01
C ASP F 185 -5.74 24.46 -25.84
N SER F 186 -6.65 23.68 -25.25
CA SER F 186 -7.38 22.67 -26.01
C SER F 186 -8.24 23.34 -27.08
N TRP F 187 -8.30 22.72 -28.26
CA TRP F 187 -9.07 23.25 -29.37
C TRP F 187 -9.68 22.11 -30.17
N ASN F 188 -10.87 22.36 -30.70
CA ASN F 188 -11.58 21.43 -31.56
C ASN F 188 -12.10 22.25 -32.73
N PRO F 189 -11.90 21.79 -33.98
CA PRO F 189 -12.35 22.59 -35.12
C PRO F 189 -13.85 22.85 -35.12
N VAL F 190 -14.65 21.90 -34.63
CA VAL F 190 -16.10 22.07 -34.63
C VAL F 190 -16.57 22.85 -33.40
N TYR F 191 -16.26 22.32 -32.22
CA TYR F 191 -16.79 22.87 -30.97
C TYR F 191 -15.86 23.88 -30.32
N GLY F 192 -14.56 23.79 -30.54
CA GLY F 192 -13.64 24.71 -29.91
C GLY F 192 -13.18 24.23 -28.54
N ASN F 193 -12.94 25.15 -27.63
CA ASN F 193 -12.55 24.80 -26.26
C ASN F 193 -13.81 24.43 -25.49
N GLN F 194 -13.99 23.13 -25.23
CA GLN F 194 -15.16 22.61 -24.54
C GLN F 194 -14.92 22.45 -23.04
N LEU F 195 -14.06 23.30 -22.46
CA LEU F 195 -13.67 23.14 -21.07
C LEU F 195 -14.86 23.29 -20.13
N PHE F 196 -15.43 24.48 -20.05
CA PHE F 196 -16.62 24.72 -19.22
C PHE F 196 -17.87 24.80 -20.11
N MET F 197 -18.21 23.66 -20.72
CA MET F 197 -19.39 23.56 -21.57
C MET F 197 -20.33 22.50 -21.03
N LYS F 198 -21.61 22.85 -20.92
CA LYS F 198 -22.61 21.93 -20.39
C LYS F 198 -23.06 20.93 -21.46
N THR F 199 -23.63 21.44 -22.54
CA THR F 199 -24.12 20.62 -23.64
C THR F 199 -23.59 21.16 -24.96
N ARG F 200 -23.19 20.24 -25.85
CA ARG F 200 -22.60 20.66 -27.12
C ARG F 200 -23.60 21.40 -28.00
N ASN F 201 -24.83 20.90 -28.07
CA ASN F 201 -25.85 21.48 -28.93
C ASN F 201 -27.17 21.63 -28.18
N GLY F 202 -27.11 22.08 -26.94
CA GLY F 202 -28.32 22.36 -26.19
C GLY F 202 -29.06 23.57 -26.72
N SER F 203 -30.35 23.62 -26.43
CA SER F 203 -31.21 24.71 -26.87
C SER F 203 -31.45 25.76 -25.80
N MET F 204 -30.76 25.67 -24.66
CA MET F 204 -30.98 26.59 -23.57
C MET F 204 -30.30 27.93 -23.86
N LYS F 205 -30.43 28.86 -22.91
CA LYS F 205 -29.77 30.15 -23.03
C LYS F 205 -28.26 30.01 -22.91
N ALA F 206 -27.54 30.95 -23.51
CA ALA F 206 -26.07 30.90 -23.49
C ALA F 206 -25.53 30.96 -22.07
N ALA F 207 -26.08 31.86 -21.25
CA ALA F 207 -25.64 31.97 -19.87
C ALA F 207 -25.98 30.71 -19.08
N ASP F 208 -27.10 30.05 -19.40
CA ASP F 208 -27.47 28.83 -18.72
C ASP F 208 -26.55 27.67 -19.07
N ASN F 209 -26.01 27.65 -20.29
CA ASN F 209 -25.16 26.56 -20.76
C ASN F 209 -23.73 26.78 -20.25
N PHE F 210 -23.54 26.48 -18.97
CA PHE F 210 -22.22 26.46 -18.37
C PHE F 210 -22.15 25.37 -17.32
N LEU F 211 -20.96 24.80 -17.15
CA LEU F 211 -20.77 23.70 -16.22
C LEU F 211 -21.09 24.14 -14.80
N ASP F 212 -21.81 23.29 -14.07
CA ASP F 212 -22.18 23.60 -12.70
C ASP F 212 -20.92 23.70 -11.84
N PRO F 213 -20.78 24.74 -11.01
CA PRO F 213 -19.57 24.86 -10.19
C PRO F 213 -19.36 23.68 -9.27
N ASN F 214 -20.43 23.02 -8.83
CA ASN F 214 -20.27 21.80 -8.02
C ASN F 214 -19.60 20.70 -8.83
N LYS F 215 -19.98 20.57 -10.11
CA LYS F 215 -19.37 19.55 -10.96
C LYS F 215 -17.88 19.80 -11.17
N ALA F 216 -17.50 21.07 -11.34
CA ALA F 216 -16.11 21.42 -11.55
C ALA F 216 -15.32 21.26 -10.25
N SER F 217 -14.04 21.59 -10.31
CA SER F 217 -13.18 21.47 -9.14
C SER F 217 -13.59 22.45 -8.06
N SER F 218 -13.26 22.10 -6.82
CA SER F 218 -13.64 22.94 -5.68
C SER F 218 -12.87 24.27 -5.70
N LEU F 219 -11.61 24.25 -6.11
CA LEU F 219 -10.80 25.45 -6.10
C LEU F 219 -11.30 26.52 -7.07
N LEU F 220 -12.06 26.13 -8.10
CA LEU F 220 -12.57 27.12 -9.04
C LEU F 220 -13.57 28.05 -8.39
N SER F 221 -14.48 27.52 -7.58
CA SER F 221 -15.57 28.30 -7.01
C SER F 221 -15.32 28.70 -5.57
N SER F 222 -14.90 27.75 -4.72
CA SER F 222 -14.68 28.03 -3.30
C SER F 222 -13.27 28.50 -3.00
N GLY F 223 -12.38 28.52 -3.99
CA GLY F 223 -11.07 29.10 -3.81
C GLY F 223 -10.03 28.15 -3.27
N PHE F 224 -8.82 28.69 -3.17
CA PHE F 224 -7.63 27.93 -2.76
C PHE F 224 -7.06 28.54 -1.49
N SER F 225 -6.83 27.70 -0.48
CA SER F 225 -6.25 28.14 0.79
C SER F 225 -4.82 27.64 0.89
N PRO F 226 -3.82 28.52 0.78
CA PRO F 226 -2.43 28.06 0.78
C PRO F 226 -1.93 27.68 2.16
N ASP F 227 -0.79 26.97 2.16
CA ASP F 227 -0.05 26.69 3.39
C ASP F 227 1.43 26.63 3.01
N PHE F 228 2.10 27.78 3.14
CA PHE F 228 3.48 27.94 2.68
C PHE F 228 4.31 28.52 3.83
N ALA F 229 5.52 28.00 4.00
CA ALA F 229 6.38 28.37 5.12
C ALA F 229 7.70 28.94 4.60
N THR F 230 8.14 30.03 5.20
CA THR F 230 9.42 30.65 4.86
C THR F 230 10.06 31.21 6.13
N VAL F 231 11.38 31.14 6.19
CA VAL F 231 12.14 31.55 7.37
C VAL F 231 13.12 32.65 6.98
N ILE F 232 13.15 33.72 7.77
CA ILE F 232 14.00 34.87 7.54
C ILE F 232 15.03 34.93 8.65
N THR F 233 16.31 35.04 8.28
CA THR F 233 17.40 35.07 9.24
C THR F 233 18.07 36.44 9.23
N MET F 234 18.31 36.98 10.42
CA MET F 234 18.91 38.29 10.59
C MET F 234 20.11 38.17 11.51
N ASP F 235 21.22 38.79 11.11
CA ASP F 235 22.42 38.78 11.95
C ASP F 235 22.14 39.47 13.28
N ARG F 236 22.61 38.87 14.36
CA ARG F 236 22.33 39.37 15.70
C ARG F 236 23.18 40.57 16.10
N LYS F 237 24.15 40.95 15.27
CA LYS F 237 24.98 42.12 15.54
C LYS F 237 24.61 43.31 14.66
N ALA F 238 23.48 43.25 13.96
CA ALA F 238 23.10 44.33 13.06
C ALA F 238 22.78 45.59 13.84
N SER F 239 23.06 46.74 13.21
CA SER F 239 22.79 48.03 13.85
C SER F 239 21.29 48.25 14.00
N LYS F 240 20.52 48.00 12.95
CA LYS F 240 19.08 48.20 12.95
C LYS F 240 18.38 46.85 13.13
N GLN F 241 17.48 46.78 14.12
CA GLN F 241 16.78 45.55 14.45
C GLN F 241 15.33 45.57 13.99
N GLN F 242 14.98 46.40 13.00
CA GLN F 242 13.64 46.49 12.48
C GLN F 242 13.64 46.16 10.99
N THR F 243 12.65 45.39 10.56
CA THR F 243 12.58 44.90 9.19
C THR F 243 11.15 45.04 8.69
N ASN F 244 11.01 45.24 7.38
CA ASN F 244 9.72 45.36 6.72
C ASN F 244 9.57 44.26 5.69
N ILE F 245 8.37 43.68 5.61
CA ILE F 245 8.06 42.64 4.64
C ILE F 245 6.81 43.05 3.88
N ASP F 246 6.67 42.53 2.66
CA ASP F 246 5.47 42.71 1.85
C ASP F 246 4.92 41.35 1.47
N VAL F 247 3.61 41.18 1.61
CA VAL F 247 2.94 39.92 1.29
C VAL F 247 1.89 40.21 0.23
N ILE F 248 1.94 39.47 -0.88
CA ILE F 248 1.02 39.66 -2.00
C ILE F 248 0.24 38.37 -2.18
N TYR F 249 -1.03 38.51 -2.57
CA TYR F 249 -1.96 37.39 -2.70
C TYR F 249 -2.68 37.45 -4.04
N GLU F 250 -1.93 37.67 -5.12
CA GLU F 250 -2.55 37.93 -6.40
C GLU F 250 -3.26 36.69 -6.96
N ARG F 251 -4.32 36.95 -7.73
CA ARG F 251 -5.12 35.91 -8.37
C ARG F 251 -5.41 36.31 -9.81
N VAL F 252 -5.28 35.36 -10.73
CA VAL F 252 -5.40 35.60 -12.15
C VAL F 252 -6.64 34.88 -12.67
N ARG F 253 -7.48 35.59 -13.41
CA ARG F 253 -8.71 35.04 -13.96
C ARG F 253 -8.66 35.07 -15.48
N ASP F 254 -9.37 34.14 -16.10
CA ASP F 254 -9.45 34.02 -17.54
C ASP F 254 -10.89 34.21 -18.01
N ASP F 255 -11.05 34.53 -19.28
CA ASP F 255 -12.35 34.79 -19.88
C ASP F 255 -12.71 33.63 -20.80
N TYR F 256 -13.74 32.89 -20.42
CA TYR F 256 -14.26 31.78 -21.22
C TYR F 256 -15.63 32.16 -21.76
N GLN F 257 -15.76 32.20 -23.08
CA GLN F 257 -17.00 32.56 -23.74
C GLN F 257 -17.38 31.47 -24.72
N LEU F 258 -18.65 31.09 -24.72
CA LEU F 258 -19.19 30.20 -25.73
C LEU F 258 -20.18 30.94 -26.61
N HIS F 259 -20.19 30.59 -27.89
CA HIS F 259 -20.97 31.29 -28.91
C HIS F 259 -21.77 30.27 -29.72
N TRP F 260 -23.03 30.59 -29.99
CA TRP F 260 -23.90 29.75 -30.79
C TRP F 260 -23.74 30.15 -32.26
N THR F 261 -23.02 29.33 -33.03
CA THR F 261 -22.69 29.73 -34.39
C THR F 261 -23.85 29.49 -35.35
N SER F 262 -24.17 28.23 -35.62
CA SER F 262 -25.39 27.92 -36.35
C SER F 262 -26.19 26.79 -35.73
N THR F 263 -25.53 25.74 -35.25
CA THR F 263 -26.22 24.55 -34.76
C THR F 263 -25.70 24.12 -33.39
N ASN F 264 -24.41 24.32 -33.15
CA ASN F 264 -23.76 23.87 -31.92
C ASN F 264 -23.07 25.04 -31.22
N TRP F 265 -22.82 24.86 -29.93
CA TRP F 265 -22.09 25.85 -29.16
C TRP F 265 -20.60 25.76 -29.45
N LYS F 266 -19.97 26.91 -29.57
CA LYS F 266 -18.53 27.01 -29.79
C LYS F 266 -17.91 27.83 -28.67
N GLY F 267 -16.90 27.27 -28.02
CA GLY F 267 -16.30 27.88 -26.84
C GLY F 267 -14.90 28.40 -27.14
N THR F 268 -14.60 29.59 -26.60
CA THR F 268 -13.30 30.24 -26.78
C THR F 268 -12.80 30.73 -25.43
N ASN F 269 -11.49 30.61 -25.21
CA ASN F 269 -10.87 30.99 -23.95
C ASN F 269 -9.81 32.05 -24.21
N THR F 270 -9.78 33.07 -23.33
CA THR F 270 -8.83 34.17 -23.41
C THR F 270 -8.04 34.19 -22.10
N LYS F 271 -6.83 33.66 -22.12
CA LYS F 271 -6.06 33.50 -20.90
C LYS F 271 -5.53 34.83 -20.38
N ASP F 272 -5.41 34.92 -19.05
CA ASP F 272 -4.84 36.08 -18.35
C ASP F 272 -5.61 37.36 -18.72
N LYS F 273 -6.89 37.38 -18.36
CA LYS F 273 -7.74 38.53 -18.65
C LYS F 273 -7.71 39.56 -17.53
N TRP F 274 -7.80 39.11 -16.27
CA TRP F 274 -7.78 39.99 -15.11
C TRP F 274 -6.82 39.46 -14.07
N THR F 275 -6.30 40.37 -13.25
CA THR F 275 -5.47 40.02 -12.11
C THR F 275 -5.87 40.90 -10.92
N ASP F 276 -6.12 40.27 -9.78
CA ASP F 276 -6.45 40.98 -8.54
C ASP F 276 -5.29 40.83 -7.57
N ARG F 277 -4.75 41.96 -7.10
CA ARG F 277 -3.59 41.95 -6.22
C ARG F 277 -3.93 42.58 -4.89
N SER F 278 -3.45 41.97 -3.81
CA SER F 278 -3.65 42.47 -2.45
C SER F 278 -2.33 42.38 -1.72
N SER F 279 -1.64 43.52 -1.61
CA SER F 279 -0.34 43.60 -0.95
C SER F 279 -0.47 44.34 0.36
N GLU F 280 0.11 43.77 1.42
CA GLU F 280 0.15 44.41 2.73
C GLU F 280 1.57 44.36 3.27
N ARG F 281 1.98 45.43 3.94
CA ARG F 281 3.34 45.56 4.46
C ARG F 281 3.34 45.36 5.97
N TYR F 282 4.17 44.44 6.44
CA TYR F 282 4.34 44.16 7.86
C TYR F 282 5.68 44.71 8.34
N LYS F 283 5.77 44.95 9.64
CA LYS F 283 6.99 45.43 10.27
C LYS F 283 7.46 44.41 11.30
N ILE F 284 8.76 44.11 11.29
CA ILE F 284 9.36 43.14 12.20
C ILE F 284 10.19 43.89 13.22
N ASP F 285 10.02 43.54 14.49
CA ASP F 285 10.83 44.09 15.58
C ASP F 285 11.59 42.93 16.21
N TRP F 286 12.84 42.73 15.77
CA TRP F 286 13.63 41.61 16.25
C TRP F 286 13.93 41.74 17.74
N GLU F 287 14.20 42.97 18.21
CA GLU F 287 14.54 43.16 19.61
C GLU F 287 13.37 42.79 20.53
N LYS F 288 12.16 43.20 20.18
CA LYS F 288 10.98 42.88 20.97
C LYS F 288 10.33 41.56 20.57
N GLU F 289 10.75 40.96 19.45
CA GLU F 289 10.20 39.70 18.96
C GLU F 289 8.69 39.80 18.74
N GLU F 290 8.29 40.71 17.85
CA GLU F 290 6.89 40.86 17.49
C GLU F 290 6.79 41.49 16.12
N MET F 291 5.88 40.97 15.29
CA MET F 291 5.58 41.51 13.98
C MET F 291 4.16 42.04 14.00
N THR F 292 4.01 43.33 13.70
CA THR F 292 2.72 44.00 13.85
C THR F 292 2.42 44.89 12.65
N ASN F 293 1.24 44.71 12.07
CA ASN F 293 0.67 45.64 11.09
C ASN F 293 -0.72 45.18 10.67
N ALA G 1 5.65 20.59 6.66
CA ALA G 1 6.51 19.81 7.53
C ALA G 1 7.49 20.71 8.28
N ASP G 2 7.42 20.67 9.61
CA ASP G 2 8.30 21.48 10.44
C ASP G 2 9.74 21.00 10.35
N SER G 3 9.94 19.68 10.24
CA SER G 3 11.28 19.11 10.21
C SER G 3 12.00 19.33 8.89
N ASP G 4 11.30 19.76 7.85
CA ASP G 4 11.93 19.97 6.55
C ASP G 4 12.61 21.32 6.43
N ILE G 5 12.40 22.22 7.40
CA ILE G 5 13.08 23.50 7.46
C ILE G 5 14.23 23.48 8.46
N ASN G 6 14.58 22.29 8.97
CA ASN G 6 15.62 22.01 9.96
C ASN G 6 15.21 22.47 11.35
N ILE G 7 13.99 22.94 11.54
CA ILE G 7 13.50 23.27 12.87
C ILE G 7 13.06 21.99 13.58
N LYS G 8 13.33 21.90 14.87
CA LYS G 8 12.89 20.76 15.65
C LYS G 8 11.37 20.65 15.60
N THR G 9 10.88 19.43 15.40
CA THR G 9 9.45 19.22 15.21
C THR G 9 8.67 19.63 16.46
N GLY G 10 7.54 20.30 16.23
CA GLY G 10 6.69 20.75 17.30
C GLY G 10 7.12 22.04 17.98
N THR G 11 8.23 22.64 17.56
CA THR G 11 8.72 23.86 18.21
C THR G 11 7.77 25.03 17.98
N THR G 12 7.25 25.18 16.77
CA THR G 12 6.44 26.34 16.41
C THR G 12 4.98 26.20 16.82
N ASP G 13 4.56 25.04 17.31
CA ASP G 13 3.17 24.87 17.72
C ASP G 13 2.90 25.64 19.01
N ILE G 14 1.61 25.83 19.29
CA ILE G 14 1.17 26.63 20.44
C ILE G 14 0.33 25.75 21.35
N GLY G 15 0.53 25.92 22.66
CA GLY G 15 -0.21 25.14 23.63
C GLY G 15 0.69 24.53 24.69
N SER G 16 1.97 24.86 24.65
CA SER G 16 2.93 24.29 25.58
C SER G 16 2.81 24.94 26.95
N ASN G 17 2.99 24.14 27.99
CA ASN G 17 2.97 24.55 29.40
C ASN G 17 1.86 25.56 29.68
N THR G 18 0.63 25.14 29.41
CA THR G 18 -0.54 25.96 29.69
C THR G 18 -1.73 25.04 29.96
N THR G 19 -2.73 25.60 30.63
CA THR G 19 -3.96 24.87 30.94
C THR G 19 -5.08 25.39 30.04
N VAL G 20 -5.74 24.48 29.33
CA VAL G 20 -6.86 24.80 28.46
C VAL G 20 -8.15 24.38 29.15
N LYS G 21 -9.13 25.27 29.17
CA LYS G 21 -10.42 24.98 29.77
C LYS G 21 -11.40 24.63 28.65
N THR G 22 -11.65 23.33 28.51
CA THR G 22 -12.54 22.83 27.46
C THR G 22 -13.99 22.99 27.91
N GLY G 23 -14.91 22.44 27.12
CA GLY G 23 -16.32 22.54 27.46
C GLY G 23 -17.15 21.77 26.47
N ASP G 24 -18.47 21.84 26.65
CA ASP G 24 -19.38 21.08 25.81
C ASP G 24 -20.79 21.65 25.98
N LEU G 25 -21.49 21.81 24.86
CA LEU G 25 -22.88 22.26 24.88
C LEU G 25 -23.67 21.43 23.88
N VAL G 26 -24.73 20.79 24.36
CA VAL G 26 -25.51 19.86 23.55
C VAL G 26 -26.97 20.33 23.52
N THR G 27 -27.54 20.38 22.33
CA THR G 27 -28.94 20.78 22.15
C THR G 27 -29.52 20.01 20.98
N TYR G 28 -30.80 19.64 21.10
CA TYR G 28 -31.49 18.88 20.07
C TYR G 28 -32.68 19.68 19.57
N ASP G 29 -32.81 19.76 18.24
CA ASP G 29 -33.89 20.49 17.59
C ASP G 29 -34.91 19.48 17.08
N LYS G 30 -35.98 19.29 17.86
CA LYS G 30 -36.97 18.28 17.50
C LYS G 30 -37.65 18.60 16.17
N GLU G 31 -37.91 19.88 15.90
CA GLU G 31 -38.62 20.25 14.68
C GLU G 31 -37.81 19.90 13.44
N ASN G 32 -36.50 20.14 13.46
CA ASN G 32 -35.64 19.90 12.31
C ASN G 32 -34.83 18.62 12.42
N GLY G 33 -34.85 17.94 13.57
CA GLY G 33 -34.10 16.70 13.71
C GLY G 33 -32.60 16.86 13.59
N MET G 34 -32.06 17.88 14.26
CA MET G 34 -30.63 18.17 14.23
C MET G 34 -30.09 18.12 15.66
N HIS G 35 -29.28 17.10 15.95
CA HIS G 35 -28.62 16.98 17.26
C HIS G 35 -27.30 17.72 17.21
N LYS G 36 -27.37 19.03 17.43
CA LYS G 36 -26.20 19.89 17.33
C LYS G 36 -25.42 19.90 18.63
N LYS G 37 -24.09 19.95 18.51
CA LYS G 37 -23.20 20.01 19.66
C LYS G 37 -21.92 20.73 19.26
N VAL G 38 -21.39 21.55 20.17
CA VAL G 38 -20.14 22.26 19.95
C VAL G 38 -19.19 21.95 21.11
N PHE G 39 -17.91 21.79 20.79
CA PHE G 39 -16.87 21.48 21.76
C PHE G 39 -15.81 22.57 21.68
N TYR G 40 -15.76 23.43 22.70
CA TYR G 40 -14.84 24.56 22.70
C TYR G 40 -13.64 24.27 23.59
N SER G 41 -12.59 25.08 23.41
CA SER G 41 -11.35 24.96 24.18
C SER G 41 -10.67 26.31 24.21
N PHE G 42 -10.53 26.88 25.39
CA PHE G 42 -9.90 28.18 25.57
C PHE G 42 -8.40 28.00 25.82
N ILE G 43 -7.59 28.49 24.89
CA ILE G 43 -6.13 28.43 25.00
C ILE G 43 -5.62 29.86 25.09
N ASP G 44 -4.89 30.16 26.17
CA ASP G 44 -4.25 31.46 26.35
C ASP G 44 -2.77 31.21 26.64
N ASP G 45 -1.97 31.13 25.58
CA ASP G 45 -0.53 30.93 25.70
C ASP G 45 0.14 32.29 25.88
N LYS G 46 0.94 32.42 26.93
CA LYS G 46 1.62 33.70 27.20
C LYS G 46 2.57 34.03 26.03
N ASN G 47 3.26 33.02 25.50
CA ASN G 47 4.18 33.26 24.39
C ASN G 47 3.46 33.56 23.08
N HIS G 48 2.15 33.38 23.01
CA HIS G 48 1.39 33.68 21.81
C HIS G 48 0.99 35.17 21.82
N ASN G 49 0.30 35.58 20.77
CA ASN G 49 -0.06 36.99 20.56
C ASN G 49 -1.49 37.31 20.92
N LYS G 50 -2.42 36.36 20.76
CA LYS G 50 -3.83 36.60 21.00
C LYS G 50 -4.42 35.42 21.78
N LYS G 51 -5.52 35.68 22.47
CA LYS G 51 -6.28 34.61 23.09
C LYS G 51 -6.91 33.74 22.02
N LEU G 52 -6.97 32.43 22.27
CA LEU G 52 -7.47 31.49 21.28
C LEU G 52 -8.70 30.78 21.79
N LEU G 53 -9.50 30.30 20.84
CA LEU G 53 -10.70 29.52 21.13
C LEU G 53 -11.01 28.69 19.91
N VAL G 54 -10.89 27.37 20.03
CA VAL G 54 -11.17 26.46 18.93
C VAL G 54 -12.54 25.84 19.18
N ILE G 55 -13.40 25.88 18.16
CA ILE G 55 -14.78 25.41 18.26
C ILE G 55 -14.95 24.27 17.27
N ARG G 56 -15.42 23.13 17.76
CA ARG G 56 -15.63 21.95 16.94
C ARG G 56 -17.13 21.64 16.95
N THR G 57 -17.80 21.94 15.84
CA THR G 57 -19.24 21.72 15.72
C THR G 57 -19.48 20.28 15.25
N LYS G 58 -19.31 19.35 16.18
CA LYS G 58 -19.48 17.93 15.87
C LYS G 58 -20.92 17.63 15.48
N GLY G 59 -21.85 17.71 16.44
CA GLY G 59 -23.26 17.57 16.15
C GLY G 59 -23.68 16.36 15.35
N THR G 60 -24.87 16.42 14.77
CA THR G 60 -25.39 15.42 13.83
C THR G 60 -26.64 15.98 13.17
N ILE G 61 -26.76 15.76 11.86
CA ILE G 61 -27.92 16.21 11.09
C ILE G 61 -28.59 14.99 10.49
N ALA G 62 -29.89 14.86 10.69
CA ALA G 62 -30.63 13.70 10.19
C ALA G 62 -30.76 13.77 8.66
N GLY G 63 -31.16 12.64 8.09
CA GLY G 63 -31.30 12.55 6.64
C GLY G 63 -32.66 12.93 6.13
N GLN G 64 -33.72 12.43 6.76
CA GLN G 64 -35.10 12.70 6.36
C GLN G 64 -35.35 12.26 4.93
N TYR G 65 -35.24 10.94 4.71
CA TYR G 65 -35.46 10.31 3.42
C TYR G 65 -36.75 9.50 3.51
N ARG G 66 -37.82 10.03 2.93
CA ARG G 66 -39.12 9.40 3.05
C ARG G 66 -40.03 9.89 1.92
N VAL G 67 -41.10 9.13 1.69
CA VAL G 67 -42.10 9.48 0.68
C VAL G 67 -43.13 10.42 1.32
N TYR G 68 -43.21 11.64 0.82
CA TYR G 68 -44.08 12.64 1.44
C TYR G 68 -45.50 12.58 0.90
N SER G 69 -45.67 12.34 -0.40
CA SER G 69 -47.00 12.37 -1.00
C SER G 69 -47.18 11.19 -1.95
N GLU G 70 -48.39 10.63 -1.94
CA GLU G 70 -48.80 9.62 -2.90
C GLU G 70 -50.20 9.95 -3.40
N GLU G 71 -50.42 9.76 -4.70
CA GLU G 71 -51.70 10.04 -5.35
C GLU G 71 -52.11 8.79 -6.10
N GLY G 72 -52.76 7.86 -5.41
CA GLY G 72 -53.11 6.62 -6.04
C GLY G 72 -51.86 5.81 -6.38
N ALA G 73 -52.03 4.92 -7.35
CA ALA G 73 -50.92 4.13 -7.88
C ALA G 73 -50.26 4.77 -9.09
N ASN G 74 -50.73 5.93 -9.54
CA ASN G 74 -50.20 6.53 -10.75
C ASN G 74 -48.92 7.32 -10.48
N LYS G 75 -48.84 8.03 -9.36
CA LYS G 75 -47.67 8.86 -9.11
C LYS G 75 -47.47 9.03 -7.61
N SER G 76 -46.23 9.34 -7.23
CA SER G 76 -45.87 9.58 -5.84
C SER G 76 -44.56 10.36 -5.80
N GLY G 77 -44.30 10.98 -4.65
CA GLY G 77 -43.13 11.81 -4.46
C GLY G 77 -42.13 11.22 -3.47
N LEU G 78 -41.04 11.95 -3.31
CA LEU G 78 -39.97 11.55 -2.41
C LEU G 78 -39.12 12.77 -2.08
N ALA G 79 -38.79 12.93 -0.80
CA ALA G 79 -37.92 14.00 -0.34
C ALA G 79 -36.64 13.40 0.21
N TRP G 80 -35.51 13.81 -0.33
CA TRP G 80 -34.21 13.28 0.05
C TRP G 80 -33.23 14.43 0.29
N PRO G 81 -32.27 14.25 1.19
CA PRO G 81 -31.34 15.34 1.54
C PRO G 81 -30.32 15.58 0.44
N SER G 82 -30.47 16.72 -0.25
CA SER G 82 -29.55 17.04 -1.33
C SER G 82 -28.21 17.54 -0.81
N ALA G 83 -28.22 18.29 0.30
CA ALA G 83 -26.99 18.88 0.80
C ALA G 83 -27.13 19.19 2.29
N PHE G 84 -26.01 19.04 3.01
CA PHE G 84 -25.92 19.41 4.41
C PHE G 84 -24.95 20.59 4.55
N LYS G 85 -25.33 21.56 5.38
CA LYS G 85 -24.49 22.74 5.58
C LYS G 85 -24.40 23.06 7.06
N VAL G 86 -23.27 23.62 7.46
CA VAL G 86 -23.06 24.12 8.81
C VAL G 86 -22.08 25.28 8.75
N GLN G 87 -22.47 26.42 9.31
CA GLN G 87 -21.70 27.65 9.19
C GLN G 87 -21.73 28.42 10.50
N LEU G 88 -20.63 29.13 10.77
CA LEU G 88 -20.51 29.98 11.94
C LEU G 88 -20.36 31.43 11.49
N GLN G 89 -20.95 32.35 12.24
CA GLN G 89 -20.90 33.76 11.88
C GLN G 89 -20.67 34.59 13.14
N LEU G 90 -20.07 35.77 12.94
CA LEU G 90 -19.82 36.75 13.97
C LEU G 90 -20.51 38.06 13.62
N PRO G 91 -20.95 38.82 14.62
CA PRO G 91 -21.57 40.13 14.32
C PRO G 91 -20.57 41.07 13.65
N ASP G 92 -21.11 41.97 12.82
CA ASP G 92 -20.26 42.89 12.08
C ASP G 92 -19.49 43.83 13.01
N ASN G 93 -20.06 44.17 14.16
CA ASN G 93 -19.43 45.08 15.09
C ASN G 93 -18.47 44.39 16.05
N GLU G 94 -18.30 43.08 15.93
CA GLU G 94 -17.46 42.34 16.86
C GLU G 94 -15.97 42.64 16.61
N VAL G 95 -15.16 42.35 17.61
CA VAL G 95 -13.73 42.59 17.54
C VAL G 95 -12.93 41.32 17.32
N ALA G 96 -13.48 40.15 17.64
CA ALA G 96 -12.78 38.90 17.39
C ALA G 96 -12.75 38.59 15.89
N GLN G 97 -11.89 37.64 15.53
CA GLN G 97 -11.70 37.29 14.12
C GLN G 97 -11.56 35.79 13.98
N ILE G 98 -11.89 35.29 12.79
CA ILE G 98 -11.72 33.89 12.44
C ILE G 98 -10.33 33.70 11.85
N SER G 99 -9.55 32.78 12.42
CA SER G 99 -8.17 32.58 12.00
C SER G 99 -7.99 31.35 11.11
N ASP G 100 -8.34 30.17 11.59
CA ASP G 100 -8.07 28.94 10.86
C ASP G 100 -9.29 28.03 10.89
N TYR G 101 -9.23 27.00 10.05
CA TYR G 101 -10.30 26.03 9.86
C TYR G 101 -9.71 24.78 9.21
N TYR G 102 -9.84 23.62 9.87
CA TYR G 102 -9.09 22.46 9.40
C TYR G 102 -9.59 21.94 8.05
N PRO G 103 -10.83 21.47 7.91
CA PRO G 103 -11.23 20.88 6.63
C PRO G 103 -11.29 21.94 5.53
N ARG G 104 -10.41 21.80 4.55
CA ARG G 104 -10.23 22.79 3.51
C ARG G 104 -10.18 22.10 2.14
N ASN G 105 -10.45 22.89 1.11
CA ASN G 105 -10.44 22.36 -0.26
C ASN G 105 -9.07 21.79 -0.61
N SER G 106 -9.08 20.63 -1.26
CA SER G 106 -7.85 19.95 -1.64
C SER G 106 -7.89 19.62 -3.14
N ILE G 107 -6.73 19.68 -3.76
CA ILE G 107 -6.62 19.38 -5.18
C ILE G 107 -6.77 17.88 -5.39
N ASP G 108 -7.51 17.50 -6.43
CA ASP G 108 -7.76 16.10 -6.75
C ASP G 108 -7.06 15.72 -8.04
N THR G 109 -6.55 14.48 -8.07
CA THR G 109 -5.74 13.99 -9.16
C THR G 109 -6.52 12.97 -9.98
N LYS G 110 -5.89 12.52 -11.07
CA LYS G 110 -6.47 11.52 -11.94
C LYS G 110 -5.35 10.76 -12.63
N GLU G 111 -5.58 9.47 -12.88
CA GLU G 111 -4.63 8.68 -13.65
C GLU G 111 -4.84 8.92 -15.15
N TYR G 112 -3.83 8.54 -15.92
CA TYR G 112 -3.91 8.62 -17.37
C TYR G 112 -2.97 7.58 -17.96
N MET G 113 -3.38 6.97 -19.07
CA MET G 113 -2.62 5.87 -19.65
C MET G 113 -2.76 5.88 -21.16
N SER G 114 -1.64 5.86 -21.86
CA SER G 114 -1.59 5.83 -23.31
C SER G 114 -1.00 4.50 -23.77
N THR G 115 -1.65 3.88 -24.74
CA THR G 115 -1.24 2.57 -25.24
C THR G 115 -1.06 2.62 -26.74
N LEU G 116 -0.08 1.86 -27.23
CA LEU G 116 0.18 1.73 -28.66
C LEU G 116 0.56 0.29 -28.94
N THR G 117 -0.02 -0.29 -30.00
CA THR G 117 0.20 -1.69 -30.32
C THR G 117 0.41 -1.86 -31.81
N TYR G 118 1.45 -2.59 -32.18
CA TYR G 118 1.70 -3.00 -33.55
C TYR G 118 1.44 -4.50 -33.67
N GLY G 119 1.01 -4.93 -34.85
CA GLY G 119 0.69 -6.32 -35.07
C GLY G 119 1.11 -6.77 -36.45
N PHE G 120 1.24 -8.09 -36.58
CA PHE G 120 1.52 -8.73 -37.86
C PHE G 120 0.81 -10.07 -37.87
N ASN G 121 0.47 -10.55 -39.07
CA ASN G 121 -0.32 -11.76 -39.19
C ASN G 121 -0.02 -12.42 -40.53
N GLY G 122 -0.13 -13.75 -40.54
CA GLY G 122 0.05 -14.51 -41.76
C GLY G 122 -0.38 -15.95 -41.62
N ASN G 123 -1.20 -16.45 -42.55
CA ASN G 123 -1.67 -17.82 -42.50
C ASN G 123 -1.64 -18.43 -43.90
N VAL G 124 -1.55 -19.76 -43.93
CA VAL G 124 -1.55 -20.52 -45.17
C VAL G 124 -2.73 -21.50 -45.11
N THR G 125 -3.58 -21.45 -46.12
CA THR G 125 -4.78 -22.28 -46.17
C THR G 125 -4.69 -23.24 -47.35
N GLY G 126 -5.08 -24.50 -47.12
CA GLY G 126 -5.09 -25.50 -48.17
C GLY G 126 -6.25 -26.45 -47.99
N ASP G 127 -6.62 -27.11 -49.08
CA ASP G 127 -7.74 -28.04 -49.09
C ASP G 127 -7.32 -29.33 -49.80
N ASP G 128 -8.28 -30.26 -49.92
CA ASP G 128 -8.00 -31.55 -50.52
C ASP G 128 -7.63 -31.42 -52.00
N THR G 129 -8.31 -30.54 -52.72
CA THR G 129 -8.12 -30.42 -54.16
C THR G 129 -6.78 -29.79 -54.55
N GLY G 130 -5.92 -29.48 -53.59
CA GLY G 130 -4.62 -28.93 -53.89
C GLY G 130 -4.54 -27.42 -53.97
N LYS G 131 -5.66 -26.72 -53.80
CA LYS G 131 -5.62 -25.27 -53.77
C LYS G 131 -4.83 -24.77 -52.58
N ILE G 132 -3.97 -23.77 -52.81
CA ILE G 132 -3.13 -23.19 -51.78
C ILE G 132 -3.36 -21.68 -51.77
N GLY G 133 -3.60 -21.12 -50.59
CA GLY G 133 -3.84 -19.70 -50.46
C GLY G 133 -2.95 -19.10 -49.38
N GLY G 134 -2.81 -17.77 -49.44
CA GLY G 134 -2.00 -17.04 -48.49
C GLY G 134 -2.71 -15.79 -48.01
N LEU G 135 -2.13 -15.20 -46.97
CA LEU G 135 -2.66 -13.98 -46.37
C LEU G 135 -1.61 -13.34 -45.46
N ILE G 136 -1.32 -12.07 -45.69
CA ILE G 136 -0.39 -11.30 -44.87
C ILE G 136 -1.09 -10.03 -44.42
N GLY G 137 -1.04 -9.75 -43.12
CA GLY G 137 -1.75 -8.60 -42.59
C GLY G 137 -1.00 -7.93 -41.46
N ALA G 138 -1.44 -6.72 -41.12
CA ALA G 138 -0.88 -5.94 -40.04
C ALA G 138 -1.96 -5.02 -39.49
N ASN G 139 -1.73 -4.51 -38.28
CA ASN G 139 -2.69 -3.63 -37.64
C ASN G 139 -1.97 -2.72 -36.66
N VAL G 140 -2.63 -1.62 -36.32
CA VAL G 140 -2.17 -0.68 -35.32
C VAL G 140 -3.34 -0.37 -34.39
N SER G 141 -3.01 0.06 -33.17
CA SER G 141 -4.03 0.41 -32.19
C SER G 141 -3.49 1.50 -31.27
N ILE G 142 -4.33 2.49 -30.98
CA ILE G 142 -4.01 3.56 -30.05
C ILE G 142 -5.12 3.65 -29.02
N GLY G 143 -4.74 3.67 -27.75
CA GLY G 143 -5.73 3.71 -26.68
C GLY G 143 -5.43 4.71 -25.59
N HIS G 144 -6.46 5.38 -25.09
CA HIS G 144 -6.34 6.33 -24.00
C HIS G 144 -7.24 5.89 -22.86
N THR G 145 -6.66 5.77 -21.67
CA THR G 145 -7.39 5.36 -20.48
C THR G 145 -7.21 6.39 -19.39
N LEU G 146 -8.32 6.76 -18.74
CA LEU G 146 -8.31 7.78 -17.70
C LEU G 146 -9.23 7.32 -16.57
N LYS G 147 -8.70 7.20 -15.35
CA LYS G 147 -9.47 6.72 -14.22
C LYS G 147 -9.29 7.64 -13.03
N TYR G 148 -10.33 7.73 -12.22
CA TYR G 148 -10.35 8.59 -11.05
C TYR G 148 -11.39 8.07 -10.07
N VAL G 149 -11.32 8.56 -8.84
CA VAL G 149 -12.21 8.15 -7.76
C VAL G 149 -13.13 9.30 -7.41
N GLN G 150 -14.43 9.02 -7.32
CA GLN G 150 -15.44 10.04 -7.05
C GLN G 150 -16.33 9.59 -5.90
N PRO G 151 -16.40 10.34 -4.81
CA PRO G 151 -17.24 9.93 -3.68
C PRO G 151 -18.72 10.22 -3.93
N ASP G 152 -19.56 9.62 -3.08
CA ASP G 152 -21.00 9.88 -3.16
C ASP G 152 -21.33 11.30 -2.73
N PHE G 153 -20.76 11.74 -1.61
CA PHE G 153 -20.95 13.10 -1.11
C PHE G 153 -19.61 13.80 -1.08
N LYS G 154 -19.60 15.09 -1.43
CA LYS G 154 -18.38 15.87 -1.56
C LYS G 154 -18.43 17.04 -0.59
N THR G 155 -17.50 17.08 0.36
CA THR G 155 -17.43 18.18 1.30
C THR G 155 -16.67 19.35 0.71
N ILE G 156 -17.19 20.56 0.92
CA ILE G 156 -16.62 21.77 0.36
C ILE G 156 -16.55 22.83 1.47
N LEU G 157 -15.51 23.65 1.42
CA LEU G 157 -15.33 24.77 2.34
C LEU G 157 -15.68 26.05 1.58
N GLU G 158 -16.83 26.63 1.91
CA GLU G 158 -17.24 27.89 1.30
C GLU G 158 -16.26 28.98 1.68
N SER G 159 -16.05 29.92 0.75
CA SER G 159 -15.07 31.00 0.88
C SER G 159 -15.22 31.70 2.23
N PRO G 160 -14.25 31.53 3.13
CA PRO G 160 -14.37 32.07 4.48
C PRO G 160 -13.91 33.52 4.54
N THR G 161 -14.79 34.40 4.99
CA THR G 161 -14.43 35.80 5.24
C THR G 161 -13.86 35.93 6.64
N ASP G 162 -13.64 37.16 7.09
CA ASP G 162 -13.09 37.39 8.42
C ASP G 162 -14.09 37.06 9.50
N LYS G 163 -15.38 37.26 9.25
CA LYS G 163 -16.40 37.10 10.28
C LYS G 163 -17.13 35.77 10.23
N LYS G 164 -17.30 35.18 9.05
CA LYS G 164 -18.06 33.94 8.93
C LYS G 164 -17.30 32.92 8.11
N VAL G 165 -17.38 31.66 8.53
CA VAL G 165 -16.82 30.53 7.80
C VAL G 165 -17.85 29.40 7.81
N GLY G 166 -18.01 28.74 6.68
CA GLY G 166 -19.01 27.70 6.56
C GLY G 166 -18.56 26.60 5.63
N TRP G 167 -19.02 25.38 5.92
CA TRP G 167 -18.74 24.20 5.11
C TRP G 167 -20.02 23.76 4.41
N LYS G 168 -19.88 22.73 3.57
CA LYS G 168 -20.98 22.29 2.73
C LYS G 168 -20.69 20.88 2.22
N VAL G 169 -21.69 20.02 2.26
CA VAL G 169 -21.59 18.65 1.76
C VAL G 169 -22.72 18.46 0.75
N ILE G 170 -22.36 18.12 -0.49
CA ILE G 170 -23.32 18.03 -1.58
C ILE G 170 -23.36 16.59 -2.09
N PHE G 171 -24.36 16.31 -2.92
CA PHE G 171 -24.60 14.98 -3.46
C PHE G 171 -23.94 14.90 -4.83
N ASN G 172 -22.76 14.27 -4.87
CA ASN G 172 -22.02 14.12 -6.11
C ASN G 172 -22.76 13.22 -7.10
N ASN G 173 -22.89 11.94 -6.78
CA ASN G 173 -23.61 10.97 -7.61
C ASN G 173 -23.73 9.67 -6.85
N MET G 174 -24.62 8.80 -7.32
CA MET G 174 -24.91 7.54 -6.67
C MET G 174 -25.06 6.43 -7.70
N VAL G 175 -24.72 5.20 -7.33
CA VAL G 175 -24.93 4.02 -8.24
C VAL G 175 -26.23 3.32 -7.81
N ASN G 176 -27.19 3.15 -8.73
CA ASN G 176 -28.50 2.53 -8.41
C ASN G 176 -28.47 1.04 -8.77
N GLN G 177 -28.45 0.16 -7.78
CA GLN G 177 -28.46 -1.31 -8.03
C GLN G 177 -27.47 -1.67 -9.14
N ASN G 178 -26.17 -1.39 -8.95
CA ASN G 178 -25.10 -1.78 -9.90
C ASN G 178 -25.20 -1.05 -11.26
N TRP G 179 -26.27 -0.27 -11.49
CA TRP G 179 -26.36 0.53 -12.73
C TRP G 179 -25.42 1.72 -12.64
N GLY G 180 -25.14 2.37 -13.77
CA GLY G 180 -24.16 3.48 -13.81
C GLY G 180 -24.48 4.59 -12.84
N PRO G 181 -23.49 5.41 -12.46
CA PRO G 181 -23.73 6.46 -11.47
C PRO G 181 -24.72 7.48 -12.00
N TYR G 182 -25.72 7.83 -11.20
CA TYR G 182 -26.72 8.85 -11.59
C TYR G 182 -26.59 10.08 -10.71
N ASP G 183 -27.00 11.25 -11.19
CA ASP G 183 -26.95 12.47 -10.40
C ASP G 183 -28.24 13.25 -10.64
N ARG G 184 -28.34 14.42 -10.01
CA ARG G 184 -29.57 15.19 -10.05
C ARG G 184 -29.90 15.65 -11.47
N ASP G 185 -28.89 15.92 -12.29
CA ASP G 185 -29.10 16.39 -13.65
C ASP G 185 -29.16 15.27 -14.68
N SER G 186 -29.03 14.02 -14.28
CA SER G 186 -29.12 12.91 -15.21
C SER G 186 -30.50 12.85 -15.85
N TRP G 187 -30.54 12.55 -17.14
CA TRP G 187 -31.79 12.48 -17.88
C TRP G 187 -31.72 11.38 -18.92
N ASN G 188 -32.86 10.72 -19.15
CA ASN G 188 -33.00 9.69 -20.16
C ASN G 188 -34.30 10.01 -20.89
N PRO G 189 -34.30 10.01 -22.22
CA PRO G 189 -35.54 10.35 -22.95
C PRO G 189 -36.70 9.42 -22.64
N VAL G 190 -36.43 8.14 -22.38
CA VAL G 190 -37.50 7.18 -22.12
C VAL G 190 -37.88 7.18 -20.64
N TYR G 191 -36.91 6.91 -19.77
CA TYR G 191 -37.19 6.73 -18.35
C TYR G 191 -37.02 8.00 -17.53
N GLY G 192 -36.17 8.93 -17.96
CA GLY G 192 -35.97 10.14 -17.19
C GLY G 192 -34.85 9.98 -16.16
N ASN G 193 -35.00 10.65 -15.03
CA ASN G 193 -34.02 10.53 -13.95
C ASN G 193 -34.32 9.26 -13.17
N GLN G 194 -33.49 8.23 -13.36
CA GLN G 194 -33.67 6.93 -12.71
C GLN G 194 -32.88 6.82 -11.42
N LEU G 195 -32.67 7.93 -10.72
CA LEU G 195 -31.82 7.94 -9.54
C LEU G 195 -32.36 7.03 -8.44
N PHE G 196 -33.51 7.40 -7.87
CA PHE G 196 -34.16 6.57 -6.85
C PHE G 196 -35.34 5.82 -7.46
N MET G 197 -35.03 4.89 -8.36
CA MET G 197 -36.04 4.06 -9.02
C MET G 197 -35.76 2.60 -8.73
N LYS G 198 -36.79 1.87 -8.33
CA LYS G 198 -36.64 0.45 -8.00
C LYS G 198 -36.66 -0.40 -9.28
N THR G 199 -37.76 -0.35 -10.01
CA THR G 199 -37.92 -1.11 -11.25
C THR G 199 -38.39 -0.19 -12.35
N ARG G 200 -37.85 -0.39 -13.56
CA ARG G 200 -38.18 0.49 -14.68
C ARG G 200 -39.64 0.35 -15.09
N ASN G 201 -40.13 -0.89 -15.15
CA ASN G 201 -41.51 -1.15 -15.60
C ASN G 201 -42.21 -2.12 -14.66
N GLY G 202 -42.03 -1.93 -13.35
CA GLY G 202 -42.75 -2.74 -12.39
C GLY G 202 -44.23 -2.40 -12.35
N SER G 203 -45.01 -3.37 -11.86
CA SER G 203 -46.46 -3.23 -11.78
C SER G 203 -46.93 -2.84 -10.38
N MET G 204 -46.01 -2.54 -9.47
CA MET G 204 -46.39 -2.23 -8.10
C MET G 204 -46.94 -0.80 -8.01
N LYS G 205 -47.30 -0.41 -6.79
CA LYS G 205 -47.78 0.95 -6.55
C LYS G 205 -46.63 1.95 -6.71
N ALA G 206 -47.00 3.19 -7.05
CA ALA G 206 -46.00 4.23 -7.27
C ALA G 206 -45.18 4.49 -6.01
N ALA G 207 -45.86 4.57 -4.87
CA ALA G 207 -45.15 4.79 -3.61
C ALA G 207 -44.26 3.61 -3.26
N ASP G 208 -44.67 2.39 -3.63
CA ASP G 208 -43.85 1.21 -3.35
C ASP G 208 -42.60 1.17 -4.22
N ASN G 209 -42.67 1.72 -5.43
CA ASN G 209 -41.54 1.69 -6.37
C ASN G 209 -40.58 2.81 -6.03
N PHE G 210 -39.79 2.59 -4.98
CA PHE G 210 -38.70 3.48 -4.63
C PHE G 210 -37.56 2.68 -4.03
N LEU G 211 -36.34 3.16 -4.25
CA LEU G 211 -35.15 2.45 -3.79
C LEU G 211 -35.15 2.33 -2.28
N ASP G 212 -34.81 1.14 -1.79
CA ASP G 212 -34.77 0.89 -0.36
C ASP G 212 -33.70 1.78 0.28
N PRO G 213 -34.02 2.46 1.39
CA PRO G 213 -33.00 3.33 2.01
C PRO G 213 -31.75 2.59 2.43
N ASN G 214 -31.86 1.30 2.77
CA ASN G 214 -30.67 0.51 3.06
C ASN G 214 -29.78 0.37 1.83
N LYS G 215 -30.39 0.17 0.66
CA LYS G 215 -29.61 0.05 -0.56
C LYS G 215 -28.88 1.35 -0.89
N ALA G 216 -29.53 2.49 -0.67
CA ALA G 216 -28.93 3.78 -0.95
C ALA G 216 -27.84 4.08 0.07
N SER G 217 -27.23 5.27 -0.06
CA SER G 217 -26.17 5.67 0.85
C SER G 217 -26.73 5.87 2.26
N SER G 218 -25.84 5.72 3.25
CA SER G 218 -26.23 5.87 4.65
C SER G 218 -26.63 7.29 4.97
N LEU G 219 -25.92 8.27 4.40
CA LEU G 219 -26.19 9.68 4.71
C LEU G 219 -27.56 10.12 4.26
N LEU G 220 -28.17 9.44 3.28
CA LEU G 220 -29.50 9.84 2.81
C LEU G 220 -30.56 9.64 3.89
N SER G 221 -30.50 8.51 4.60
CA SER G 221 -31.54 8.15 5.55
C SER G 221 -31.13 8.41 6.99
N SER G 222 -29.94 7.99 7.39
CA SER G 222 -29.47 8.15 8.75
C SER G 222 -28.75 9.47 9.00
N GLY G 223 -28.52 10.26 7.95
CA GLY G 223 -27.99 11.60 8.13
C GLY G 223 -26.48 11.67 8.15
N PHE G 224 -26.00 12.89 8.25
CA PHE G 224 -24.57 13.21 8.19
C PHE G 224 -24.15 13.88 9.49
N SER G 225 -23.09 13.37 10.11
CA SER G 225 -22.55 13.92 11.35
C SER G 225 -21.24 14.64 11.06
N PRO G 226 -21.21 15.97 11.11
CA PRO G 226 -19.99 16.70 10.73
C PRO G 226 -18.92 16.64 11.82
N ASP G 227 -17.70 17.01 11.41
CA ASP G 227 -16.59 17.20 12.35
C ASP G 227 -15.72 18.30 11.75
N PHE G 228 -15.99 19.54 12.15
CA PHE G 228 -15.35 20.73 11.60
C PHE G 228 -14.78 21.57 12.73
N ALA G 229 -13.59 22.11 12.53
CA ALA G 229 -12.87 22.85 13.56
C ALA G 229 -12.56 24.26 13.09
N THR G 230 -12.79 25.24 13.95
CA THR G 230 -12.48 26.63 13.67
C THR G 230 -11.98 27.31 14.94
N VAL G 231 -11.05 28.24 14.77
CA VAL G 231 -10.40 28.92 15.89
C VAL G 231 -10.63 30.42 15.77
N ILE G 232 -11.04 31.04 16.86
CA ILE G 232 -11.33 32.47 16.92
C ILE G 232 -10.30 33.12 17.82
N THR G 233 -9.66 34.19 17.33
CA THR G 233 -8.62 34.89 18.07
C THR G 233 -9.09 36.29 18.43
N MET G 234 -8.87 36.67 19.68
CA MET G 234 -9.30 37.96 20.20
C MET G 234 -8.10 38.65 20.83
N ASP G 235 -7.92 39.93 20.52
CA ASP G 235 -6.83 40.70 21.11
C ASP G 235 -7.01 40.78 22.62
N ARG G 236 -5.91 40.60 23.35
CA ARG G 236 -5.97 40.54 24.81
C ARG G 236 -6.05 41.91 25.46
N LYS G 237 -5.96 43.00 24.69
CA LYS G 237 -6.11 44.34 25.21
C LYS G 237 -7.45 44.97 24.86
N ALA G 238 -8.39 44.19 24.35
CA ALA G 238 -9.69 44.73 23.95
C ALA G 238 -10.46 45.24 25.16
N SER G 239 -11.25 46.29 24.93
CA SER G 239 -12.07 46.85 26.01
C SER G 239 -13.16 45.88 26.45
N LYS G 240 -13.86 45.28 25.50
CA LYS G 240 -14.93 44.35 25.79
C LYS G 240 -14.44 42.91 25.59
N GLN G 241 -14.64 42.08 26.61
CA GLN G 241 -14.17 40.71 26.60
C GLN G 241 -15.29 39.69 26.39
N GLN G 242 -16.41 40.13 25.82
CA GLN G 242 -17.55 39.25 25.56
C GLN G 242 -17.86 39.24 24.08
N THR G 243 -18.14 38.04 23.55
CA THR G 243 -18.35 37.84 22.12
C THR G 243 -19.57 36.95 21.92
N ASN G 244 -20.25 37.15 20.79
CA ASN G 244 -21.41 36.36 20.41
C ASN G 244 -21.14 35.65 19.10
N ILE G 245 -21.57 34.39 19.00
CA ILE G 245 -21.42 33.59 17.79
C ILE G 245 -22.78 33.04 17.41
N ASP G 246 -22.96 32.75 16.13
CA ASP G 246 -24.16 32.09 15.62
C ASP G 246 -23.74 30.83 14.88
N VAL G 247 -24.45 29.73 15.14
CA VAL G 247 -24.17 28.45 14.51
C VAL G 247 -25.42 28.00 13.78
N ILE G 248 -25.28 27.70 12.50
CA ILE G 248 -26.41 27.27 11.66
C ILE G 248 -26.13 25.86 11.17
N TYR G 249 -27.19 25.07 11.03
CA TYR G 249 -27.11 23.66 10.67
C TYR G 249 -28.09 23.34 9.55
N GLU G 250 -28.13 24.18 8.52
CA GLU G 250 -29.17 24.06 7.50
C GLU G 250 -29.00 22.80 6.66
N ARG G 251 -30.14 22.27 6.20
CA ARG G 251 -30.21 21.07 5.37
C ARG G 251 -31.18 21.31 4.22
N VAL G 252 -30.77 20.90 3.01
CA VAL G 252 -31.52 21.15 1.80
C VAL G 252 -32.03 19.82 1.25
N ARG G 253 -33.33 19.77 0.94
CA ARG G 253 -33.97 18.58 0.42
C ARG G 253 -34.49 18.81 -0.99
N ASP G 254 -34.55 17.76 -1.79
CA ASP G 254 -35.04 17.80 -3.15
C ASP G 254 -36.27 16.93 -3.29
N ASP G 255 -37.05 17.19 -4.34
CA ASP G 255 -38.29 16.48 -4.62
C ASP G 255 -38.07 15.55 -5.81
N TYR G 256 -38.12 14.25 -5.56
CA TYR G 256 -38.01 13.25 -6.61
C TYR G 256 -39.35 12.55 -6.77
N GLN G 257 -39.92 12.66 -7.97
CA GLN G 257 -41.22 12.07 -8.27
C GLN G 257 -41.10 11.19 -9.50
N LEU G 258 -41.67 9.99 -9.44
CA LEU G 258 -41.79 9.14 -10.61
C LEU G 258 -43.25 9.01 -11.02
N HIS G 259 -43.48 8.94 -12.33
CA HIS G 259 -44.81 8.94 -12.92
C HIS G 259 -44.94 7.79 -13.90
N TRP G 260 -46.08 7.11 -13.85
CA TRP G 260 -46.38 6.00 -14.76
C TRP G 260 -47.06 6.58 -16.00
N THR G 261 -46.31 6.67 -17.10
CA THR G 261 -46.84 7.36 -18.27
C THR G 261 -47.78 6.47 -19.08
N SER G 262 -47.24 5.43 -19.71
CA SER G 262 -48.10 4.42 -20.32
C SER G 262 -47.65 3.00 -20.02
N THR G 263 -46.35 2.73 -20.03
CA THR G 263 -45.84 1.37 -19.88
C THR G 263 -44.74 1.29 -18.83
N ASN G 264 -43.93 2.34 -18.73
CA ASN G 264 -42.78 2.37 -17.86
C ASN G 264 -42.84 3.55 -16.91
N TRP G 265 -42.11 3.46 -15.81
CA TRP G 265 -42.01 4.55 -14.85
C TRP G 265 -41.07 5.63 -15.38
N LYS G 266 -41.47 6.88 -15.18
CA LYS G 266 -40.66 8.03 -15.57
C LYS G 266 -40.41 8.89 -14.34
N GLY G 267 -39.15 9.19 -14.08
CA GLY G 267 -38.73 9.89 -12.86
C GLY G 267 -38.26 11.30 -13.17
N THR G 268 -38.66 12.23 -12.31
CA THR G 268 -38.31 13.64 -12.44
C THR G 268 -37.83 14.17 -11.10
N ASN G 269 -36.81 15.02 -11.12
CA ASN G 269 -36.21 15.57 -9.92
C ASN G 269 -36.31 17.09 -9.95
N THR G 270 -36.66 17.68 -8.80
CA THR G 270 -36.79 19.12 -8.63
C THR G 270 -35.84 19.55 -7.52
N LYS G 271 -34.68 20.10 -7.90
CA LYS G 271 -33.64 20.39 -6.93
C LYS G 271 -34.00 21.60 -6.07
N ASP G 272 -33.50 21.58 -4.83
CA ASP G 272 -33.67 22.68 -3.87
C ASP G 272 -35.14 23.01 -3.64
N LYS G 273 -35.87 22.04 -3.11
CA LYS G 273 -37.30 22.20 -2.87
C LYS G 273 -37.57 22.76 -1.48
N TRP G 274 -36.89 22.23 -0.46
CA TRP G 274 -37.05 22.68 0.92
C TRP G 274 -35.69 22.90 1.56
N THR G 275 -35.67 23.79 2.55
CA THR G 275 -34.49 24.03 3.38
C THR G 275 -34.93 24.15 4.84
N ASP G 276 -34.26 23.41 5.72
CA ASP G 276 -34.51 23.48 7.15
C ASP G 276 -33.31 24.10 7.83
N ARG G 277 -33.54 25.19 8.56
CA ARG G 277 -32.45 25.93 9.22
C ARG G 277 -32.64 25.92 10.72
N SER G 278 -31.53 25.73 11.44
CA SER G 278 -31.52 25.74 12.90
C SER G 278 -30.33 26.58 13.35
N SER G 279 -30.60 27.82 13.74
CA SER G 279 -29.57 28.75 14.19
C SER G 279 -29.68 28.97 15.69
N GLU G 280 -28.54 28.88 16.38
CA GLU G 280 -28.48 29.17 17.81
C GLU G 280 -27.32 30.11 18.08
N ARG G 281 -27.53 31.04 19.01
CA ARG G 281 -26.54 32.06 19.34
C ARG G 281 -25.87 31.74 20.67
N TYR G 282 -24.54 31.69 20.66
CA TYR G 282 -23.75 31.45 21.86
C TYR G 282 -23.06 32.74 22.29
N LYS G 283 -22.70 32.80 23.56
CA LYS G 283 -22.00 33.93 24.14
C LYS G 283 -20.65 33.47 24.67
N ILE G 284 -19.59 34.23 24.37
CA ILE G 284 -18.24 33.92 24.78
C ILE G 284 -17.83 34.90 25.86
N ASP G 285 -17.25 34.37 26.95
CA ASP G 285 -16.71 35.19 28.03
C ASP G 285 -15.21 34.91 28.10
N TRP G 286 -14.43 35.75 27.44
CA TRP G 286 -12.98 35.53 27.38
C TRP G 286 -12.35 35.65 28.76
N GLU G 287 -12.81 36.59 29.58
CA GLU G 287 -12.23 36.79 30.89
C GLU G 287 -12.42 35.57 31.78
N LYS G 288 -13.62 35.00 31.78
CA LYS G 288 -13.91 33.82 32.58
C LYS G 288 -13.60 32.51 31.84
N GLU G 289 -13.31 32.57 30.54
CA GLU G 289 -13.02 31.39 29.73
C GLU G 289 -14.15 30.36 29.80
N GLU G 290 -15.32 30.79 29.33
CA GLU G 290 -16.48 29.90 29.26
C GLU G 290 -17.45 30.42 28.22
N MET G 291 -17.98 29.51 27.41
CA MET G 291 -19.00 29.81 26.42
C MET G 291 -20.30 29.12 26.84
N THR G 292 -21.36 29.90 27.03
CA THR G 292 -22.60 29.37 27.58
C THR G 292 -23.80 29.90 26.83
N ASN G 293 -24.67 28.98 26.40
CA ASN G 293 -26.01 29.30 25.90
C ASN G 293 -26.76 28.01 25.56
P1 PC H . -20.31 -12.86 -11.27
O1 PC H . -21.68 -12.42 -11.75
O3 PC H . -19.21 -12.02 -11.86
O4 PC H . -20.22 -12.99 -9.77
O2 PC H . -20.10 -14.35 -11.85
C1 PC H . -20.99 -15.40 -11.42
C2 PC H . -22.05 -15.64 -12.46
N1 PC H . -23.46 -15.90 -11.95
C3 PC H . -23.45 -16.95 -10.92
C4 PC H . -24.31 -16.34 -13.07
C5 PC H . -24.03 -14.65 -11.37
P1 PC I . -8.77 -22.08 -11.86
O1 PC I . -10.13 -22.73 -11.95
O3 PC I . -8.80 -20.61 -12.28
O4 PC I . -8.10 -22.28 -10.52
O2 PC I . -7.85 -22.82 -12.94
C1 PC I . -7.57 -24.24 -12.77
C2 PC I . -8.48 -25.04 -13.66
N1 PC I . -9.06 -26.31 -13.07
C3 PC I . -7.98 -27.14 -12.47
C4 PC I . -9.73 -27.09 -14.14
C5 PC I . -10.06 -25.99 -12.02
P1 PC J . 4.72 -19.57 -17.30
O1 PC J . 4.24 -21.00 -17.41
O3 PC J . 3.59 -18.58 -17.19
O4 PC J . 5.78 -19.38 -16.24
O2 PC J . 5.45 -19.24 -18.70
C1 PC J . 6.63 -20.01 -19.07
C2 PC J . 6.26 -21.10 -20.04
N1 PC J . 6.93 -22.44 -19.84
C3 PC J . 8.40 -22.28 -19.73
C4 PC J . 6.64 -23.31 -21.00
C5 PC J . 6.43 -23.09 -18.61
P1 PC K . 10.03 -7.25 -23.48
O1 PC K . 10.63 -8.55 -24.01
O3 PC K . 8.66 -7.45 -22.87
O4 PC K . 10.98 -6.48 -22.58
O2 PC K . 9.79 -6.32 -24.78
C1 PC K . 10.94 -5.89 -25.55
C2 PC K . 11.08 -6.78 -26.77
N1 PC K . 12.49 -7.20 -27.15
C3 PC K . 13.38 -6.01 -27.21
C4 PC K . 12.47 -7.84 -28.49
C5 PC K . 13.02 -8.16 -26.17
P1 PC L . 3.13 5.62 -25.75
O1 PC L . 4.20 5.27 -26.77
O3 PC L . 2.58 4.40 -25.05
O4 PC L . 3.56 6.70 -24.79
O2 PC L . 1.90 6.22 -26.60
C1 PC L . 2.11 7.46 -27.34
C2 PC L . 2.35 7.13 -28.80
N1 PC L . 3.42 7.94 -29.50
C3 PC L . 3.20 9.39 -29.28
C4 PC L . 3.37 7.67 -30.96
C5 PC L . 4.77 7.57 -29.00
P1 PC M . -10.76 9.33 -22.40
O1 PC M . -10.18 10.02 -23.62
O3 PC M . -10.07 8.02 -22.08
O4 PC M . -10.87 10.24 -21.20
O2 PC M . -12.27 8.93 -22.79
C1 PC M . -13.22 9.99 -23.09
C2 PC M . -13.35 10.14 -24.58
N1 PC M . -13.44 11.56 -25.11
C3 PC M . -14.48 12.34 -24.37
C4 PC M . -13.81 11.53 -26.55
C5 PC M . -12.14 12.25 -24.98
P1 PC N . -21.19 1.12 -15.97
O1 PC N . -21.70 2.15 -16.95
O3 PC N . -19.75 0.72 -16.22
O4 PC N . -21.44 1.49 -14.52
O2 PC N . -22.05 -0.21 -16.24
C1 PC N . -23.49 -0.18 -16.01
C2 PC N . -24.20 0.02 -17.32
N1 PC N . -25.40 0.97 -17.31
C3 PC N . -26.33 0.62 -16.21
C4 PC N . -26.12 0.85 -18.60
C5 PC N . -24.94 2.37 -17.15
#